data_2CQL
#
_entry.id   2CQL
#
_cell.length_a   1.000
_cell.length_b   1.000
_cell.length_c   1.000
_cell.angle_alpha   90.00
_cell.angle_beta   90.00
_cell.angle_gamma   90.00
#
_symmetry.space_group_name_H-M   'P 1'
#
_entity_poly.entity_id   1
_entity_poly.type   'polypeptide(L)'
_entity_poly.pdbx_seq_one_letter_code
;GSSGSSGMKTILSNQTVDIPENVDITLKGRTVIVKGPRGTLRRDFNHINVELSLLGKKKKRLRVDKWWGNRKELATVRTI
CSHVQNMIKGVTLGSGPSSG
;
_entity_poly.pdbx_strand_id   A
#
# COMPACT_ATOMS: atom_id res chain seq x y z
N GLY A 1 -17.06 -5.47 -25.95
CA GLY A 1 -15.77 -5.52 -25.29
C GLY A 1 -15.30 -4.16 -24.83
N SER A 2 -14.44 -3.53 -25.63
CA SER A 2 -13.90 -2.22 -25.29
C SER A 2 -14.98 -1.34 -24.66
N SER A 3 -14.56 -0.45 -23.76
CA SER A 3 -15.49 0.44 -23.08
C SER A 3 -14.77 1.71 -22.61
N GLY A 4 -15.36 2.86 -22.91
CA GLY A 4 -14.77 4.12 -22.50
C GLY A 4 -15.65 5.31 -22.82
N SER A 5 -15.77 6.23 -21.86
CA SER A 5 -16.59 7.42 -22.06
C SER A 5 -16.10 8.56 -21.18
N SER A 6 -15.95 9.74 -21.78
CA SER A 6 -15.49 10.91 -21.06
C SER A 6 -16.44 11.28 -19.93
N GLY A 7 -15.88 11.57 -18.77
CA GLY A 7 -16.70 11.94 -17.62
C GLY A 7 -16.05 11.55 -16.31
N MET A 8 -16.87 11.24 -15.31
CA MET A 8 -16.37 10.86 -14.00
C MET A 8 -17.38 9.97 -13.27
N LYS A 9 -16.89 8.86 -12.73
CA LYS A 9 -17.75 7.92 -12.01
C LYS A 9 -17.02 7.33 -10.79
N THR A 10 -17.65 7.40 -9.63
CA THR A 10 -17.06 6.88 -8.41
C THR A 10 -16.96 5.36 -8.45
N ILE A 11 -15.93 4.87 -9.13
CA ILE A 11 -15.71 3.43 -9.25
C ILE A 11 -15.10 2.86 -7.98
N LEU A 12 -15.93 2.34 -7.09
CA LEU A 12 -15.48 1.76 -5.84
C LEU A 12 -14.58 0.55 -6.10
N SER A 13 -13.28 0.73 -5.87
CA SER A 13 -12.31 -0.34 -6.08
C SER A 13 -11.07 -0.13 -5.21
N ASN A 14 -10.96 -0.92 -4.14
CA ASN A 14 -9.83 -0.83 -3.23
C ASN A 14 -8.85 -1.98 -3.46
N GLN A 15 -7.62 -1.79 -3.02
CA GLN A 15 -6.59 -2.82 -3.17
C GLN A 15 -6.27 -3.47 -1.83
N THR A 16 -5.90 -4.75 -1.87
CA THR A 16 -5.58 -5.49 -0.66
C THR A 16 -4.13 -5.98 -0.69
N VAL A 17 -3.43 -5.83 0.44
CA VAL A 17 -2.04 -6.27 0.53
C VAL A 17 -1.91 -7.44 1.49
N ASP A 18 -1.02 -8.38 1.16
CA ASP A 18 -0.79 -9.55 1.99
C ASP A 18 0.59 -9.48 2.64
N ILE A 19 0.67 -9.97 3.88
CA ILE A 19 1.92 -9.97 4.62
C ILE A 19 2.18 -11.33 5.27
N PRO A 20 3.44 -11.78 5.21
CA PRO A 20 3.85 -13.06 5.80
C PRO A 20 3.81 -13.04 7.33
N GLU A 21 4.45 -14.04 7.94
CA GLU A 21 4.49 -14.13 9.39
C GLU A 21 5.88 -13.76 9.91
N ASN A 22 6.87 -13.84 9.04
CA ASN A 22 8.24 -13.52 9.40
C ASN A 22 8.50 -12.01 9.34
N VAL A 23 7.42 -11.25 9.15
CA VAL A 23 7.51 -9.80 9.06
C VAL A 23 6.43 -9.13 9.90
N ASP A 24 6.81 -8.08 10.61
CA ASP A 24 5.87 -7.34 11.46
C ASP A 24 5.65 -5.92 10.93
N ILE A 25 4.40 -5.57 10.71
CA ILE A 25 4.06 -4.25 10.20
C ILE A 25 3.12 -3.52 11.15
N THR A 26 3.48 -2.29 11.51
CA THR A 26 2.67 -1.49 12.41
C THR A 26 2.00 -0.32 11.68
N LEU A 27 0.69 -0.25 11.79
CA LEU A 27 -0.07 0.82 11.12
C LEU A 27 -0.45 1.91 12.13
N LYS A 28 -0.04 3.14 11.83
CA LYS A 28 -0.33 4.27 12.69
C LYS A 28 -0.89 5.44 11.88
N GLY A 29 -2.21 5.62 11.93
CA GLY A 29 -2.84 6.70 11.20
C GLY A 29 -2.64 6.58 9.70
N ARG A 30 -1.71 7.36 9.16
CA ARG A 30 -1.44 7.34 7.73
C ARG A 30 0.01 6.95 7.46
N THR A 31 0.64 6.31 8.46
CA THR A 31 2.02 5.88 8.32
C THR A 31 2.13 4.36 8.37
N VAL A 32 2.83 3.79 7.39
CA VAL A 32 3.00 2.35 7.33
C VAL A 32 4.42 1.95 7.74
N ILE A 33 4.53 1.21 8.83
CA ILE A 33 5.83 0.75 9.33
C ILE A 33 6.03 -0.73 9.07
N VAL A 34 7.18 -1.08 8.51
CA VAL A 34 7.50 -2.47 8.21
C VAL A 34 8.77 -2.91 8.93
N LYS A 35 8.72 -4.07 9.58
CA LYS A 35 9.87 -4.60 10.30
C LYS A 35 10.22 -6.00 9.80
N GLY A 36 11.49 -6.18 9.46
CA GLY A 36 11.94 -7.47 8.98
C GLY A 36 13.25 -7.91 9.61
N PRO A 37 13.57 -9.21 9.48
CA PRO A 37 14.80 -9.78 10.05
C PRO A 37 16.05 -9.30 9.32
N ARG A 38 15.85 -8.42 8.34
CA ARG A 38 16.97 -7.89 7.56
C ARG A 38 17.06 -6.38 7.73
N GLY A 39 16.05 -5.79 8.36
CA GLY A 39 16.04 -4.35 8.56
C GLY A 39 14.65 -3.81 8.83
N THR A 40 14.56 -2.51 9.09
CA THR A 40 13.28 -1.87 9.35
C THR A 40 13.05 -0.69 8.42
N LEU A 41 11.93 -0.72 7.71
CA LEU A 41 11.59 0.35 6.78
C LEU A 41 10.17 0.84 7.02
N ARG A 42 10.00 2.16 7.01
CA ARG A 42 8.68 2.76 7.22
C ARG A 42 8.42 3.88 6.21
N ARG A 43 7.15 4.14 5.95
CA ARG A 43 6.77 5.18 4.99
C ARG A 43 5.60 6.00 5.53
N ASP A 44 5.62 7.31 5.25
CA ASP A 44 4.57 8.20 5.70
C ASP A 44 3.80 8.78 4.53
N PHE A 45 2.48 8.62 4.55
CA PHE A 45 1.62 9.13 3.49
C PHE A 45 0.66 10.18 4.01
N ASN A 46 1.15 11.04 4.91
CA ASN A 46 0.34 12.09 5.48
C ASN A 46 0.11 13.21 4.47
N HIS A 47 1.19 13.82 4.01
CA HIS A 47 1.11 14.90 3.03
C HIS A 47 0.01 14.63 2.02
N ILE A 48 -0.29 13.35 1.80
CA ILE A 48 -1.32 12.95 0.84
C ILE A 48 -2.59 12.50 1.56
N ASN A 49 -3.73 13.02 1.11
CA ASN A 49 -5.01 12.66 1.71
C ASN A 49 -5.66 11.50 0.96
N VAL A 50 -5.60 10.31 1.56
CA VAL A 50 -6.20 9.13 0.95
C VAL A 50 -6.98 8.32 1.97
N GLU A 51 -7.49 7.17 1.54
CA GLU A 51 -8.27 6.30 2.41
C GLU A 51 -7.56 4.97 2.63
N LEU A 52 -7.57 4.48 3.87
CA LEU A 52 -6.93 3.23 4.21
C LEU A 52 -7.76 2.44 5.22
N SER A 53 -7.54 1.13 5.28
CA SER A 53 -8.28 0.27 6.20
C SER A 53 -7.43 -0.93 6.60
N LEU A 54 -7.63 -1.39 7.84
CA LEU A 54 -6.89 -2.54 8.35
C LEU A 54 -7.71 -3.82 8.20
N LEU A 55 -7.12 -4.81 7.53
CA LEU A 55 -7.79 -6.10 7.33
C LEU A 55 -6.94 -7.24 7.86
N GLY A 56 -7.60 -8.20 8.52
CA GLY A 56 -6.89 -9.34 9.06
C GLY A 56 -7.77 -10.57 9.17
N LYS A 57 -8.50 -10.87 8.10
CA LYS A 57 -9.38 -12.03 8.08
C LYS A 57 -8.60 -13.32 8.34
N LYS A 58 -7.42 -13.41 7.74
CA LYS A 58 -6.57 -14.59 7.91
C LYS A 58 -5.17 -14.19 8.35
N LYS A 59 -4.62 -13.17 7.70
CA LYS A 59 -3.28 -12.69 8.02
C LYS A 59 -3.22 -11.17 7.98
N LYS A 60 -2.16 -10.60 8.54
CA LYS A 60 -1.98 -9.16 8.56
C LYS A 60 -2.03 -8.58 7.15
N ARG A 61 -3.21 -8.13 6.74
CA ARG A 61 -3.40 -7.56 5.41
C ARG A 61 -3.71 -6.07 5.50
N LEU A 62 -3.22 -5.31 4.52
CA LEU A 62 -3.44 -3.87 4.50
C LEU A 62 -4.29 -3.47 3.30
N ARG A 63 -5.30 -2.64 3.53
CA ARG A 63 -6.19 -2.18 2.47
C ARG A 63 -5.86 -0.74 2.07
N VAL A 64 -5.49 -0.55 0.82
CA VAL A 64 -5.15 0.78 0.32
C VAL A 64 -6.30 1.35 -0.51
N ASP A 65 -6.73 2.55 -0.15
CA ASP A 65 -7.82 3.21 -0.86
C ASP A 65 -7.46 4.66 -1.19
N LYS A 66 -8.04 5.19 -2.26
CA LYS A 66 -7.78 6.56 -2.69
C LYS A 66 -9.04 7.20 -3.25
N TRP A 67 -8.98 8.51 -3.47
CA TRP A 67 -10.11 9.25 -4.01
C TRP A 67 -10.84 8.44 -5.08
N TRP A 68 -11.95 7.82 -4.71
CA TRP A 68 -12.73 7.01 -5.64
C TRP A 68 -13.26 7.87 -6.79
N GLY A 69 -12.83 7.53 -8.01
CA GLY A 69 -13.28 8.28 -9.17
C GLY A 69 -12.74 7.71 -10.47
N ASN A 70 -11.79 8.43 -11.07
CA ASN A 70 -11.19 7.99 -12.32
C ASN A 70 -10.30 6.76 -12.11
N ARG A 71 -9.61 6.34 -13.16
CA ARG A 71 -8.72 5.19 -13.08
C ARG A 71 -7.37 5.59 -12.51
N LYS A 72 -7.33 6.73 -11.82
CA LYS A 72 -6.10 7.22 -11.22
C LYS A 72 -5.61 6.27 -10.13
N GLU A 73 -6.56 5.61 -9.46
CA GLU A 73 -6.22 4.66 -8.39
C GLU A 73 -5.28 3.58 -8.91
N LEU A 74 -5.32 3.35 -10.21
CA LEU A 74 -4.48 2.33 -10.84
C LEU A 74 -2.99 2.68 -10.67
N ALA A 75 -2.64 3.90 -11.01
CA ALA A 75 -1.26 4.36 -10.90
C ALA A 75 -0.87 4.57 -9.44
N THR A 76 -1.80 5.11 -8.65
CA THR A 76 -1.55 5.36 -7.24
C THR A 76 -1.40 4.05 -6.46
N VAL A 77 -2.22 3.07 -6.82
CA VAL A 77 -2.19 1.77 -6.16
C VAL A 77 -0.89 1.03 -6.48
N ARG A 78 -0.47 1.07 -7.74
CA ARG A 78 0.75 0.41 -8.17
C ARG A 78 1.96 1.02 -7.48
N THR A 79 1.95 2.34 -7.30
CA THR A 79 3.06 3.03 -6.67
C THR A 79 3.10 2.75 -5.17
N ILE A 80 1.96 2.91 -4.51
CA ILE A 80 1.86 2.67 -3.08
C ILE A 80 2.11 1.19 -2.75
N CYS A 81 1.45 0.31 -3.50
CA CYS A 81 1.59 -1.12 -3.30
C CYS A 81 3.04 -1.56 -3.48
N SER A 82 3.67 -1.04 -4.54
CA SER A 82 5.05 -1.38 -4.83
C SER A 82 5.98 -0.99 -3.68
N HIS A 83 5.70 0.18 -3.09
CA HIS A 83 6.49 0.68 -1.99
C HIS A 83 6.44 -0.28 -0.80
N VAL A 84 5.23 -0.69 -0.43
CA VAL A 84 5.04 -1.60 0.69
C VAL A 84 5.66 -2.96 0.39
N GLN A 85 5.37 -3.50 -0.80
CA GLN A 85 5.89 -4.79 -1.21
C GLN A 85 7.41 -4.76 -1.27
N ASN A 86 7.96 -3.68 -1.80
CA ASN A 86 9.41 -3.54 -1.92
C ASN A 86 10.07 -3.49 -0.55
N MET A 87 9.38 -2.88 0.42
CA MET A 87 9.90 -2.77 1.77
C MET A 87 10.01 -4.15 2.43
N ILE A 88 8.97 -4.96 2.27
CA ILE A 88 8.95 -6.31 2.85
C ILE A 88 10.07 -7.16 2.27
N LYS A 89 10.20 -7.15 0.95
CA LYS A 89 11.23 -7.92 0.27
C LYS A 89 12.62 -7.45 0.69
N GLY A 90 12.75 -6.15 0.93
CA GLY A 90 14.03 -5.59 1.33
C GLY A 90 14.39 -5.94 2.76
N VAL A 91 13.38 -6.00 3.63
CA VAL A 91 13.59 -6.34 5.03
C VAL A 91 13.60 -7.84 5.25
N THR A 92 13.21 -8.59 4.22
CA THR A 92 13.16 -10.04 4.30
C THR A 92 14.22 -10.67 3.41
N LEU A 93 14.74 -9.91 2.46
CA LEU A 93 15.77 -10.39 1.54
C LEU A 93 17.04 -9.58 1.69
N GLY A 94 16.90 -8.25 1.74
CA GLY A 94 18.05 -7.39 1.88
C GLY A 94 17.86 -6.05 1.18
N SER A 95 17.85 -6.07 -0.14
CA SER A 95 17.67 -4.85 -0.92
C SER A 95 16.73 -5.08 -2.09
N GLY A 96 16.35 -4.00 -2.77
CA GLY A 96 15.46 -4.12 -3.91
C GLY A 96 16.11 -3.69 -5.20
N PRO A 97 15.29 -3.27 -6.18
CA PRO A 97 15.77 -2.83 -7.49
C PRO A 97 16.50 -1.50 -7.42
N SER A 98 16.31 -0.79 -6.31
CA SER A 98 16.96 0.51 -6.13
C SER A 98 18.43 0.45 -6.53
N SER A 99 18.78 1.21 -7.55
CA SER A 99 20.17 1.25 -8.04
C SER A 99 20.92 2.42 -7.44
N GLY A 100 22.23 2.25 -7.28
CA GLY A 100 23.05 3.31 -6.72
C GLY A 100 22.49 3.86 -5.41
N GLY A 1 -11.56 9.56 -24.78
CA GLY A 1 -10.46 10.26 -24.14
C GLY A 1 -10.72 11.74 -24.01
N SER A 2 -11.87 12.10 -23.42
CA SER A 2 -12.23 13.50 -23.24
C SER A 2 -11.75 14.00 -21.87
N SER A 3 -11.95 15.30 -21.63
CA SER A 3 -11.54 15.91 -20.37
C SER A 3 -11.96 15.05 -19.19
N GLY A 4 -11.38 15.34 -18.02
CA GLY A 4 -11.70 14.57 -16.83
C GLY A 4 -12.58 15.35 -15.87
N SER A 5 -13.88 15.10 -15.93
CA SER A 5 -14.83 15.78 -15.07
C SER A 5 -14.96 15.06 -13.73
N SER A 6 -15.77 15.62 -12.83
CA SER A 6 -15.98 15.04 -11.52
C SER A 6 -16.47 13.60 -11.64
N GLY A 7 -16.42 12.87 -10.53
CA GLY A 7 -16.86 11.49 -10.53
C GLY A 7 -18.21 11.31 -9.85
N MET A 8 -19.27 11.64 -10.56
CA MET A 8 -20.62 11.51 -10.03
C MET A 8 -20.76 10.24 -9.20
N LYS A 9 -20.19 9.15 -9.71
CA LYS A 9 -20.25 7.86 -9.01
C LYS A 9 -19.01 7.66 -8.14
N THR A 10 -19.22 7.17 -6.93
CA THR A 10 -18.12 6.92 -6.00
C THR A 10 -17.81 5.43 -5.89
N ILE A 11 -18.74 4.61 -6.37
CA ILE A 11 -18.56 3.15 -6.33
C ILE A 11 -17.24 2.75 -6.98
N LEU A 12 -16.45 1.97 -6.24
CA LEU A 12 -15.16 1.51 -6.74
C LEU A 12 -14.60 0.40 -5.85
N SER A 13 -13.47 -0.17 -6.26
CA SER A 13 -12.83 -1.23 -5.51
C SER A 13 -11.44 -0.82 -5.04
N ASN A 14 -11.07 -1.25 -3.85
CA ASN A 14 -9.77 -0.91 -3.27
C ASN A 14 -8.81 -2.10 -3.39
N GLN A 15 -7.51 -1.83 -3.22
CA GLN A 15 -6.50 -2.87 -3.32
C GLN A 15 -6.10 -3.36 -1.94
N THR A 16 -5.79 -4.65 -1.84
CA THR A 16 -5.40 -5.26 -0.57
C THR A 16 -3.97 -5.79 -0.63
N VAL A 17 -3.28 -5.77 0.50
CA VAL A 17 -1.91 -6.26 0.57
C VAL A 17 -1.81 -7.46 1.52
N ASP A 18 -0.88 -8.37 1.20
CA ASP A 18 -0.68 -9.55 2.02
C ASP A 18 0.64 -9.48 2.77
N ILE A 19 0.65 -9.98 4.00
CA ILE A 19 1.85 -9.96 4.83
C ILE A 19 2.16 -11.35 5.37
N PRO A 20 3.45 -11.73 5.36
CA PRO A 20 3.90 -13.03 5.86
C PRO A 20 3.77 -13.14 7.39
N GLU A 21 4.44 -14.15 7.96
CA GLU A 21 4.40 -14.36 9.39
C GLU A 21 5.76 -14.05 10.02
N ASN A 22 6.79 -13.97 9.19
CA ASN A 22 8.13 -13.68 9.67
C ASN A 22 8.42 -12.18 9.60
N VAL A 23 7.37 -11.40 9.35
CA VAL A 23 7.51 -9.94 9.26
C VAL A 23 6.45 -9.25 10.10
N ASP A 24 6.85 -8.15 10.74
CA ASP A 24 5.92 -7.38 11.57
C ASP A 24 5.69 -5.99 10.98
N ILE A 25 4.42 -5.65 10.77
CA ILE A 25 4.06 -4.35 10.22
C ILE A 25 3.17 -3.57 11.17
N THR A 26 3.53 -2.32 11.44
CA THR A 26 2.75 -1.48 12.33
C THR A 26 2.10 -0.33 11.57
N LEU A 27 0.84 -0.07 11.87
CA LEU A 27 0.10 1.02 11.22
C LEU A 27 -0.24 2.12 12.21
N LYS A 28 0.21 3.33 11.91
CA LYS A 28 -0.05 4.48 12.78
C LYS A 28 -0.64 5.64 11.98
N GLY A 29 -1.96 5.77 12.02
CA GLY A 29 -2.62 6.84 11.29
C GLY A 29 -2.44 6.73 9.80
N ARG A 30 -1.54 7.55 9.25
CA ARG A 30 -1.28 7.53 7.82
C ARG A 30 0.17 7.12 7.53
N THR A 31 0.78 6.43 8.49
CA THR A 31 2.15 5.97 8.34
C THR A 31 2.24 4.46 8.43
N VAL A 32 2.90 3.85 7.45
CA VAL A 32 3.06 2.40 7.41
C VAL A 32 4.48 1.99 7.81
N ILE A 33 4.59 1.24 8.89
CA ILE A 33 5.89 0.78 9.36
C ILE A 33 6.07 -0.72 9.12
N VAL A 34 7.22 -1.09 8.56
CA VAL A 34 7.51 -2.48 8.27
C VAL A 34 8.79 -2.92 8.97
N LYS A 35 8.73 -4.09 9.62
CA LYS A 35 9.88 -4.62 10.33
C LYS A 35 10.25 -6.01 9.81
N GLY A 36 11.53 -6.23 9.53
CA GLY A 36 11.98 -7.51 9.04
C GLY A 36 13.28 -7.95 9.67
N PRO A 37 13.60 -9.26 9.53
CA PRO A 37 14.82 -9.83 10.10
C PRO A 37 16.07 -9.35 9.37
N ARG A 38 15.89 -8.46 8.41
CA ARG A 38 17.00 -7.91 7.64
C ARG A 38 17.07 -6.40 7.79
N GLY A 39 16.05 -5.82 8.41
CA GLY A 39 16.02 -4.38 8.61
C GLY A 39 14.61 -3.86 8.82
N THR A 40 14.50 -2.55 9.07
CA THR A 40 13.21 -1.93 9.29
C THR A 40 12.99 -0.77 8.33
N LEU A 41 11.84 -0.76 7.66
CA LEU A 41 11.50 0.29 6.71
C LEU A 41 10.07 0.79 6.93
N ARG A 42 9.90 2.10 6.88
CA ARG A 42 8.58 2.70 7.07
C ARG A 42 8.36 3.84 6.08
N ARG A 43 7.08 4.13 5.80
CA ARG A 43 6.73 5.18 4.87
C ARG A 43 5.58 6.03 5.40
N ASP A 44 5.68 7.34 5.23
CA ASP A 44 4.64 8.25 5.69
C ASP A 44 3.81 8.79 4.53
N PHE A 45 2.50 8.62 4.62
CA PHE A 45 1.60 9.09 3.57
C PHE A 45 0.56 10.05 4.13
N ASN A 46 0.97 10.84 5.12
CA ASN A 46 0.07 11.81 5.74
C ASN A 46 -0.21 12.98 4.81
N HIS A 47 0.86 13.57 4.27
CA HIS A 47 0.73 14.70 3.36
C HIS A 47 -0.38 14.45 2.34
N ILE A 48 -0.65 13.19 2.06
CA ILE A 48 -1.68 12.81 1.11
C ILE A 48 -2.98 12.43 1.82
N ASN A 49 -4.10 12.95 1.34
CA ASN A 49 -5.40 12.66 1.93
C ASN A 49 -6.07 11.50 1.22
N VAL A 50 -5.52 10.30 1.39
CA VAL A 50 -6.07 9.11 0.77
C VAL A 50 -6.88 8.30 1.76
N GLU A 51 -7.35 7.13 1.32
CA GLU A 51 -8.14 6.25 2.18
C GLU A 51 -7.42 4.94 2.44
N LEU A 52 -7.37 4.54 3.71
CA LEU A 52 -6.71 3.30 4.10
C LEU A 52 -7.53 2.55 5.14
N SER A 53 -7.43 1.22 5.11
CA SER A 53 -8.17 0.38 6.05
C SER A 53 -7.33 -0.82 6.46
N LEU A 54 -7.62 -1.35 7.64
CA LEU A 54 -6.90 -2.52 8.16
C LEU A 54 -7.75 -3.79 8.04
N LEU A 55 -7.16 -4.82 7.44
CA LEU A 55 -7.86 -6.09 7.26
C LEU A 55 -7.07 -7.24 7.88
N GLY A 56 -7.77 -8.17 8.51
CA GLY A 56 -7.12 -9.30 9.13
C GLY A 56 -8.02 -10.52 9.20
N LYS A 57 -8.69 -10.83 8.10
CA LYS A 57 -9.59 -11.98 8.05
C LYS A 57 -8.85 -13.27 8.38
N LYS A 58 -7.70 -13.47 7.75
CA LYS A 58 -6.89 -14.66 7.99
C LYS A 58 -5.45 -14.28 8.32
N LYS A 59 -4.92 -13.31 7.60
CA LYS A 59 -3.55 -12.86 7.83
C LYS A 59 -3.46 -11.33 7.77
N LYS A 60 -2.38 -10.78 8.31
CA LYS A 60 -2.18 -9.34 8.30
C LYS A 60 -2.21 -8.78 6.89
N ARG A 61 -3.30 -8.08 6.55
CA ARG A 61 -3.45 -7.50 5.23
C ARG A 61 -3.73 -6.00 5.32
N LEU A 62 -3.22 -5.25 4.35
CA LEU A 62 -3.41 -3.80 4.33
C LEU A 62 -4.25 -3.38 3.12
N ARG A 63 -5.30 -2.63 3.38
CA ARG A 63 -6.19 -2.16 2.32
C ARG A 63 -5.87 -0.72 1.94
N VAL A 64 -5.45 -0.51 0.70
CA VAL A 64 -5.12 0.82 0.21
C VAL A 64 -6.22 1.37 -0.70
N ASP A 65 -6.65 2.59 -0.43
CA ASP A 65 -7.70 3.23 -1.22
C ASP A 65 -7.29 4.65 -1.60
N LYS A 66 -7.49 4.99 -2.87
CA LYS A 66 -7.13 6.32 -3.36
C LYS A 66 -8.39 7.15 -3.63
N TRP A 67 -8.21 8.44 -3.81
CA TRP A 67 -9.34 9.34 -4.07
C TRP A 67 -10.32 8.72 -5.05
N TRP A 68 -11.60 8.76 -4.71
CA TRP A 68 -12.64 8.20 -5.56
C TRP A 68 -12.97 9.15 -6.71
N GLY A 69 -12.37 8.89 -7.88
CA GLY A 69 -12.62 9.73 -9.03
C GLY A 69 -12.13 9.09 -10.33
N ASN A 70 -11.29 9.82 -11.05
CA ASN A 70 -10.74 9.31 -12.31
C ASN A 70 -10.07 7.96 -12.12
N ARG A 71 -9.45 7.45 -13.18
CA ARG A 71 -8.77 6.17 -13.12
C ARG A 71 -7.35 6.32 -12.58
N LYS A 72 -7.15 7.35 -11.76
CA LYS A 72 -5.85 7.61 -11.17
C LYS A 72 -5.59 6.69 -9.98
N GLU A 73 -6.67 6.23 -9.35
CA GLU A 73 -6.55 5.34 -8.21
C GLU A 73 -5.76 4.09 -8.56
N LEU A 74 -5.83 3.69 -9.82
CA LEU A 74 -5.12 2.50 -10.29
C LEU A 74 -3.61 2.73 -10.28
N ALA A 75 -3.18 3.84 -10.87
CA ALA A 75 -1.76 4.18 -10.92
C ALA A 75 -1.20 4.39 -9.52
N THR A 76 -1.96 5.10 -8.68
CA THR A 76 -1.53 5.37 -7.32
C THR A 76 -1.33 4.08 -6.53
N VAL A 77 -2.19 3.10 -6.77
CA VAL A 77 -2.10 1.82 -6.09
C VAL A 77 -0.85 1.06 -6.52
N ARG A 78 -0.53 1.14 -7.80
CA ARG A 78 0.65 0.46 -8.34
C ARG A 78 1.93 0.98 -7.67
N THR A 79 2.02 2.30 -7.53
CA THR A 79 3.19 2.92 -6.91
C THR A 79 3.23 2.64 -5.41
N ILE A 80 2.13 2.90 -4.73
CA ILE A 80 2.05 2.67 -3.29
C ILE A 80 2.27 1.20 -2.96
N CYS A 81 1.58 0.32 -3.67
CA CYS A 81 1.70 -1.12 -3.45
C CYS A 81 3.14 -1.58 -3.68
N SER A 82 3.79 -1.02 -4.69
CA SER A 82 5.17 -1.38 -5.02
C SER A 82 6.10 -0.99 -3.89
N HIS A 83 5.84 0.15 -3.28
CA HIS A 83 6.67 0.63 -2.17
C HIS A 83 6.56 -0.29 -0.97
N VAL A 84 5.34 -0.61 -0.58
CA VAL A 84 5.10 -1.50 0.56
C VAL A 84 5.68 -2.88 0.31
N GLN A 85 5.37 -3.44 -0.86
CA GLN A 85 5.87 -4.77 -1.22
C GLN A 85 7.39 -4.79 -1.27
N ASN A 86 7.97 -3.73 -1.84
CA ASN A 86 9.42 -3.63 -1.95
C ASN A 86 10.07 -3.53 -0.58
N MET A 87 9.39 -2.85 0.35
CA MET A 87 9.90 -2.68 1.70
C MET A 87 10.01 -4.04 2.41
N ILE A 88 8.95 -4.84 2.31
CA ILE A 88 8.93 -6.15 2.95
C ILE A 88 10.06 -7.03 2.41
N LYS A 89 10.14 -7.15 1.09
CA LYS A 89 11.18 -7.96 0.46
C LYS A 89 12.56 -7.47 0.85
N GLY A 90 12.70 -6.16 1.03
CA GLY A 90 13.98 -5.59 1.40
C GLY A 90 14.38 -5.93 2.83
N VAL A 91 13.37 -6.05 3.71
CA VAL A 91 13.62 -6.37 5.11
C VAL A 91 13.58 -7.88 5.34
N THR A 92 13.18 -8.62 4.31
CA THR A 92 13.10 -10.07 4.40
C THR A 92 14.11 -10.74 3.48
N LEU A 93 14.65 -9.97 2.55
CA LEU A 93 15.63 -10.49 1.60
C LEU A 93 16.97 -9.76 1.75
N GLY A 94 16.94 -8.45 1.60
CA GLY A 94 18.15 -7.66 1.72
C GLY A 94 18.92 -7.55 0.41
N SER A 95 18.55 -6.58 -0.42
CA SER A 95 19.20 -6.38 -1.70
C SER A 95 20.05 -5.11 -1.69
N GLY A 96 21.11 -5.11 -2.49
CA GLY A 96 21.99 -3.96 -2.56
C GLY A 96 21.55 -2.97 -3.62
N PRO A 97 22.09 -1.74 -3.55
CA PRO A 97 21.76 -0.67 -4.51
C PRO A 97 22.35 -0.95 -5.89
N SER A 98 21.47 -0.99 -6.90
CA SER A 98 21.90 -1.25 -8.27
C SER A 98 20.80 -0.87 -9.26
N SER A 99 21.22 -0.36 -10.41
CA SER A 99 20.27 0.05 -11.44
C SER A 99 20.93 0.02 -12.82
N GLY A 100 20.10 0.09 -13.87
CA GLY A 100 20.61 0.06 -15.21
C GLY A 100 21.75 1.04 -15.43
N GLY A 1 -3.19 2.08 -25.09
CA GLY A 1 -3.17 3.10 -26.12
C GLY A 1 -3.82 4.39 -25.69
N SER A 2 -3.03 5.29 -25.11
CA SER A 2 -3.55 6.57 -24.64
C SER A 2 -3.79 7.51 -25.80
N SER A 3 -4.98 7.43 -26.39
CA SER A 3 -5.34 8.28 -27.51
C SER A 3 -6.64 9.02 -27.24
N GLY A 4 -6.57 10.05 -26.40
CA GLY A 4 -7.75 10.83 -26.08
C GLY A 4 -7.65 11.47 -24.71
N SER A 5 -8.78 11.98 -24.22
CA SER A 5 -8.82 12.62 -22.91
C SER A 5 -9.26 11.63 -21.83
N SER A 6 -9.19 12.06 -20.58
CA SER A 6 -9.58 11.22 -19.45
C SER A 6 -10.63 11.91 -18.59
N GLY A 7 -11.88 11.48 -18.75
CA GLY A 7 -12.96 12.06 -17.97
C GLY A 7 -12.88 11.73 -16.51
N MET A 8 -14.03 11.64 -15.85
CA MET A 8 -14.09 11.32 -14.43
C MET A 8 -15.29 10.45 -14.11
N LYS A 9 -15.21 9.70 -13.01
CA LYS A 9 -16.30 8.83 -12.59
C LYS A 9 -16.03 8.24 -11.22
N THR A 10 -16.97 8.42 -10.30
CA THR A 10 -16.84 7.90 -8.95
C THR A 10 -16.83 6.37 -8.94
N ILE A 11 -15.68 5.79 -9.26
CA ILE A 11 -15.54 4.34 -9.29
C ILE A 11 -14.69 3.85 -8.12
N LEU A 12 -15.16 2.79 -7.48
CA LEU A 12 -14.44 2.21 -6.34
C LEU A 12 -13.39 1.20 -6.80
N SER A 13 -12.12 1.60 -6.74
CA SER A 13 -11.03 0.74 -7.16
C SER A 13 -9.99 0.60 -6.06
N ASN A 14 -10.27 -0.28 -5.09
CA ASN A 14 -9.36 -0.50 -3.97
C ASN A 14 -8.56 -1.78 -4.17
N GLN A 15 -7.46 -1.91 -3.45
CA GLN A 15 -6.60 -3.09 -3.54
C GLN A 15 -6.21 -3.59 -2.15
N THR A 16 -5.89 -4.88 -2.06
CA THR A 16 -5.51 -5.48 -0.79
C THR A 16 -4.07 -5.99 -0.85
N VAL A 17 -3.41 -6.01 0.31
CA VAL A 17 -2.03 -6.47 0.40
C VAL A 17 -1.90 -7.62 1.39
N ASP A 18 -0.98 -8.53 1.11
CA ASP A 18 -0.75 -9.68 1.98
C ASP A 18 0.60 -9.57 2.69
N ILE A 19 0.63 -9.98 3.95
CA ILE A 19 1.85 -9.93 4.74
C ILE A 19 2.17 -11.28 5.36
N PRO A 20 3.46 -11.65 5.33
CA PRO A 20 3.93 -12.94 5.88
C PRO A 20 3.85 -12.98 7.40
N GLU A 21 4.52 -13.95 8.00
CA GLU A 21 4.52 -14.10 9.45
C GLU A 21 5.88 -13.72 10.03
N ASN A 22 6.90 -13.71 9.17
CA ASN A 22 8.26 -13.38 9.61
C ASN A 22 8.48 -11.87 9.55
N VAL A 23 7.42 -11.12 9.27
CA VAL A 23 7.50 -9.67 9.19
C VAL A 23 6.39 -9.01 10.00
N ASP A 24 6.72 -7.92 10.68
CA ASP A 24 5.76 -7.19 11.50
C ASP A 24 5.55 -5.78 10.96
N ILE A 25 4.30 -5.41 10.73
CA ILE A 25 3.96 -4.09 10.22
C ILE A 25 3.03 -3.36 11.18
N THR A 26 3.39 -2.13 11.52
CA THR A 26 2.57 -1.32 12.42
C THR A 26 1.97 -0.12 11.69
N LEU A 27 0.64 -0.03 11.71
CA LEU A 27 -0.06 1.06 11.05
C LEU A 27 -0.45 2.14 12.06
N LYS A 28 0.04 3.35 11.84
CA LYS A 28 -0.26 4.47 12.72
C LYS A 28 -0.88 5.63 11.94
N GLY A 29 -2.20 5.73 11.98
CA GLY A 29 -2.89 6.80 11.29
C GLY A 29 -2.63 6.77 9.79
N ARG A 30 -1.65 7.54 9.35
CA ARG A 30 -1.30 7.60 7.92
C ARG A 30 0.16 7.21 7.70
N THR A 31 0.71 6.47 8.65
CA THR A 31 2.10 6.04 8.56
C THR A 31 2.20 4.51 8.57
N VAL A 32 2.92 3.96 7.60
CA VAL A 32 3.09 2.51 7.48
C VAL A 32 4.49 2.10 7.90
N ILE A 33 4.59 1.31 8.95
CA ILE A 33 5.87 0.84 9.45
C ILE A 33 6.06 -0.65 9.17
N VAL A 34 7.22 -1.01 8.62
CA VAL A 34 7.53 -2.40 8.30
C VAL A 34 8.82 -2.84 8.99
N LYS A 35 8.76 -4.01 9.62
CA LYS A 35 9.93 -4.55 10.31
C LYS A 35 10.27 -5.94 9.80
N GLY A 36 11.54 -6.17 9.50
CA GLY A 36 11.97 -7.47 9.01
C GLY A 36 13.27 -7.92 9.63
N PRO A 37 13.57 -9.23 9.49
CA PRO A 37 14.80 -9.82 10.04
C PRO A 37 16.05 -9.35 9.29
N ARG A 38 15.85 -8.53 8.27
CA ARG A 38 16.96 -8.01 7.48
C ARG A 38 17.07 -6.49 7.62
N GLY A 39 16.07 -5.89 8.26
CA GLY A 39 16.07 -4.45 8.45
C GLY A 39 14.69 -3.91 8.74
N THR A 40 14.62 -2.60 9.00
CA THR A 40 13.34 -1.95 9.30
C THR A 40 13.10 -0.77 8.38
N LEU A 41 11.99 -0.80 7.66
CA LEU A 41 11.63 0.28 6.75
C LEU A 41 10.24 0.82 7.04
N ARG A 42 10.12 2.14 7.02
CA ARG A 42 8.84 2.79 7.29
C ARG A 42 8.56 3.89 6.27
N ARG A 43 7.29 4.22 6.09
CA ARG A 43 6.87 5.25 5.15
C ARG A 43 5.67 6.02 5.66
N ASP A 44 5.66 7.33 5.42
CA ASP A 44 4.57 8.18 5.87
C ASP A 44 3.84 8.80 4.67
N PHE A 45 2.52 8.71 4.66
CA PHE A 45 1.72 9.26 3.58
C PHE A 45 0.72 10.28 4.11
N ASN A 46 1.06 10.90 5.24
CA ASN A 46 0.18 11.90 5.85
C ASN A 46 -0.05 13.07 4.91
N HIS A 47 1.04 13.67 4.43
CA HIS A 47 0.95 14.79 3.52
C HIS A 47 -0.13 14.55 2.45
N ILE A 48 -0.42 13.28 2.20
CA ILE A 48 -1.43 12.92 1.20
C ILE A 48 -2.71 12.46 1.87
N ASN A 49 -3.84 13.00 1.42
CA ASN A 49 -5.15 12.64 1.97
C ASN A 49 -5.78 11.52 1.17
N VAL A 50 -5.50 10.28 1.57
CA VAL A 50 -6.04 9.10 0.89
C VAL A 50 -6.89 8.27 1.84
N GLU A 51 -7.34 7.12 1.36
CA GLU A 51 -8.17 6.22 2.17
C GLU A 51 -7.45 4.90 2.41
N LEU A 52 -7.44 4.45 3.66
CA LEU A 52 -6.80 3.19 4.02
C LEU A 52 -7.65 2.41 5.03
N SER A 53 -7.32 1.14 5.19
CA SER A 53 -8.06 0.29 6.12
C SER A 53 -7.23 -0.94 6.49
N LEU A 54 -7.37 -1.39 7.73
CA LEU A 54 -6.64 -2.57 8.21
C LEU A 54 -7.51 -3.82 8.13
N LEU A 55 -6.96 -4.88 7.55
CA LEU A 55 -7.68 -6.14 7.42
C LEU A 55 -6.77 -7.32 7.75
N GLY A 56 -7.33 -8.31 8.45
CA GLY A 56 -6.56 -9.48 8.81
C GLY A 56 -7.42 -10.71 9.02
N LYS A 57 -7.68 -11.44 7.94
CA LYS A 57 -8.50 -12.65 8.01
C LYS A 57 -7.64 -13.89 8.17
N LYS A 58 -6.35 -13.76 7.87
CA LYS A 58 -5.41 -14.87 7.98
C LYS A 58 -4.25 -14.51 8.89
N LYS A 59 -3.46 -13.52 8.48
CA LYS A 59 -2.31 -13.08 9.26
C LYS A 59 -2.26 -11.56 9.34
N LYS A 60 -1.85 -10.93 8.24
CA LYS A 60 -1.76 -9.47 8.19
C LYS A 60 -1.97 -8.96 6.76
N ARG A 61 -3.04 -8.21 6.56
CA ARG A 61 -3.35 -7.66 5.24
C ARG A 61 -3.63 -6.17 5.32
N LEU A 62 -3.14 -5.43 4.33
CA LEU A 62 -3.33 -3.98 4.29
C LEU A 62 -4.24 -3.59 3.13
N ARG A 63 -5.19 -2.69 3.41
CA ARG A 63 -6.12 -2.23 2.39
C ARG A 63 -5.82 -0.79 1.99
N VAL A 64 -5.60 -0.57 0.70
CA VAL A 64 -5.31 0.76 0.18
C VAL A 64 -6.45 1.29 -0.68
N ASP A 65 -6.84 2.53 -0.44
CA ASP A 65 -7.92 3.16 -1.19
C ASP A 65 -7.53 4.56 -1.65
N LYS A 66 -7.55 4.77 -2.96
CA LYS A 66 -7.19 6.07 -3.54
C LYS A 66 -8.45 6.85 -3.93
N TRP A 67 -8.30 8.17 -4.04
CA TRP A 67 -9.42 9.02 -4.40
C TRP A 67 -10.27 8.38 -5.48
N TRP A 68 -11.48 7.98 -5.13
CA TRP A 68 -12.40 7.35 -6.07
C TRP A 68 -12.79 8.31 -7.18
N GLY A 69 -12.12 8.19 -8.33
CA GLY A 69 -12.42 9.06 -9.45
C GLY A 69 -11.81 8.57 -10.75
N ASN A 70 -11.05 9.42 -11.42
CA ASN A 70 -10.42 9.07 -12.68
C ASN A 70 -9.63 7.77 -12.54
N ARG A 71 -8.91 7.40 -13.59
CA ARG A 71 -8.11 6.17 -13.59
C ARG A 71 -6.75 6.42 -12.94
N LYS A 72 -6.67 7.45 -12.12
CA LYS A 72 -5.43 7.79 -11.44
C LYS A 72 -5.15 6.82 -10.29
N GLU A 73 -6.22 6.35 -9.65
CA GLU A 73 -6.08 5.41 -8.54
C GLU A 73 -5.32 4.17 -8.97
N LEU A 74 -5.43 3.81 -10.25
CA LEU A 74 -4.76 2.64 -10.79
C LEU A 74 -3.25 2.80 -10.71
N ALA A 75 -2.75 3.94 -11.18
CA ALA A 75 -1.32 4.21 -11.16
C ALA A 75 -0.83 4.46 -9.74
N THR A 76 -1.61 5.21 -8.97
CA THR A 76 -1.26 5.53 -7.59
C THR A 76 -1.27 4.27 -6.73
N VAL A 77 -2.24 3.39 -6.97
CA VAL A 77 -2.37 2.16 -6.21
C VAL A 77 -1.18 1.24 -6.47
N ARG A 78 -0.80 1.09 -7.73
CA ARG A 78 0.32 0.24 -8.11
C ARG A 78 1.62 0.77 -7.51
N THR A 79 1.74 2.09 -7.43
CA THR A 79 2.94 2.72 -6.89
C THR A 79 3.04 2.49 -5.38
N ILE A 80 1.95 2.79 -4.68
CA ILE A 80 1.91 2.61 -3.23
C ILE A 80 2.08 1.14 -2.84
N CYS A 81 1.32 0.28 -3.51
CA CYS A 81 1.37 -1.15 -3.24
C CYS A 81 2.78 -1.69 -3.46
N SER A 82 3.44 -1.21 -4.50
CA SER A 82 4.79 -1.64 -4.82
C SER A 82 5.78 -1.21 -3.75
N HIS A 83 5.57 0.01 -3.22
CA HIS A 83 6.44 0.53 -2.18
C HIS A 83 6.42 -0.36 -0.94
N VAL A 84 5.23 -0.71 -0.49
CA VAL A 84 5.07 -1.55 0.69
C VAL A 84 5.66 -2.94 0.44
N GLN A 85 5.30 -3.54 -0.68
CA GLN A 85 5.80 -4.87 -1.03
C GLN A 85 7.31 -4.86 -1.17
N ASN A 86 7.84 -3.80 -1.77
CA ASN A 86 9.29 -3.68 -1.97
C ASN A 86 10.01 -3.60 -0.63
N MET A 87 9.39 -2.94 0.34
CA MET A 87 9.98 -2.80 1.67
C MET A 87 10.08 -4.15 2.36
N ILE A 88 9.01 -4.93 2.30
CA ILE A 88 8.99 -6.25 2.93
C ILE A 88 10.09 -7.14 2.37
N LYS A 89 10.15 -7.24 1.04
CA LYS A 89 11.17 -8.05 0.39
C LYS A 89 12.58 -7.58 0.75
N GLY A 90 12.71 -6.28 0.95
CA GLY A 90 14.00 -5.72 1.30
C GLY A 90 14.41 -6.04 2.73
N VAL A 91 13.44 -6.04 3.63
CA VAL A 91 13.70 -6.34 5.03
C VAL A 91 13.64 -7.84 5.29
N THR A 92 13.26 -8.60 4.28
CA THR A 92 13.15 -10.04 4.39
C THR A 92 14.14 -10.74 3.47
N LEU A 93 14.72 -9.98 2.55
CA LEU A 93 15.70 -10.52 1.61
C LEU A 93 16.94 -9.65 1.55
N GLY A 94 16.74 -8.34 1.47
CA GLY A 94 17.85 -7.41 1.41
C GLY A 94 17.57 -6.21 0.52
N SER A 95 17.96 -5.03 0.98
CA SER A 95 17.75 -3.81 0.23
C SER A 95 18.03 -4.01 -1.25
N GLY A 96 17.00 -3.89 -2.08
CA GLY A 96 17.16 -4.07 -3.50
C GLY A 96 16.17 -3.25 -4.31
N PRO A 97 16.50 -1.97 -4.53
CA PRO A 97 15.64 -1.04 -5.29
C PRO A 97 15.60 -1.39 -6.77
N SER A 98 14.45 -1.89 -7.23
CA SER A 98 14.28 -2.26 -8.63
C SER A 98 14.52 -1.06 -9.54
N SER A 99 15.08 -1.33 -10.71
CA SER A 99 15.36 -0.26 -11.68
C SER A 99 14.57 -0.48 -12.97
N GLY A 100 14.69 0.47 -13.90
CA GLY A 100 13.98 0.37 -15.16
C GLY A 100 13.09 1.57 -15.41
N GLY A 1 -12.21 2.63 -29.80
CA GLY A 1 -13.30 2.06 -29.05
C GLY A 1 -14.13 3.10 -28.33
N SER A 2 -14.25 2.97 -27.02
CA SER A 2 -15.03 3.91 -26.23
C SER A 2 -14.12 4.75 -25.34
N SER A 3 -13.34 4.09 -24.48
CA SER A 3 -12.43 4.78 -23.59
C SER A 3 -13.11 5.98 -22.93
N GLY A 4 -14.35 5.79 -22.51
CA GLY A 4 -15.10 6.86 -21.87
C GLY A 4 -15.75 6.41 -20.58
N SER A 5 -14.93 6.13 -19.56
CA SER A 5 -15.44 5.69 -18.27
C SER A 5 -16.28 6.78 -17.62
N SER A 6 -17.07 6.39 -16.62
CA SER A 6 -17.94 7.34 -15.92
C SER A 6 -17.13 8.17 -14.93
N GLY A 7 -17.65 9.35 -14.60
CA GLY A 7 -16.96 10.23 -13.67
C GLY A 7 -17.80 10.55 -12.44
N MET A 8 -19.11 10.67 -12.65
CA MET A 8 -20.03 10.98 -11.56
C MET A 8 -20.22 9.77 -10.65
N LYS A 9 -19.61 8.65 -11.03
CA LYS A 9 -19.71 7.43 -10.26
C LYS A 9 -18.41 7.14 -9.50
N THR A 10 -18.52 6.82 -8.23
CA THR A 10 -17.35 6.52 -7.41
C THR A 10 -17.12 5.02 -7.30
N ILE A 11 -16.42 4.47 -8.29
CA ILE A 11 -16.12 3.04 -8.31
C ILE A 11 -15.51 2.59 -7.00
N LEU A 12 -16.01 1.48 -6.45
CA LEU A 12 -15.52 0.94 -5.20
C LEU A 12 -14.48 -0.15 -5.45
N SER A 13 -13.45 0.18 -6.23
CA SER A 13 -12.40 -0.77 -6.55
C SER A 13 -11.12 -0.45 -5.77
N ASN A 14 -10.88 -1.21 -4.71
CA ASN A 14 -9.69 -1.00 -3.88
C ASN A 14 -8.74 -2.20 -3.98
N GLN A 15 -7.49 -1.99 -3.58
CA GLN A 15 -6.49 -3.05 -3.62
C GLN A 15 -6.05 -3.44 -2.22
N THR A 16 -5.83 -4.73 -2.01
CA THR A 16 -5.40 -5.23 -0.71
C THR A 16 -4.01 -5.86 -0.79
N VAL A 17 -3.29 -5.85 0.33
CA VAL A 17 -1.95 -6.41 0.38
C VAL A 17 -1.87 -7.53 1.42
N ASP A 18 -1.02 -8.53 1.13
CA ASP A 18 -0.85 -9.65 2.03
C ASP A 18 0.52 -9.62 2.69
N ILE A 19 0.56 -9.97 3.98
CA ILE A 19 1.81 -9.98 4.73
C ILE A 19 2.10 -11.36 5.30
N PRO A 20 3.37 -11.77 5.23
CA PRO A 20 3.81 -13.07 5.74
C PRO A 20 3.77 -13.15 7.27
N GLU A 21 4.40 -14.17 7.82
CA GLU A 21 4.43 -14.36 9.27
C GLU A 21 5.81 -14.02 9.82
N ASN A 22 6.80 -13.97 8.94
CA ASN A 22 8.17 -13.65 9.35
C ASN A 22 8.42 -12.14 9.29
N VAL A 23 7.34 -11.37 9.16
CA VAL A 23 7.45 -9.92 9.09
C VAL A 23 6.36 -9.25 9.93
N ASP A 24 6.69 -8.10 10.50
CA ASP A 24 5.74 -7.36 11.32
C ASP A 24 5.58 -5.93 10.82
N ILE A 25 4.34 -5.54 10.54
CA ILE A 25 4.04 -4.20 10.05
C ILE A 25 3.09 -3.46 10.99
N THR A 26 3.44 -2.23 11.34
CA THR A 26 2.62 -1.42 12.23
C THR A 26 2.00 -0.25 11.48
N LEU A 27 0.69 -0.12 11.57
CA LEU A 27 -0.03 0.96 10.91
C LEU A 27 -0.42 2.05 11.91
N LYS A 28 0.06 3.27 11.66
CA LYS A 28 -0.25 4.39 12.53
C LYS A 28 -0.85 5.55 11.74
N GLY A 29 -2.16 5.70 11.83
CA GLY A 29 -2.84 6.77 11.12
C GLY A 29 -2.62 6.70 9.62
N ARG A 30 -1.65 7.47 9.13
CA ARG A 30 -1.34 7.50 7.71
C ARG A 30 0.11 7.10 7.46
N THR A 31 0.71 6.44 8.44
CA THR A 31 2.10 6.01 8.34
C THR A 31 2.21 4.49 8.42
N VAL A 32 2.90 3.90 7.45
CA VAL A 32 3.09 2.45 7.41
C VAL A 32 4.50 2.06 7.84
N ILE A 33 4.58 1.23 8.87
CA ILE A 33 5.88 0.79 9.37
C ILE A 33 6.08 -0.71 9.12
N VAL A 34 7.20 -1.06 8.50
CA VAL A 34 7.50 -2.45 8.21
C VAL A 34 8.75 -2.91 8.95
N LYS A 35 8.67 -4.08 9.58
CA LYS A 35 9.79 -4.62 10.33
C LYS A 35 10.17 -6.01 9.81
N GLY A 36 11.47 -6.21 9.57
CA GLY A 36 11.94 -7.49 9.06
C GLY A 36 13.24 -7.91 9.71
N PRO A 37 13.56 -9.21 9.57
CA PRO A 37 14.79 -9.77 10.14
C PRO A 37 16.06 -9.28 9.44
N ARG A 38 15.86 -8.44 8.43
CA ARG A 38 16.97 -7.89 7.66
C ARG A 38 17.06 -6.39 7.83
N GLY A 39 16.04 -5.80 8.45
CA GLY A 39 16.02 -4.37 8.68
C GLY A 39 14.63 -3.83 8.90
N THR A 40 14.52 -2.54 9.19
CA THR A 40 13.24 -1.91 9.44
C THR A 40 13.01 -0.73 8.50
N LEU A 41 11.94 -0.80 7.73
CA LEU A 41 11.61 0.26 6.78
C LEU A 41 10.19 0.77 7.01
N ARG A 42 10.03 2.10 6.98
CA ARG A 42 8.73 2.71 7.18
C ARG A 42 8.51 3.86 6.21
N ARG A 43 7.25 4.18 5.93
CA ARG A 43 6.91 5.26 5.01
C ARG A 43 5.76 6.08 5.55
N ASP A 44 5.79 7.38 5.27
CA ASP A 44 4.74 8.29 5.73
C ASP A 44 3.93 8.82 4.56
N PHE A 45 2.61 8.70 4.66
CA PHE A 45 1.72 9.17 3.61
C PHE A 45 0.66 10.12 4.17
N ASN A 46 1.11 11.06 5.00
CA ASN A 46 0.20 12.02 5.61
C ASN A 46 -0.07 13.18 4.65
N HIS A 47 0.99 13.78 4.12
CA HIS A 47 0.86 14.89 3.19
C HIS A 47 -0.19 14.58 2.12
N ILE A 48 -0.48 13.30 1.93
CA ILE A 48 -1.45 12.87 0.94
C ILE A 48 -2.76 12.46 1.60
N ASN A 49 -3.87 12.97 1.08
CA ASN A 49 -5.19 12.65 1.62
C ASN A 49 -5.80 11.45 0.90
N VAL A 50 -5.54 10.25 1.44
CA VAL A 50 -6.06 9.03 0.86
C VAL A 50 -6.86 8.23 1.86
N GLU A 51 -7.33 7.05 1.46
CA GLU A 51 -8.12 6.19 2.34
C GLU A 51 -7.40 4.87 2.58
N LEU A 52 -7.33 4.47 3.85
CA LEU A 52 -6.68 3.22 4.22
C LEU A 52 -7.44 2.52 5.33
N SER A 53 -7.35 1.20 5.37
CA SER A 53 -8.03 0.39 6.38
C SER A 53 -7.21 -0.83 6.75
N LEU A 54 -7.43 -1.34 7.96
CA LEU A 54 -6.71 -2.51 8.44
C LEU A 54 -7.59 -3.76 8.38
N LEU A 55 -7.03 -4.85 7.89
CA LEU A 55 -7.77 -6.10 7.79
C LEU A 55 -6.95 -7.27 8.33
N GLY A 56 -7.60 -8.15 9.07
CA GLY A 56 -6.92 -9.30 9.64
C GLY A 56 -7.83 -10.50 9.78
N LYS A 57 -8.78 -10.64 8.86
CA LYS A 57 -9.71 -11.76 8.88
C LYS A 57 -8.97 -13.08 9.07
N LYS A 58 -7.96 -13.31 8.24
CA LYS A 58 -7.18 -14.53 8.31
C LYS A 58 -5.73 -14.23 8.70
N LYS A 59 -5.14 -13.23 8.04
CA LYS A 59 -3.77 -12.84 8.32
C LYS A 59 -3.58 -11.34 8.16
N LYS A 60 -2.57 -10.79 8.81
CA LYS A 60 -2.29 -9.36 8.73
C LYS A 60 -2.32 -8.88 7.28
N ARG A 61 -3.36 -8.12 6.95
CA ARG A 61 -3.51 -7.59 5.60
C ARG A 61 -3.74 -6.08 5.62
N LEU A 62 -3.23 -5.40 4.61
CA LEU A 62 -3.38 -3.95 4.51
C LEU A 62 -4.33 -3.57 3.37
N ARG A 63 -5.28 -2.69 3.68
CA ARG A 63 -6.25 -2.25 2.69
C ARG A 63 -5.91 -0.85 2.19
N VAL A 64 -5.62 -0.74 0.88
CA VAL A 64 -5.27 0.54 0.29
C VAL A 64 -6.35 0.99 -0.70
N ASP A 65 -6.96 2.14 -0.41
CA ASP A 65 -8.01 2.69 -1.27
C ASP A 65 -7.75 4.16 -1.57
N LYS A 66 -7.62 4.48 -2.85
CA LYS A 66 -7.36 5.85 -3.27
C LYS A 66 -8.68 6.57 -3.61
N TRP A 67 -8.61 7.87 -3.80
CA TRP A 67 -9.78 8.67 -4.14
C TRP A 67 -10.69 7.92 -5.11
N TRP A 68 -11.96 7.80 -4.74
CA TRP A 68 -12.93 7.11 -5.57
C TRP A 68 -13.40 8.00 -6.73
N GLY A 69 -12.85 7.75 -7.91
CA GLY A 69 -13.22 8.52 -9.08
C GLY A 69 -12.62 7.99 -10.36
N ASN A 70 -11.76 8.78 -11.00
CA ASN A 70 -11.12 8.37 -12.24
C ASN A 70 -10.26 7.12 -12.02
N ARG A 71 -9.56 6.70 -13.07
CA ARG A 71 -8.71 5.53 -13.00
C ARG A 71 -7.35 5.89 -12.43
N LYS A 72 -7.28 7.02 -11.74
CA LYS A 72 -6.03 7.48 -11.14
C LYS A 72 -5.59 6.54 -10.01
N GLU A 73 -6.57 5.99 -9.30
CA GLU A 73 -6.28 5.08 -8.20
C GLU A 73 -5.44 3.90 -8.66
N LEU A 74 -5.53 3.58 -9.95
CA LEU A 74 -4.77 2.48 -10.52
C LEU A 74 -3.27 2.77 -10.48
N ALA A 75 -2.89 3.95 -10.96
CA ALA A 75 -1.49 4.35 -10.98
C ALA A 75 -0.97 4.59 -9.56
N THR A 76 -1.78 5.25 -8.75
CA THR A 76 -1.40 5.56 -7.37
C THR A 76 -1.30 4.28 -6.55
N VAL A 77 -2.21 3.34 -6.78
CA VAL A 77 -2.22 2.08 -6.06
C VAL A 77 -1.00 1.25 -6.38
N ARG A 78 -0.60 1.25 -7.66
CA ARG A 78 0.57 0.50 -8.10
C ARG A 78 1.85 1.06 -7.47
N THR A 79 1.92 2.39 -7.39
CA THR A 79 3.09 3.05 -6.82
C THR A 79 3.19 2.79 -5.32
N ILE A 80 2.09 3.04 -4.61
CA ILE A 80 2.04 2.83 -3.16
C ILE A 80 2.18 1.36 -2.82
N CYS A 81 1.39 0.52 -3.50
CA CYS A 81 1.42 -0.92 -3.25
C CYS A 81 2.82 -1.48 -3.50
N SER A 82 3.48 -0.98 -4.55
CA SER A 82 4.81 -1.44 -4.90
C SER A 82 5.81 -1.06 -3.82
N HIS A 83 5.66 0.14 -3.27
CA HIS A 83 6.55 0.62 -2.23
C HIS A 83 6.51 -0.30 -1.00
N VAL A 84 5.30 -0.63 -0.56
CA VAL A 84 5.13 -1.51 0.59
C VAL A 84 5.74 -2.88 0.34
N GLN A 85 5.44 -3.46 -0.82
CA GLN A 85 5.95 -4.77 -1.18
C GLN A 85 7.47 -4.76 -1.23
N ASN A 86 8.03 -3.70 -1.81
CA ASN A 86 9.48 -3.56 -1.94
C ASN A 86 10.14 -3.51 -0.55
N MET A 87 9.46 -2.86 0.39
CA MET A 87 9.98 -2.74 1.74
C MET A 87 10.08 -4.11 2.41
N ILE A 88 9.01 -4.88 2.31
CA ILE A 88 8.98 -6.22 2.90
C ILE A 88 10.10 -7.10 2.35
N LYS A 89 10.19 -7.17 1.03
CA LYS A 89 11.22 -7.97 0.38
C LYS A 89 12.61 -7.51 0.80
N GLY A 90 12.76 -6.21 1.02
CA GLY A 90 14.04 -5.66 1.43
C GLY A 90 14.40 -6.01 2.85
N VAL A 91 13.40 -6.01 3.73
CA VAL A 91 13.61 -6.34 5.14
C VAL A 91 13.60 -7.85 5.36
N THR A 92 13.22 -8.59 4.32
CA THR A 92 13.17 -10.04 4.40
C THR A 92 14.24 -10.69 3.52
N LEU A 93 14.79 -9.91 2.60
CA LEU A 93 15.81 -10.41 1.70
C LEU A 93 17.08 -9.55 1.79
N GLY A 94 18.00 -9.94 2.66
CA GLY A 94 19.23 -9.19 2.82
C GLY A 94 19.00 -7.69 2.87
N SER A 95 19.90 -6.94 2.23
CA SER A 95 19.79 -5.48 2.22
C SER A 95 19.47 -4.99 0.81
N GLY A 96 18.44 -4.16 0.70
CA GLY A 96 18.05 -3.62 -0.59
C GLY A 96 19.25 -3.21 -1.43
N PRO A 97 19.13 -3.36 -2.75
CA PRO A 97 20.20 -3.00 -3.69
C PRO A 97 20.40 -1.50 -3.80
N SER A 98 21.65 -1.08 -3.96
CA SER A 98 21.97 0.34 -4.07
C SER A 98 21.91 0.80 -5.53
N SER A 99 22.48 -0.01 -6.41
CA SER A 99 22.51 0.31 -7.83
C SER A 99 23.06 1.72 -8.07
N GLY A 100 24.11 2.06 -7.33
CA GLY A 100 24.71 3.38 -7.47
C GLY A 100 26.05 3.48 -6.77
N GLY A 1 -8.22 18.48 -31.48
CA GLY A 1 -7.65 17.45 -30.65
C GLY A 1 -8.70 16.60 -29.96
N SER A 2 -8.30 15.40 -29.54
CA SER A 2 -9.23 14.48 -28.87
C SER A 2 -9.00 14.48 -27.37
N SER A 3 -10.03 14.84 -26.61
CA SER A 3 -9.93 14.88 -25.16
C SER A 3 -11.13 14.19 -24.52
N GLY A 4 -11.05 13.98 -23.20
CA GLY A 4 -12.14 13.32 -22.49
C GLY A 4 -13.04 14.31 -21.78
N SER A 5 -14.29 14.37 -22.21
CA SER A 5 -15.26 15.29 -21.60
C SER A 5 -15.26 15.17 -20.08
N SER A 6 -15.85 16.14 -19.41
CA SER A 6 -15.92 16.14 -17.96
C SER A 6 -16.64 14.90 -17.44
N GLY A 7 -16.58 14.69 -16.13
CA GLY A 7 -17.23 13.54 -15.53
C GLY A 7 -16.41 12.92 -14.42
N MET A 8 -16.75 13.24 -13.18
CA MET A 8 -16.03 12.70 -12.03
C MET A 8 -16.78 11.51 -11.43
N LYS A 9 -16.50 10.32 -11.94
CA LYS A 9 -17.14 9.11 -11.45
C LYS A 9 -16.71 8.79 -10.02
N THR A 10 -17.41 7.87 -9.38
CA THR A 10 -17.10 7.49 -8.01
C THR A 10 -16.73 6.01 -7.92
N ILE A 11 -17.63 5.16 -8.42
CA ILE A 11 -17.40 3.72 -8.40
C ILE A 11 -15.94 3.39 -8.69
N LEU A 12 -15.37 2.47 -7.91
CA LEU A 12 -13.99 2.07 -8.07
C LEU A 12 -13.69 0.78 -7.30
N SER A 13 -12.45 0.30 -7.41
CA SER A 13 -12.05 -0.92 -6.72
C SER A 13 -10.89 -0.64 -5.78
N ASN A 14 -10.87 -1.37 -4.66
CA ASN A 14 -9.82 -1.21 -3.67
C ASN A 14 -8.80 -2.33 -3.77
N GLN A 15 -7.56 -2.05 -3.35
CA GLN A 15 -6.49 -3.05 -3.40
C GLN A 15 -6.14 -3.52 -2.00
N THR A 16 -5.77 -4.80 -1.90
CA THR A 16 -5.40 -5.39 -0.61
C THR A 16 -4.00 -5.97 -0.65
N VAL A 17 -3.30 -5.90 0.49
CA VAL A 17 -1.95 -6.42 0.58
C VAL A 17 -1.87 -7.57 1.57
N ASP A 18 -0.96 -8.52 1.30
CA ASP A 18 -0.79 -9.68 2.18
C ASP A 18 0.54 -9.60 2.91
N ILE A 19 0.51 -9.90 4.20
CA ILE A 19 1.72 -9.87 5.02
C ILE A 19 2.02 -11.25 5.61
N PRO A 20 3.29 -11.67 5.51
CA PRO A 20 3.74 -12.96 6.03
C PRO A 20 3.74 -13.01 7.56
N GLU A 21 4.33 -14.06 8.11
CA GLU A 21 4.40 -14.23 9.56
C GLU A 21 5.79 -13.90 10.08
N ASN A 22 6.77 -13.93 9.19
CA ASN A 22 8.15 -13.62 9.55
C ASN A 22 8.42 -12.13 9.51
N VAL A 23 7.36 -11.35 9.28
CA VAL A 23 7.48 -9.90 9.21
C VAL A 23 6.41 -9.23 10.07
N ASP A 24 6.76 -8.09 10.65
CA ASP A 24 5.84 -7.34 11.50
C ASP A 24 5.68 -5.91 10.99
N ILE A 25 4.43 -5.51 10.75
CA ILE A 25 4.15 -4.16 10.26
C ILE A 25 3.22 -3.42 11.22
N THR A 26 3.58 -2.18 11.54
CA THR A 26 2.78 -1.37 12.45
C THR A 26 2.12 -0.21 11.72
N LEU A 27 0.79 -0.11 11.84
CA LEU A 27 0.05 0.95 11.18
C LEU A 27 -0.33 2.05 12.18
N LYS A 28 0.14 3.27 11.91
CA LYS A 28 -0.15 4.40 12.78
C LYS A 28 -0.69 5.58 11.97
N GLY A 29 -2.01 5.72 11.96
CA GLY A 29 -2.63 6.82 11.22
C GLY A 29 -2.41 6.70 9.72
N ARG A 30 -1.59 7.59 9.18
CA ARG A 30 -1.30 7.59 7.74
C ARG A 30 0.15 7.17 7.48
N THR A 31 0.75 6.48 8.46
CA THR A 31 2.12 6.03 8.33
C THR A 31 2.21 4.50 8.40
N VAL A 32 2.89 3.91 7.42
CA VAL A 32 3.04 2.47 7.38
C VAL A 32 4.46 2.05 7.75
N ILE A 33 4.59 1.27 8.83
CA ILE A 33 5.89 0.82 9.29
C ILE A 33 6.06 -0.68 9.06
N VAL A 34 7.19 -1.06 8.47
CA VAL A 34 7.48 -2.46 8.19
C VAL A 34 8.76 -2.91 8.88
N LYS A 35 8.68 -4.04 9.56
CA LYS A 35 9.85 -4.58 10.27
C LYS A 35 10.19 -5.97 9.76
N GLY A 36 11.46 -6.17 9.42
CA GLY A 36 11.90 -7.46 8.92
C GLY A 36 13.20 -7.92 9.56
N PRO A 37 13.51 -9.21 9.41
CA PRO A 37 14.73 -9.80 9.98
C PRO A 37 15.99 -9.32 9.26
N ARG A 38 15.81 -8.44 8.28
CA ARG A 38 16.92 -7.90 7.51
C ARG A 38 17.02 -6.38 7.67
N GLY A 39 16.00 -5.80 8.32
CA GLY A 39 15.99 -4.36 8.53
C GLY A 39 14.59 -3.83 8.76
N THR A 40 14.49 -2.53 9.00
CA THR A 40 13.20 -1.90 9.25
C THR A 40 12.98 -0.73 8.30
N LEU A 41 11.86 -0.76 7.58
CA LEU A 41 11.53 0.30 6.64
C LEU A 41 10.11 0.81 6.87
N ARG A 42 9.94 2.13 6.83
CA ARG A 42 8.64 2.75 7.04
C ARG A 42 8.46 3.96 6.13
N ARG A 43 7.21 4.31 5.85
CA ARG A 43 6.90 5.44 4.99
C ARG A 43 5.66 6.18 5.50
N ASP A 44 5.71 7.50 5.46
CA ASP A 44 4.59 8.32 5.91
C ASP A 44 3.79 8.86 4.72
N PHE A 45 2.50 8.58 4.71
CA PHE A 45 1.63 9.04 3.63
C PHE A 45 0.52 9.94 4.16
N ASN A 46 0.83 10.68 5.23
CA ASN A 46 -0.14 11.58 5.84
C ASN A 46 -0.40 12.78 4.92
N HIS A 47 0.65 13.53 4.62
CA HIS A 47 0.53 14.70 3.76
C HIS A 47 -0.48 14.47 2.65
N ILE A 48 -0.59 13.21 2.22
CA ILE A 48 -1.52 12.83 1.16
C ILE A 48 -2.87 12.45 1.73
N ASN A 49 -3.94 12.97 1.13
CA ASN A 49 -5.30 12.67 1.58
C ASN A 49 -5.85 11.44 0.85
N VAL A 50 -5.53 10.27 1.37
CA VAL A 50 -6.00 9.02 0.79
C VAL A 50 -6.81 8.20 1.78
N GLU A 51 -7.22 7.01 1.37
CA GLU A 51 -8.00 6.12 2.23
C GLU A 51 -7.24 4.84 2.52
N LEU A 52 -7.20 4.46 3.80
CA LEU A 52 -6.51 3.25 4.22
C LEU A 52 -7.28 2.54 5.32
N SER A 53 -7.29 1.21 5.26
CA SER A 53 -7.99 0.41 6.26
C SER A 53 -7.17 -0.83 6.64
N LEU A 54 -7.58 -1.49 7.73
CA LEU A 54 -6.89 -2.68 8.19
C LEU A 54 -7.73 -3.93 7.96
N LEU A 55 -7.07 -5.01 7.56
CA LEU A 55 -7.76 -6.27 7.31
C LEU A 55 -7.00 -7.45 7.92
N GLY A 56 -7.74 -8.46 8.33
CA GLY A 56 -7.12 -9.64 8.93
C GLY A 56 -7.90 -10.90 8.66
N LYS A 57 -7.55 -11.62 7.61
CA LYS A 57 -8.23 -12.86 7.25
C LYS A 57 -7.41 -14.07 7.68
N LYS A 58 -6.10 -13.89 7.79
CA LYS A 58 -5.21 -14.96 8.20
C LYS A 58 -4.23 -14.49 9.27
N LYS A 59 -3.35 -13.56 8.89
CA LYS A 59 -2.36 -13.01 9.82
C LYS A 59 -2.47 -11.49 9.88
N LYS A 60 -2.17 -10.82 8.78
CA LYS A 60 -2.23 -9.37 8.72
C LYS A 60 -2.34 -8.89 7.27
N ARG A 61 -3.34 -8.08 6.98
CA ARG A 61 -3.54 -7.55 5.64
C ARG A 61 -3.72 -6.04 5.68
N LEU A 62 -3.32 -5.37 4.60
CA LEU A 62 -3.43 -3.93 4.51
C LEU A 62 -4.29 -3.52 3.32
N ARG A 63 -5.28 -2.67 3.56
CA ARG A 63 -6.18 -2.21 2.50
C ARG A 63 -5.75 -0.83 1.99
N VAL A 64 -5.41 -0.76 0.71
CA VAL A 64 -4.99 0.50 0.10
C VAL A 64 -6.07 1.06 -0.81
N ASP A 65 -6.55 2.25 -0.47
CA ASP A 65 -7.59 2.90 -1.27
C ASP A 65 -7.24 4.38 -1.52
N LYS A 66 -7.41 4.80 -2.76
CA LYS A 66 -7.11 6.18 -3.14
C LYS A 66 -8.39 6.99 -3.31
N TRP A 67 -8.30 8.29 -3.07
CA TRP A 67 -9.45 9.17 -3.19
C TRP A 67 -10.28 8.80 -4.41
N TRP A 68 -11.37 8.07 -4.19
CA TRP A 68 -12.26 7.65 -5.26
C TRP A 68 -12.44 8.77 -6.28
N GLY A 69 -12.50 8.41 -7.56
CA GLY A 69 -12.67 9.40 -8.61
C GLY A 69 -12.30 8.87 -9.97
N ASN A 70 -11.38 9.56 -10.64
CA ASN A 70 -10.93 9.15 -11.98
C ASN A 70 -10.14 7.84 -11.91
N ARG A 71 -9.64 7.40 -13.05
CA ARG A 71 -8.86 6.17 -13.12
C ARG A 71 -7.40 6.43 -12.76
N LYS A 72 -7.16 7.48 -11.98
CA LYS A 72 -5.82 7.83 -11.56
C LYS A 72 -5.36 6.95 -10.40
N GLU A 73 -6.32 6.51 -9.59
CA GLU A 73 -6.01 5.65 -8.44
C GLU A 73 -5.27 4.40 -8.89
N LEU A 74 -5.44 4.03 -10.15
CA LEU A 74 -4.79 2.84 -10.70
C LEU A 74 -3.28 2.98 -10.64
N ALA A 75 -2.77 4.12 -11.14
CA ALA A 75 -1.34 4.38 -11.15
C ALA A 75 -0.82 4.65 -9.74
N THR A 76 -1.61 5.38 -8.97
CA THR A 76 -1.23 5.71 -7.59
C THR A 76 -1.16 4.46 -6.73
N VAL A 77 -2.14 3.58 -6.90
CA VAL A 77 -2.19 2.34 -6.13
C VAL A 77 -1.03 1.42 -6.48
N ARG A 78 -0.72 1.35 -7.77
CA ARG A 78 0.37 0.51 -8.26
C ARG A 78 1.70 0.94 -7.64
N THR A 79 1.92 2.24 -7.58
CA THR A 79 3.15 2.79 -7.03
C THR A 79 3.23 2.55 -5.52
N ILE A 80 2.15 2.90 -4.82
CA ILE A 80 2.11 2.72 -3.37
C ILE A 80 2.24 1.25 -2.99
N CYS A 81 1.47 0.40 -3.67
CA CYS A 81 1.51 -1.04 -3.40
C CYS A 81 2.91 -1.59 -3.63
N SER A 82 3.59 -1.08 -4.65
CA SER A 82 4.93 -1.53 -4.98
C SER A 82 5.92 -1.15 -3.89
N HIS A 83 5.75 0.06 -3.34
CA HIS A 83 6.63 0.55 -2.29
C HIS A 83 6.54 -0.35 -1.05
N VAL A 84 5.32 -0.66 -0.64
CA VAL A 84 5.09 -1.50 0.53
C VAL A 84 5.66 -2.90 0.30
N GLN A 85 5.33 -3.49 -0.83
CA GLN A 85 5.80 -4.83 -1.17
C GLN A 85 7.32 -4.87 -1.25
N ASN A 86 7.91 -3.85 -1.87
CA ASN A 86 9.35 -3.76 -2.01
C ASN A 86 10.03 -3.64 -0.65
N MET A 87 9.38 -2.93 0.26
CA MET A 87 9.92 -2.73 1.60
C MET A 87 10.02 -4.05 2.35
N ILE A 88 8.95 -4.85 2.27
CA ILE A 88 8.91 -6.14 2.94
C ILE A 88 10.03 -7.05 2.43
N LYS A 89 10.12 -7.19 1.11
CA LYS A 89 11.14 -8.03 0.49
C LYS A 89 12.54 -7.54 0.86
N GLY A 90 12.68 -6.22 1.00
CA GLY A 90 13.97 -5.65 1.35
C GLY A 90 14.37 -5.95 2.77
N VAL A 91 13.38 -6.05 3.66
CA VAL A 91 13.63 -6.33 5.07
C VAL A 91 13.61 -7.83 5.34
N THR A 92 13.18 -8.60 4.35
CA THR A 92 13.10 -10.05 4.48
C THR A 92 14.13 -10.74 3.57
N LEU A 93 14.65 -9.99 2.61
CA LEU A 93 15.64 -10.51 1.68
C LEU A 93 16.90 -9.67 1.69
N GLY A 94 16.74 -8.38 1.41
CA GLY A 94 17.88 -7.48 1.39
C GLY A 94 17.64 -6.25 0.52
N SER A 95 17.70 -5.07 1.12
CA SER A 95 17.48 -3.83 0.39
C SER A 95 18.25 -2.68 1.04
N GLY A 96 19.09 -2.02 0.25
CA GLY A 96 19.88 -0.92 0.76
C GLY A 96 20.11 0.16 -0.27
N PRO A 97 20.98 1.13 0.05
CA PRO A 97 21.31 2.23 -0.86
C PRO A 97 22.13 1.78 -2.06
N SER A 98 22.19 2.62 -3.08
CA SER A 98 22.94 2.30 -4.29
C SER A 98 23.13 3.55 -5.16
N SER A 99 24.16 3.53 -5.99
CA SER A 99 24.46 4.65 -6.87
C SER A 99 23.21 5.07 -7.64
N GLY A 100 22.76 6.30 -7.39
CA GLY A 100 21.58 6.81 -8.07
C GLY A 100 21.81 8.17 -8.69
N GLY A 1 -9.10 -5.61 -24.65
CA GLY A 1 -9.87 -4.38 -24.55
C GLY A 1 -9.47 -3.56 -23.33
N SER A 2 -9.41 -2.24 -23.51
CA SER A 2 -9.04 -1.35 -22.42
C SER A 2 -10.20 -0.43 -22.05
N SER A 3 -9.98 0.41 -21.06
CA SER A 3 -11.02 1.34 -20.59
C SER A 3 -10.78 2.74 -21.17
N GLY A 4 -11.87 3.51 -21.29
CA GLY A 4 -11.76 4.85 -21.82
C GLY A 4 -13.07 5.61 -21.73
N SER A 5 -13.55 5.81 -20.52
CA SER A 5 -14.81 6.53 -20.30
C SER A 5 -14.54 7.97 -19.86
N SER A 6 -15.57 8.81 -19.96
CA SER A 6 -15.45 10.21 -19.58
C SER A 6 -16.59 10.62 -18.65
N GLY A 7 -16.32 10.58 -17.34
CA GLY A 7 -17.32 10.95 -16.37
C GLY A 7 -16.87 10.73 -14.94
N MET A 8 -16.97 11.77 -14.13
CA MET A 8 -16.56 11.69 -12.72
C MET A 8 -17.49 10.76 -11.94
N LYS A 9 -17.15 9.47 -11.93
CA LYS A 9 -17.95 8.48 -11.23
C LYS A 9 -17.23 7.99 -9.97
N THR A 10 -17.85 8.18 -8.82
CA THR A 10 -17.26 7.75 -7.56
C THR A 10 -17.34 6.24 -7.40
N ILE A 11 -16.39 5.53 -7.99
CA ILE A 11 -16.35 4.07 -7.91
C ILE A 11 -15.71 3.61 -6.60
N LEU A 12 -16.34 2.63 -5.96
CA LEU A 12 -15.83 2.10 -4.71
C LEU A 12 -15.03 0.82 -4.94
N SER A 13 -13.72 1.00 -5.17
CA SER A 13 -12.84 -0.14 -5.41
C SER A 13 -11.49 0.08 -4.75
N ASN A 14 -11.03 -0.91 -3.98
CA ASN A 14 -9.75 -0.82 -3.30
C ASN A 14 -8.98 -2.14 -3.41
N GLN A 15 -7.67 -2.07 -3.19
CA GLN A 15 -6.83 -3.26 -3.27
C GLN A 15 -6.42 -3.73 -1.88
N THR A 16 -6.04 -5.00 -1.78
CA THR A 16 -5.63 -5.57 -0.51
C THR A 16 -4.24 -6.19 -0.60
N VAL A 17 -3.48 -6.09 0.48
CA VAL A 17 -2.12 -6.63 0.52
C VAL A 17 -2.00 -7.74 1.57
N ASP A 18 -1.15 -8.71 1.30
CA ASP A 18 -0.94 -9.82 2.21
C ASP A 18 0.44 -9.74 2.86
N ILE A 19 0.48 -9.96 4.17
CA ILE A 19 1.74 -9.90 4.91
C ILE A 19 2.07 -11.26 5.53
N PRO A 20 3.35 -11.65 5.47
CA PRO A 20 3.82 -12.92 6.02
C PRO A 20 3.80 -12.94 7.54
N GLU A 21 4.41 -13.96 8.13
CA GLU A 21 4.46 -14.09 9.58
C GLU A 21 5.84 -13.70 10.12
N ASN A 22 6.86 -13.85 9.28
CA ASN A 22 8.22 -13.53 9.67
C ASN A 22 8.45 -12.02 9.62
N VAL A 23 7.40 -11.27 9.27
CA VAL A 23 7.50 -9.82 9.18
C VAL A 23 6.41 -9.16 10.03
N ASP A 24 6.75 -8.02 10.62
CA ASP A 24 5.80 -7.28 11.46
C ASP A 24 5.64 -5.85 10.96
N ILE A 25 4.40 -5.46 10.70
CA ILE A 25 4.12 -4.11 10.21
C ILE A 25 3.20 -3.37 11.17
N THR A 26 3.56 -2.14 11.50
CA THR A 26 2.78 -1.31 12.41
C THR A 26 2.06 -0.19 11.67
N LEU A 27 0.75 -0.10 11.87
CA LEU A 27 -0.05 0.92 11.21
C LEU A 27 -0.39 2.05 12.19
N LYS A 28 0.02 3.26 11.84
CA LYS A 28 -0.24 4.43 12.68
C LYS A 28 -0.82 5.58 11.86
N GLY A 29 -2.14 5.76 11.95
CA GLY A 29 -2.80 6.82 11.21
C GLY A 29 -2.62 6.67 9.72
N ARG A 30 -1.69 7.45 9.16
CA ARG A 30 -1.42 7.41 7.73
C ARG A 30 0.01 7.02 7.45
N THR A 31 0.66 6.39 8.44
CA THR A 31 2.04 5.96 8.29
C THR A 31 2.16 4.44 8.38
N VAL A 32 2.84 3.86 7.39
CA VAL A 32 3.02 2.41 7.34
C VAL A 32 4.43 2.02 7.74
N ILE A 33 4.56 1.30 8.85
CA ILE A 33 5.86 0.86 9.34
C ILE A 33 6.07 -0.64 9.10
N VAL A 34 7.18 -0.97 8.45
CA VAL A 34 7.49 -2.37 8.16
C VAL A 34 8.75 -2.81 8.89
N LYS A 35 8.68 -3.98 9.53
CA LYS A 35 9.82 -4.51 10.27
C LYS A 35 10.16 -5.92 9.80
N GLY A 36 11.39 -6.11 9.35
CA GLY A 36 11.83 -7.41 8.88
C GLY A 36 13.14 -7.84 9.49
N PRO A 37 13.45 -9.15 9.38
CA PRO A 37 14.68 -9.71 9.91
C PRO A 37 15.91 -9.26 9.15
N ARG A 38 15.71 -8.40 8.16
CA ARG A 38 16.80 -7.87 7.35
C ARG A 38 16.91 -6.36 7.48
N GLY A 39 15.92 -5.76 8.13
CA GLY A 39 15.92 -4.32 8.31
C GLY A 39 14.52 -3.76 8.55
N THR A 40 14.45 -2.50 8.95
CA THR A 40 13.18 -1.86 9.23
C THR A 40 12.95 -0.67 8.29
N LEU A 41 11.85 -0.72 7.55
CA LEU A 41 11.52 0.36 6.61
C LEU A 41 10.10 0.88 6.86
N ARG A 42 9.95 2.19 6.83
CA ARG A 42 8.64 2.81 7.05
C ARG A 42 8.36 3.86 5.99
N ARG A 43 7.08 4.16 5.79
CA ARG A 43 6.67 5.15 4.80
C ARG A 43 5.51 5.99 5.32
N ASP A 44 5.53 7.28 5.00
CA ASP A 44 4.47 8.19 5.43
C ASP A 44 3.68 8.71 4.23
N PHE A 45 2.37 8.53 4.27
CA PHE A 45 1.50 8.98 3.19
C PHE A 45 0.50 10.03 3.69
N ASN A 46 0.99 10.93 4.54
CA ASN A 46 0.14 11.98 5.10
C ASN A 46 -0.11 13.07 4.07
N HIS A 47 0.96 13.71 3.62
CA HIS A 47 0.85 14.79 2.62
C HIS A 47 -0.24 14.46 1.60
N ILE A 48 -0.42 13.19 1.33
CA ILE A 48 -1.43 12.75 0.37
C ILE A 48 -2.70 12.29 1.07
N ASN A 49 -3.85 12.72 0.55
CA ASN A 49 -5.14 12.36 1.13
C ASN A 49 -5.67 11.08 0.51
N VAL A 50 -5.18 9.93 0.98
CA VAL A 50 -5.61 8.65 0.45
C VAL A 50 -6.48 7.91 1.47
N GLU A 51 -6.94 6.72 1.10
CA GLU A 51 -7.78 5.92 1.98
C GLU A 51 -7.12 4.58 2.29
N LEU A 52 -7.11 4.21 3.57
CA LEU A 52 -6.51 2.95 4.00
C LEU A 52 -7.33 2.30 5.11
N SER A 53 -7.08 1.02 5.35
CA SER A 53 -7.80 0.29 6.38
C SER A 53 -7.03 -0.96 6.79
N LEU A 54 -7.41 -1.53 7.93
CA LEU A 54 -6.76 -2.74 8.45
C LEU A 54 -7.71 -3.93 8.40
N LEU A 55 -7.18 -5.09 8.02
CA LEU A 55 -7.98 -6.30 7.94
C LEU A 55 -7.20 -7.50 8.44
N GLY A 56 -7.74 -8.18 9.45
CA GLY A 56 -7.08 -9.35 10.01
C GLY A 56 -8.02 -10.52 10.21
N LYS A 57 -8.82 -10.82 9.18
CA LYS A 57 -9.77 -11.92 9.26
C LYS A 57 -9.07 -13.21 9.69
N LYS A 58 -7.96 -13.52 9.04
CA LYS A 58 -7.21 -14.73 9.37
C LYS A 58 -5.74 -14.40 9.63
N LYS A 59 -5.16 -13.56 8.77
CA LYS A 59 -3.77 -13.17 8.92
C LYS A 59 -3.62 -11.66 8.78
N LYS A 60 -2.44 -11.15 9.15
CA LYS A 60 -2.17 -9.72 9.06
C LYS A 60 -2.26 -9.23 7.63
N ARG A 61 -3.33 -8.53 7.31
CA ARG A 61 -3.53 -8.00 5.97
C ARG A 61 -3.77 -6.50 6.00
N LEU A 62 -3.30 -5.80 4.98
CA LEU A 62 -3.45 -4.35 4.90
C LEU A 62 -4.34 -3.97 3.72
N ARG A 63 -5.36 -3.15 4.00
CA ARG A 63 -6.28 -2.70 2.96
C ARG A 63 -5.87 -1.35 2.40
N VAL A 64 -5.59 -1.30 1.11
CA VAL A 64 -5.18 -0.08 0.45
C VAL A 64 -6.29 0.48 -0.43
N ASP A 65 -6.75 1.68 -0.11
CA ASP A 65 -7.81 2.32 -0.87
C ASP A 65 -7.32 3.58 -1.57
N LYS A 66 -7.42 3.60 -2.89
CA LYS A 66 -6.97 4.75 -3.68
C LYS A 66 -8.13 5.70 -3.95
N TRP A 67 -7.80 6.93 -4.34
CA TRP A 67 -8.81 7.94 -4.64
C TRP A 67 -9.92 7.36 -5.51
N TRP A 68 -10.97 8.15 -5.73
CA TRP A 68 -12.09 7.71 -6.54
C TRP A 68 -12.45 8.76 -7.59
N GLY A 69 -11.57 8.94 -8.56
CA GLY A 69 -11.81 9.92 -9.60
C GLY A 69 -11.06 9.60 -10.88
N ASN A 70 -10.22 10.54 -11.32
CA ASN A 70 -9.44 10.34 -12.55
C ASN A 70 -8.56 9.10 -12.45
N ARG A 71 -7.73 8.89 -13.45
CA ARG A 71 -6.83 7.74 -13.47
C ARG A 71 -5.64 7.96 -12.55
N LYS A 72 -5.69 9.03 -11.76
CA LYS A 72 -4.62 9.36 -10.83
C LYS A 72 -4.47 8.26 -9.78
N GLU A 73 -5.59 7.74 -9.29
CA GLU A 73 -5.57 6.70 -8.29
C GLU A 73 -4.78 5.49 -8.77
N LEU A 74 -4.77 5.28 -10.08
CA LEU A 74 -4.04 4.15 -10.67
C LEU A 74 -2.55 4.24 -10.37
N ALA A 75 -1.97 5.41 -10.61
CA ALA A 75 -0.56 5.63 -10.36
C ALA A 75 -0.24 5.53 -8.88
N THR A 76 -1.14 6.07 -8.05
CA THR A 76 -0.96 6.05 -6.60
C THR A 76 -0.96 4.61 -6.07
N VAL A 77 -1.83 3.78 -6.64
CA VAL A 77 -1.94 2.39 -6.23
C VAL A 77 -0.65 1.63 -6.52
N ARG A 78 -0.15 1.76 -7.74
CA ARG A 78 1.08 1.10 -8.15
C ARG A 78 2.26 1.57 -7.31
N THR A 79 2.21 2.82 -6.89
CA THR A 79 3.29 3.41 -6.08
C THR A 79 3.19 2.92 -4.64
N ILE A 80 2.01 3.03 -4.05
CA ILE A 80 1.80 2.61 -2.68
C ILE A 80 1.98 1.10 -2.53
N CYS A 81 1.34 0.34 -3.42
CA CYS A 81 1.44 -1.12 -3.40
C CYS A 81 2.88 -1.57 -3.64
N SER A 82 3.55 -0.93 -4.60
CA SER A 82 4.92 -1.28 -4.92
C SER A 82 5.86 -0.94 -3.76
N HIS A 83 5.59 0.18 -3.10
CA HIS A 83 6.41 0.61 -1.98
C HIS A 83 6.31 -0.36 -0.81
N VAL A 84 5.09 -0.75 -0.47
CA VAL A 84 4.85 -1.69 0.62
C VAL A 84 5.46 -3.06 0.31
N GLN A 85 5.18 -3.55 -0.89
CA GLN A 85 5.71 -4.85 -1.31
C GLN A 85 7.23 -4.84 -1.37
N ASN A 86 7.79 -3.73 -1.86
CA ASN A 86 9.24 -3.60 -1.97
C ASN A 86 9.88 -3.56 -0.58
N MET A 87 9.21 -2.92 0.37
CA MET A 87 9.71 -2.83 1.73
C MET A 87 9.84 -4.20 2.37
N ILE A 88 8.77 -4.99 2.26
CA ILE A 88 8.77 -6.33 2.83
C ILE A 88 9.90 -7.18 2.25
N LYS A 89 9.99 -7.23 0.93
CA LYS A 89 11.02 -8.00 0.26
C LYS A 89 12.42 -7.51 0.67
N GLY A 90 12.57 -6.19 0.75
CA GLY A 90 13.85 -5.62 1.14
C GLY A 90 14.23 -5.95 2.56
N VAL A 91 13.24 -5.98 3.45
CA VAL A 91 13.48 -6.28 4.86
C VAL A 91 13.48 -7.78 5.10
N THR A 92 13.12 -8.55 4.07
CA THR A 92 13.08 -10.00 4.17
C THR A 92 14.09 -10.64 3.22
N LEU A 93 14.62 -9.85 2.30
CA LEU A 93 15.60 -10.35 1.34
C LEU A 93 16.95 -9.66 1.53
N GLY A 94 16.91 -8.35 1.76
CA GLY A 94 18.14 -7.59 1.96
C GLY A 94 18.35 -6.54 0.89
N SER A 95 17.28 -5.81 0.57
CA SER A 95 17.36 -4.76 -0.45
C SER A 95 17.41 -3.38 0.20
N GLY A 96 17.52 -2.35 -0.63
CA GLY A 96 17.57 -0.98 -0.13
C GLY A 96 16.86 0.00 -1.04
N PRO A 97 17.63 0.62 -1.95
CA PRO A 97 17.09 1.59 -2.91
C PRO A 97 16.19 0.95 -3.96
N SER A 98 15.29 1.76 -4.53
CA SER A 98 14.37 1.26 -5.55
C SER A 98 15.06 1.16 -6.90
N SER A 99 14.91 0.01 -7.56
CA SER A 99 15.51 -0.21 -8.87
C SER A 99 14.66 0.40 -9.98
N GLY A 100 15.05 1.58 -10.45
CA GLY A 100 14.31 2.25 -11.51
C GLY A 100 12.82 2.24 -11.26
N GLY A 1 -7.06 -5.59 -20.82
CA GLY A 1 -8.18 -6.18 -20.11
C GLY A 1 -9.52 -5.70 -20.64
N SER A 2 -10.60 -6.11 -19.98
CA SER A 2 -11.94 -5.72 -20.40
C SER A 2 -12.05 -4.20 -20.54
N SER A 3 -13.07 -3.76 -21.25
CA SER A 3 -13.29 -2.33 -21.46
C SER A 3 -13.16 -1.56 -20.15
N GLY A 4 -12.42 -0.45 -20.19
CA GLY A 4 -12.23 0.36 -19.00
C GLY A 4 -13.44 1.24 -18.69
N SER A 5 -13.17 2.45 -18.23
CA SER A 5 -14.24 3.39 -17.89
C SER A 5 -14.15 4.65 -18.73
N SER A 6 -15.12 5.54 -18.58
CA SER A 6 -15.15 6.79 -19.32
C SER A 6 -16.07 7.81 -18.65
N GLY A 7 -15.80 9.09 -18.89
CA GLY A 7 -16.61 10.14 -18.30
C GLY A 7 -16.44 10.23 -16.79
N MET A 8 -17.27 11.03 -16.14
CA MET A 8 -17.21 11.21 -14.71
C MET A 8 -18.02 10.13 -13.98
N LYS A 9 -17.32 9.17 -13.39
CA LYS A 9 -17.97 8.09 -12.67
C LYS A 9 -17.28 7.83 -11.33
N THR A 10 -17.94 7.07 -10.47
CA THR A 10 -17.39 6.75 -9.15
C THR A 10 -16.79 5.35 -9.14
N ILE A 11 -16.24 4.93 -10.28
CA ILE A 11 -15.63 3.62 -10.40
C ILE A 11 -14.48 3.45 -9.40
N LEU A 12 -14.84 3.19 -8.14
CA LEU A 12 -13.84 3.00 -7.09
C LEU A 12 -12.99 1.76 -7.35
N SER A 13 -11.69 1.89 -7.11
CA SER A 13 -10.77 0.78 -7.32
C SER A 13 -9.69 0.76 -6.24
N ASN A 14 -9.73 -0.25 -5.38
CA ASN A 14 -8.76 -0.38 -4.30
C ASN A 14 -8.07 -1.74 -4.37
N GLN A 15 -6.93 -1.84 -3.69
CA GLN A 15 -6.17 -3.09 -3.67
C GLN A 15 -5.82 -3.49 -2.24
N THR A 16 -5.52 -4.77 -2.04
CA THR A 16 -5.17 -5.28 -0.73
C THR A 16 -3.76 -5.84 -0.71
N VAL A 17 -3.09 -5.74 0.43
CA VAL A 17 -1.73 -6.24 0.59
C VAL A 17 -1.68 -7.40 1.57
N ASP A 18 -0.75 -8.33 1.32
CA ASP A 18 -0.60 -9.49 2.19
C ASP A 18 0.71 -9.41 2.98
N ILE A 19 0.67 -9.87 4.22
CA ILE A 19 1.85 -9.86 5.08
C ILE A 19 2.16 -11.24 5.62
N PRO A 20 3.44 -11.64 5.53
CA PRO A 20 3.90 -12.94 6.01
C PRO A 20 3.87 -13.05 7.54
N GLU A 21 4.33 -14.18 8.06
CA GLU A 21 4.35 -14.39 9.50
C GLU A 21 5.73 -14.08 10.08
N ASN A 22 6.71 -13.93 9.19
CA ASN A 22 8.08 -13.62 9.61
C ASN A 22 8.34 -12.12 9.56
N VAL A 23 7.30 -11.35 9.26
CA VAL A 23 7.41 -9.90 9.18
C VAL A 23 6.33 -9.21 10.01
N ASP A 24 6.70 -8.13 10.68
CA ASP A 24 5.77 -7.38 11.51
C ASP A 24 5.62 -5.95 11.01
N ILE A 25 4.38 -5.54 10.75
CA ILE A 25 4.11 -4.20 10.27
C ILE A 25 3.18 -3.45 11.21
N THR A 26 3.54 -2.22 11.54
CA THR A 26 2.73 -1.41 12.44
C THR A 26 2.09 -0.23 11.70
N LEU A 27 0.77 -0.11 11.82
CA LEU A 27 0.05 0.97 11.15
C LEU A 27 -0.36 2.04 12.15
N LYS A 28 0.08 3.27 11.91
CA LYS A 28 -0.24 4.39 12.78
C LYS A 28 -0.79 5.57 11.98
N GLY A 29 -2.12 5.69 11.96
CA GLY A 29 -2.75 6.77 11.23
C GLY A 29 -2.61 6.62 9.72
N ARG A 30 -1.67 7.37 9.15
CA ARG A 30 -1.44 7.32 7.71
C ARG A 30 0.00 6.90 7.40
N THR A 31 0.66 6.31 8.39
CA THR A 31 2.04 5.87 8.23
C THR A 31 2.15 4.36 8.34
N VAL A 32 2.80 3.74 7.35
CA VAL A 32 2.97 2.29 7.34
C VAL A 32 4.40 1.90 7.71
N ILE A 33 4.55 1.20 8.83
CA ILE A 33 5.86 0.76 9.28
C ILE A 33 6.06 -0.73 9.05
N VAL A 34 7.19 -1.09 8.46
CA VAL A 34 7.51 -2.48 8.18
C VAL A 34 8.77 -2.92 8.91
N LYS A 35 8.71 -4.07 9.57
CA LYS A 35 9.84 -4.60 10.30
C LYS A 35 10.19 -6.01 9.83
N GLY A 36 11.43 -6.18 9.36
CA GLY A 36 11.86 -7.47 8.88
C GLY A 36 13.16 -7.92 9.53
N PRO A 37 13.46 -9.23 9.41
CA PRO A 37 14.68 -9.81 9.99
C PRO A 37 15.94 -9.35 9.26
N ARG A 38 15.76 -8.50 8.25
CA ARG A 38 16.88 -7.98 7.47
C ARG A 38 16.96 -6.47 7.58
N GLY A 39 16.03 -5.88 8.33
CA GLY A 39 16.02 -4.44 8.50
C GLY A 39 14.64 -3.90 8.77
N THR A 40 14.54 -2.59 9.03
CA THR A 40 13.27 -1.96 9.30
C THR A 40 13.02 -0.78 8.36
N LEU A 41 11.92 -0.83 7.63
CA LEU A 41 11.58 0.23 6.69
C LEU A 41 10.15 0.72 6.92
N ARG A 42 9.96 2.03 6.91
CA ARG A 42 8.65 2.63 7.12
C ARG A 42 8.46 3.86 6.22
N ARG A 43 7.21 4.17 5.91
CA ARG A 43 6.90 5.31 5.07
C ARG A 43 5.68 6.07 5.61
N ASP A 44 5.75 7.39 5.57
CA ASP A 44 4.66 8.23 6.05
C ASP A 44 3.86 8.80 4.88
N PHE A 45 2.54 8.61 4.94
CA PHE A 45 1.66 9.11 3.88
C PHE A 45 0.63 10.08 4.45
N ASN A 46 1.10 11.02 5.28
CA ASN A 46 0.22 12.01 5.87
C ASN A 46 0.11 13.25 5.00
N HIS A 47 1.05 13.38 4.06
CA HIS A 47 1.05 14.53 3.15
C HIS A 47 0.19 14.25 1.92
N ILE A 48 -0.55 13.15 1.97
CA ILE A 48 -1.43 12.78 0.86
C ILE A 48 -2.81 12.38 1.37
N ASN A 49 -3.84 12.77 0.61
CA ASN A 49 -5.22 12.46 0.99
C ASN A 49 -5.70 11.20 0.27
N VAL A 50 -5.86 10.12 1.02
CA VAL A 50 -6.32 8.85 0.47
C VAL A 50 -7.13 8.06 1.48
N GLU A 51 -7.52 6.84 1.12
CA GLU A 51 -8.30 5.98 2.00
C GLU A 51 -7.51 4.72 2.37
N LEU A 52 -7.52 4.39 3.65
CA LEU A 52 -6.80 3.21 4.14
C LEU A 52 -7.60 2.51 5.23
N SER A 53 -7.34 1.22 5.41
CA SER A 53 -8.04 0.43 6.43
C SER A 53 -7.19 -0.77 6.85
N LEU A 54 -7.62 -1.43 7.92
CA LEU A 54 -6.91 -2.59 8.43
C LEU A 54 -7.76 -3.85 8.30
N LEU A 55 -7.14 -4.94 7.87
CA LEU A 55 -7.83 -6.21 7.70
C LEU A 55 -7.16 -7.31 8.51
N GLY A 56 -7.96 -8.05 9.28
CA GLY A 56 -7.43 -9.12 10.10
C GLY A 56 -8.34 -10.33 10.12
N LYS A 57 -8.69 -10.82 8.93
CA LYS A 57 -9.55 -11.99 8.81
C LYS A 57 -8.82 -13.25 9.25
N LYS A 58 -7.66 -13.51 8.63
CA LYS A 58 -6.87 -14.68 8.96
C LYS A 58 -5.46 -14.28 9.38
N LYS A 59 -4.87 -13.36 8.62
CA LYS A 59 -3.52 -12.89 8.91
C LYS A 59 -3.42 -11.37 8.72
N LYS A 60 -2.25 -10.82 9.03
CA LYS A 60 -2.02 -9.39 8.89
C LYS A 60 -2.22 -8.95 7.44
N ARG A 61 -3.26 -8.16 7.20
CA ARG A 61 -3.55 -7.67 5.86
C ARG A 61 -3.77 -6.15 5.87
N LEU A 62 -3.26 -5.49 4.84
CA LEU A 62 -3.40 -4.03 4.73
C LEU A 62 -4.31 -3.67 3.56
N ARG A 63 -5.27 -2.78 3.81
CA ARG A 63 -6.20 -2.34 2.78
C ARG A 63 -5.81 -0.97 2.25
N VAL A 64 -5.55 -0.89 0.95
CA VAL A 64 -5.17 0.37 0.32
C VAL A 64 -6.31 0.92 -0.53
N ASP A 65 -6.75 2.12 -0.21
CA ASP A 65 -7.83 2.78 -0.94
C ASP A 65 -7.43 4.19 -1.36
N LYS A 66 -8.08 4.69 -2.41
CA LYS A 66 -7.79 6.02 -2.91
C LYS A 66 -9.03 6.64 -3.55
N TRP A 67 -8.96 7.93 -3.87
CA TRP A 67 -10.07 8.63 -4.49
C TRP A 67 -10.78 7.75 -5.52
N TRP A 68 -12.09 7.65 -5.40
CA TRP A 68 -12.87 6.84 -6.32
C TRP A 68 -13.44 7.69 -7.45
N GLY A 69 -12.76 7.69 -8.59
CA GLY A 69 -13.22 8.47 -9.73
C GLY A 69 -12.55 8.05 -11.02
N ASN A 70 -11.62 8.88 -11.50
CA ASN A 70 -10.90 8.58 -12.74
C ASN A 70 -10.01 7.36 -12.58
N ARG A 71 -9.35 6.96 -13.66
CA ARG A 71 -8.47 5.81 -13.64
C ARG A 71 -7.08 6.20 -13.13
N LYS A 72 -7.01 7.32 -12.42
CA LYS A 72 -5.75 7.81 -11.89
C LYS A 72 -5.33 6.99 -10.67
N GLU A 73 -6.31 6.57 -9.88
CA GLU A 73 -6.04 5.78 -8.68
C GLU A 73 -5.27 4.51 -9.03
N LEU A 74 -5.45 4.03 -10.25
CA LEU A 74 -4.77 2.82 -10.71
C LEU A 74 -3.25 2.99 -10.64
N ALA A 75 -2.76 4.09 -11.19
CA ALA A 75 -1.34 4.37 -11.19
C ALA A 75 -0.83 4.66 -9.79
N THR A 76 -1.61 5.45 -9.04
CA THR A 76 -1.24 5.80 -7.67
C THR A 76 -1.19 4.56 -6.78
N VAL A 77 -2.14 3.66 -6.98
CA VAL A 77 -2.20 2.43 -6.19
C VAL A 77 -0.99 1.54 -6.46
N ARG A 78 -0.62 1.42 -7.73
CA ARG A 78 0.52 0.60 -8.12
C ARG A 78 1.81 1.13 -7.49
N THR A 79 1.94 2.45 -7.45
CA THR A 79 3.12 3.08 -6.87
C THR A 79 3.21 2.84 -5.38
N ILE A 80 2.12 3.12 -4.67
CA ILE A 80 2.06 2.93 -3.22
C ILE A 80 2.20 1.45 -2.86
N CYS A 81 1.44 0.61 -3.55
CA CYS A 81 1.48 -0.83 -3.30
C CYS A 81 2.89 -1.38 -3.51
N SER A 82 3.55 -0.91 -4.56
CA SER A 82 4.90 -1.36 -4.88
C SER A 82 5.88 -0.96 -3.77
N HIS A 83 5.68 0.23 -3.22
CA HIS A 83 6.54 0.73 -2.16
C HIS A 83 6.48 -0.18 -0.94
N VAL A 84 5.26 -0.53 -0.52
CA VAL A 84 5.07 -1.39 0.64
C VAL A 84 5.65 -2.78 0.39
N GLN A 85 5.30 -3.36 -0.75
CA GLN A 85 5.79 -4.69 -1.11
C GLN A 85 7.31 -4.70 -1.21
N ASN A 86 7.87 -3.65 -1.81
CA ASN A 86 9.31 -3.54 -1.97
C ASN A 86 10.01 -3.48 -0.62
N MET A 87 9.38 -2.80 0.33
CA MET A 87 9.93 -2.66 1.67
C MET A 87 10.03 -4.02 2.36
N ILE A 88 8.96 -4.80 2.29
CA ILE A 88 8.92 -6.11 2.91
C ILE A 88 10.00 -7.03 2.32
N LYS A 89 10.02 -7.12 0.99
CA LYS A 89 11.00 -7.95 0.31
C LYS A 89 12.42 -7.51 0.65
N GLY A 90 12.61 -6.21 0.85
CA GLY A 90 13.91 -5.69 1.18
C GLY A 90 14.35 -6.06 2.58
N VAL A 91 13.40 -6.04 3.51
CA VAL A 91 13.69 -6.37 4.91
C VAL A 91 13.65 -7.87 5.13
N THR A 92 13.20 -8.61 4.12
CA THR A 92 13.11 -10.06 4.21
C THR A 92 14.08 -10.73 3.25
N LEU A 93 14.60 -9.96 2.29
CA LEU A 93 15.53 -10.47 1.31
C LEU A 93 16.84 -9.68 1.34
N GLY A 94 17.21 -9.22 2.53
CA GLY A 94 18.45 -8.46 2.67
C GLY A 94 18.50 -7.28 1.72
N SER A 95 18.08 -6.11 2.21
CA SER A 95 18.09 -4.90 1.39
C SER A 95 17.67 -3.69 2.23
N GLY A 96 18.48 -2.63 2.18
CA GLY A 96 18.19 -1.43 2.93
C GLY A 96 19.43 -0.81 3.52
N PRO A 97 19.25 0.32 4.23
CA PRO A 97 20.36 1.04 4.87
C PRO A 97 20.95 0.27 6.05
N SER A 98 22.00 0.82 6.64
CA SER A 98 22.67 0.18 7.78
C SER A 98 22.32 0.90 9.07
N SER A 99 21.68 0.18 10.00
CA SER A 99 21.30 0.75 11.28
C SER A 99 21.23 -0.34 12.35
N GLY A 100 21.63 0.02 13.57
CA GLY A 100 21.61 -0.92 14.67
C GLY A 100 21.88 -0.27 16.01
N GLY A 1 -19.28 0.71 -26.78
CA GLY A 1 -18.06 1.49 -26.63
C GLY A 1 -18.26 2.94 -27.02
N SER A 2 -17.99 3.84 -26.08
CA SER A 2 -18.14 5.27 -26.33
C SER A 2 -16.97 6.05 -25.76
N SER A 3 -16.48 7.02 -26.52
CA SER A 3 -15.35 7.84 -26.09
C SER A 3 -15.83 9.20 -25.60
N GLY A 4 -15.40 9.58 -24.40
CA GLY A 4 -15.79 10.87 -23.85
C GLY A 4 -17.23 10.88 -23.35
N SER A 5 -17.51 10.08 -22.33
CA SER A 5 -18.85 9.99 -21.77
C SER A 5 -18.87 10.45 -20.31
N SER A 6 -20.06 10.61 -19.76
CA SER A 6 -20.22 11.04 -18.39
C SER A 6 -20.68 9.89 -17.50
N GLY A 7 -20.36 9.99 -16.21
CA GLY A 7 -20.74 8.94 -15.27
C GLY A 7 -20.15 9.16 -13.89
N MET A 8 -20.73 10.07 -13.13
CA MET A 8 -20.25 10.37 -11.78
C MET A 8 -20.61 9.25 -10.82
N LYS A 9 -19.82 8.17 -10.84
CA LYS A 9 -20.05 7.03 -9.97
C LYS A 9 -19.17 7.10 -8.73
N THR A 10 -19.79 7.02 -7.56
CA THR A 10 -19.06 7.08 -6.30
C THR A 10 -18.29 5.78 -6.06
N ILE A 11 -19.00 4.66 -6.07
CA ILE A 11 -18.38 3.36 -5.85
C ILE A 11 -17.01 3.28 -6.53
N LEU A 12 -16.18 2.36 -6.06
CA LEU A 12 -14.85 2.18 -6.63
C LEU A 12 -14.28 0.81 -6.26
N SER A 13 -13.07 0.54 -6.73
CA SER A 13 -12.42 -0.74 -6.45
C SER A 13 -11.41 -0.59 -5.31
N ASN A 14 -11.30 -1.64 -4.49
CA ASN A 14 -10.37 -1.63 -3.36
C ASN A 14 -9.35 -2.76 -3.48
N GLN A 15 -8.09 -2.43 -3.25
CA GLN A 15 -7.02 -3.41 -3.33
C GLN A 15 -6.65 -3.94 -1.94
N THR A 16 -6.09 -5.14 -1.91
CA THR A 16 -5.70 -5.75 -0.65
C THR A 16 -4.29 -6.32 -0.72
N VAL A 17 -3.54 -6.19 0.38
CA VAL A 17 -2.17 -6.69 0.43
C VAL A 17 -2.02 -7.78 1.49
N ASP A 18 -1.13 -8.74 1.23
CA ASP A 18 -0.90 -9.83 2.15
C ASP A 18 0.47 -9.71 2.80
N ILE A 19 0.56 -10.08 4.08
CA ILE A 19 1.82 -10.01 4.82
C ILE A 19 2.12 -11.33 5.50
N PRO A 20 3.40 -11.74 5.45
CA PRO A 20 3.86 -12.99 6.07
C PRO A 20 3.83 -12.93 7.59
N GLU A 21 4.39 -13.95 8.23
CA GLU A 21 4.44 -14.02 9.68
C GLU A 21 5.82 -13.64 10.20
N ASN A 22 6.84 -13.86 9.38
CA ASN A 22 8.21 -13.54 9.76
C ASN A 22 8.45 -12.04 9.68
N VAL A 23 7.41 -11.29 9.34
CA VAL A 23 7.52 -9.84 9.24
C VAL A 23 6.46 -9.14 10.08
N ASP A 24 6.84 -8.04 10.71
CA ASP A 24 5.91 -7.28 11.55
C ASP A 24 5.72 -5.87 11.01
N ILE A 25 4.47 -5.48 10.80
CA ILE A 25 4.15 -4.16 10.28
C ILE A 25 3.21 -3.41 11.23
N THR A 26 3.49 -2.13 11.45
CA THR A 26 2.68 -1.31 12.32
C THR A 26 2.05 -0.15 11.56
N LEU A 27 0.72 -0.06 11.60
CA LEU A 27 0.00 1.00 10.91
C LEU A 27 -0.40 2.11 11.89
N LYS A 28 0.08 3.31 11.64
CA LYS A 28 -0.23 4.46 12.49
C LYS A 28 -0.74 5.63 11.66
N GLY A 29 -2.06 5.80 11.63
CA GLY A 29 -2.65 6.89 10.88
C GLY A 29 -2.39 6.77 9.39
N ARG A 30 -1.53 7.65 8.87
CA ARG A 30 -1.19 7.63 7.45
C ARG A 30 0.26 7.21 7.24
N THR A 31 0.82 6.53 8.23
CA THR A 31 2.19 6.06 8.16
C THR A 31 2.27 4.54 8.27
N VAL A 32 2.92 3.91 7.29
CA VAL A 32 3.06 2.46 7.28
C VAL A 32 4.47 2.04 7.66
N ILE A 33 4.59 1.31 8.78
CA ILE A 33 5.87 0.85 9.26
C ILE A 33 6.05 -0.64 9.01
N VAL A 34 7.20 -1.01 8.45
CA VAL A 34 7.49 -2.41 8.16
C VAL A 34 8.79 -2.85 8.83
N LYS A 35 8.74 -3.99 9.52
CA LYS A 35 9.90 -4.52 10.21
C LYS A 35 10.23 -5.93 9.72
N GLY A 36 11.50 -6.15 9.35
CA GLY A 36 11.91 -7.45 8.86
C GLY A 36 13.21 -7.91 9.49
N PRO A 37 13.50 -9.21 9.37
CA PRO A 37 14.72 -9.80 9.92
C PRO A 37 15.98 -9.35 9.18
N ARG A 38 15.80 -8.46 8.20
CA ARG A 38 16.91 -7.96 7.42
C ARG A 38 17.02 -6.44 7.56
N GLY A 39 16.05 -5.84 8.24
CA GLY A 39 16.05 -4.40 8.43
C GLY A 39 14.67 -3.84 8.69
N THR A 40 14.59 -2.55 8.96
CA THR A 40 13.32 -1.89 9.23
C THR A 40 13.08 -0.74 8.27
N LEU A 41 11.94 -0.79 7.58
CA LEU A 41 11.58 0.26 6.62
C LEU A 41 10.18 0.78 6.88
N ARG A 42 10.02 2.10 6.81
CA ARG A 42 8.72 2.72 7.02
C ARG A 42 8.45 3.81 5.98
N ARG A 43 7.18 4.13 5.79
CA ARG A 43 6.78 5.15 4.83
C ARG A 43 5.62 5.98 5.36
N ASP A 44 5.62 7.26 5.04
CA ASP A 44 4.56 8.17 5.48
C ASP A 44 3.82 8.76 4.28
N PHE A 45 2.49 8.61 4.28
CA PHE A 45 1.67 9.12 3.20
C PHE A 45 0.65 10.13 3.73
N ASN A 46 1.11 11.05 4.57
CA ASN A 46 0.24 12.07 5.14
C ASN A 46 -0.04 13.18 4.14
N HIS A 47 0.99 13.57 3.39
CA HIS A 47 0.86 14.62 2.39
C HIS A 47 -0.06 14.19 1.26
N ILE A 48 -0.34 12.90 1.21
CA ILE A 48 -1.22 12.35 0.17
C ILE A 48 -2.58 11.98 0.74
N ASN A 49 -3.63 12.28 -0.02
CA ASN A 49 -4.99 11.97 0.41
C ASN A 49 -5.45 10.63 -0.16
N VAL A 50 -5.66 9.66 0.73
CA VAL A 50 -6.11 8.34 0.32
C VAL A 50 -6.89 7.64 1.44
N GLU A 51 -7.41 6.47 1.14
CA GLU A 51 -8.19 5.70 2.11
C GLU A 51 -7.49 4.39 2.45
N LEU A 52 -7.43 4.07 3.73
CA LEU A 52 -6.79 2.84 4.19
C LEU A 52 -7.63 2.16 5.27
N SER A 53 -7.35 0.88 5.50
CA SER A 53 -8.08 0.12 6.51
C SER A 53 -7.28 -1.12 6.93
N LEU A 54 -7.46 -1.54 8.18
CA LEU A 54 -6.77 -2.70 8.70
C LEU A 54 -7.68 -3.94 8.68
N LEU A 55 -7.17 -5.02 8.10
CA LEU A 55 -7.93 -6.26 8.01
C LEU A 55 -7.23 -7.39 8.78
N GLY A 56 -8.01 -8.17 9.51
CA GLY A 56 -7.45 -9.27 10.28
C GLY A 56 -8.41 -10.44 10.39
N LYS A 57 -8.67 -11.11 9.28
CA LYS A 57 -9.57 -12.25 9.26
C LYS A 57 -8.82 -13.55 9.55
N LYS A 58 -7.68 -13.73 8.89
CA LYS A 58 -6.87 -14.92 9.07
C LYS A 58 -5.41 -14.55 9.30
N LYS A 59 -4.92 -13.59 8.53
CA LYS A 59 -3.54 -13.13 8.64
C LYS A 59 -3.44 -11.63 8.42
N LYS A 60 -2.55 -10.98 9.16
CA LYS A 60 -2.35 -9.54 9.05
C LYS A 60 -2.38 -9.10 7.58
N ARG A 61 -3.43 -8.40 7.19
CA ARG A 61 -3.57 -7.92 5.82
C ARG A 61 -3.87 -6.42 5.80
N LEU A 62 -3.37 -5.75 4.78
CA LEU A 62 -3.57 -4.31 4.63
C LEU A 62 -4.54 -4.00 3.50
N ARG A 63 -5.53 -3.16 3.77
CA ARG A 63 -6.52 -2.79 2.78
C ARG A 63 -6.26 -1.39 2.24
N VAL A 64 -6.00 -1.29 0.94
CA VAL A 64 -5.73 -0.01 0.30
C VAL A 64 -6.94 0.48 -0.48
N ASP A 65 -7.42 1.67 -0.12
CA ASP A 65 -8.58 2.25 -0.80
C ASP A 65 -8.17 3.42 -1.67
N LYS A 66 -8.45 3.32 -2.97
CA LYS A 66 -8.10 4.36 -3.92
C LYS A 66 -9.15 5.48 -3.91
N TRP A 67 -8.81 6.62 -4.50
CA TRP A 67 -9.72 7.75 -4.56
C TRP A 67 -11.07 7.34 -5.15
N TRP A 68 -12.01 8.27 -5.16
CA TRP A 68 -13.34 8.01 -5.69
C TRP A 68 -13.67 8.98 -6.83
N GLY A 69 -12.69 9.22 -7.69
CA GLY A 69 -12.90 10.13 -8.81
C GLY A 69 -11.80 10.03 -9.84
N ASN A 70 -11.09 11.13 -10.06
CA ASN A 70 -10.00 11.16 -11.03
C ASN A 70 -9.26 9.83 -11.07
N ARG A 71 -8.67 9.52 -12.22
CA ARG A 71 -7.93 8.28 -12.38
C ARG A 71 -6.49 8.43 -11.88
N LYS A 72 -6.28 9.40 -11.00
CA LYS A 72 -4.95 9.66 -10.43
C LYS A 72 -4.59 8.59 -9.41
N GLU A 73 -5.60 8.07 -8.72
CA GLU A 73 -5.38 7.04 -7.71
C GLU A 73 -4.66 5.83 -8.30
N LEU A 74 -4.79 5.66 -9.62
CA LEU A 74 -4.17 4.55 -10.32
C LEU A 74 -2.65 4.58 -10.13
N ALA A 75 -2.05 5.74 -10.39
CA ALA A 75 -0.61 5.89 -10.24
C ALA A 75 -0.21 5.92 -8.77
N THR A 76 -0.97 6.64 -7.96
CA THR A 76 -0.69 6.73 -6.53
C THR A 76 -0.76 5.37 -5.86
N VAL A 77 -1.73 4.57 -6.27
CA VAL A 77 -1.91 3.23 -5.71
C VAL A 77 -0.76 2.31 -6.10
N ARG A 78 -0.41 2.32 -7.38
CA ARG A 78 0.68 1.49 -7.87
C ARG A 78 1.97 1.76 -7.11
N THR A 79 2.20 3.03 -6.77
CA THR A 79 3.39 3.42 -6.04
C THR A 79 3.34 2.94 -4.60
N ILE A 80 2.16 3.05 -3.99
CA ILE A 80 1.97 2.63 -2.61
C ILE A 80 2.11 1.12 -2.47
N CYS A 81 1.43 0.39 -3.35
CA CYS A 81 1.47 -1.07 -3.33
C CYS A 81 2.89 -1.58 -3.56
N SER A 82 3.59 -0.97 -4.52
CA SER A 82 4.96 -1.36 -4.83
C SER A 82 5.89 -1.05 -3.66
N HIS A 83 5.67 0.08 -3.01
CA HIS A 83 6.50 0.48 -1.87
C HIS A 83 6.38 -0.53 -0.74
N VAL A 84 5.15 -0.90 -0.40
CA VAL A 84 4.90 -1.86 0.68
C VAL A 84 5.53 -3.21 0.35
N GLN A 85 5.28 -3.69 -0.85
CA GLN A 85 5.82 -4.98 -1.29
C GLN A 85 7.35 -4.95 -1.32
N ASN A 86 7.91 -3.85 -1.81
CA ASN A 86 9.34 -3.69 -1.89
C ASN A 86 9.97 -3.62 -0.50
N MET A 87 9.27 -2.96 0.41
CA MET A 87 9.76 -2.82 1.78
C MET A 87 9.90 -4.19 2.45
N ILE A 88 8.88 -5.02 2.29
CA ILE A 88 8.89 -6.36 2.88
C ILE A 88 10.04 -7.20 2.32
N LYS A 89 10.16 -7.21 0.99
CA LYS A 89 11.21 -7.97 0.33
C LYS A 89 12.59 -7.43 0.70
N GLY A 90 12.67 -6.11 0.88
CA GLY A 90 13.94 -5.49 1.23
C GLY A 90 14.34 -5.78 2.65
N VAL A 91 13.36 -6.04 3.52
CA VAL A 91 13.63 -6.35 4.91
C VAL A 91 13.60 -7.85 5.18
N THR A 92 13.20 -8.60 4.16
CA THR A 92 13.12 -10.05 4.28
C THR A 92 14.16 -10.73 3.39
N LEU A 93 14.65 -10.00 2.39
CA LEU A 93 15.65 -10.52 1.47
C LEU A 93 16.92 -9.70 1.51
N GLY A 94 17.98 -10.27 2.08
CA GLY A 94 19.24 -9.56 2.18
C GLY A 94 20.23 -10.01 1.12
N SER A 95 20.49 -11.31 1.06
CA SER A 95 21.43 -11.86 0.09
C SER A 95 20.87 -11.77 -1.33
N GLY A 96 20.91 -10.58 -1.90
CA GLY A 96 20.39 -10.38 -3.24
C GLY A 96 20.98 -9.15 -3.92
N PRO A 97 20.35 -8.72 -5.01
CA PRO A 97 20.80 -7.55 -5.77
C PRO A 97 20.59 -6.24 -5.01
N SER A 98 21.63 -5.78 -4.32
CA SER A 98 21.54 -4.55 -3.55
C SER A 98 20.20 -4.44 -2.83
N SER A 99 19.75 -5.54 -2.24
CA SER A 99 18.48 -5.57 -1.53
C SER A 99 18.61 -4.92 -0.15
N GLY A 100 17.90 -3.81 0.03
CA GLY A 100 17.95 -3.11 1.31
C GLY A 100 18.17 -1.62 1.13
N GLY A 1 -9.89 -3.55 -24.36
CA GLY A 1 -11.04 -2.73 -23.98
C GLY A 1 -10.65 -1.42 -23.35
N SER A 2 -11.57 -0.46 -23.36
CA SER A 2 -11.31 0.85 -22.79
C SER A 2 -12.60 1.67 -22.69
N SER A 3 -12.95 2.07 -21.48
CA SER A 3 -14.16 2.85 -21.25
C SER A 3 -14.06 4.20 -21.95
N GLY A 4 -15.15 4.60 -22.61
CA GLY A 4 -15.17 5.87 -23.31
C GLY A 4 -15.68 7.00 -22.44
N SER A 5 -16.95 6.92 -22.04
CA SER A 5 -17.55 7.95 -21.21
C SER A 5 -17.01 7.89 -19.78
N SER A 6 -16.54 9.02 -19.28
CA SER A 6 -15.99 9.09 -17.94
C SER A 6 -17.09 9.10 -16.89
N GLY A 7 -16.93 8.28 -15.86
CA GLY A 7 -17.93 8.21 -14.81
C GLY A 7 -17.96 9.46 -13.94
N MET A 8 -19.03 9.63 -13.19
CA MET A 8 -19.19 10.79 -12.33
C MET A 8 -19.52 10.36 -10.89
N LYS A 9 -19.53 9.05 -10.66
CA LYS A 9 -19.83 8.51 -9.34
C LYS A 9 -18.60 7.86 -8.72
N THR A 10 -18.71 7.46 -7.46
CA THR A 10 -17.60 6.83 -6.75
C THR A 10 -17.70 5.31 -6.83
N ILE A 11 -17.50 4.78 -8.03
CA ILE A 11 -17.56 3.33 -8.24
C ILE A 11 -16.22 2.80 -8.73
N LEU A 12 -15.54 2.04 -7.87
CA LEU A 12 -14.25 1.47 -8.22
C LEU A 12 -13.93 0.28 -7.31
N SER A 13 -12.75 -0.32 -7.52
CA SER A 13 -12.33 -1.45 -6.72
C SER A 13 -11.27 -1.05 -5.71
N ASN A 14 -10.84 -2.01 -4.90
CA ASN A 14 -9.82 -1.75 -3.88
C ASN A 14 -8.73 -2.80 -3.93
N GLN A 15 -7.54 -2.43 -3.45
CA GLN A 15 -6.40 -3.34 -3.44
C GLN A 15 -6.00 -3.69 -2.02
N THR A 16 -5.67 -4.96 -1.79
CA THR A 16 -5.26 -5.42 -0.47
C THR A 16 -3.86 -6.02 -0.50
N VAL A 17 -3.19 -6.02 0.65
CA VAL A 17 -1.84 -6.56 0.75
C VAL A 17 -1.77 -7.67 1.80
N ASP A 18 -0.89 -8.64 1.57
CA ASP A 18 -0.73 -9.76 2.49
C ASP A 18 0.61 -9.67 3.21
N ILE A 19 0.63 -10.08 4.47
CA ILE A 19 1.84 -10.05 5.27
C ILE A 19 2.19 -11.43 5.80
N PRO A 20 3.48 -11.80 5.70
CA PRO A 20 3.97 -13.10 6.16
C PRO A 20 3.95 -13.22 7.68
N GLU A 21 4.62 -14.24 8.19
CA GLU A 21 4.69 -14.47 9.64
C GLU A 21 6.04 -14.02 10.20
N ASN A 22 7.04 -13.99 9.33
CA ASN A 22 8.39 -13.58 9.74
C ASN A 22 8.58 -12.08 9.56
N VAL A 23 7.47 -11.35 9.50
CA VAL A 23 7.52 -9.91 9.34
C VAL A 23 6.45 -9.23 10.18
N ASP A 24 6.78 -8.05 10.71
CA ASP A 24 5.83 -7.29 11.54
C ASP A 24 5.63 -5.89 10.97
N ILE A 25 4.37 -5.49 10.86
CA ILE A 25 4.03 -4.16 10.34
C ILE A 25 3.12 -3.41 11.30
N THR A 26 3.47 -2.15 11.57
CA THR A 26 2.68 -1.33 12.47
C THR A 26 1.97 -0.21 11.71
N LEU A 27 0.64 -0.14 11.85
CA LEU A 27 -0.15 0.87 11.17
C LEU A 27 -0.48 2.02 12.12
N LYS A 28 -0.05 3.22 11.76
CA LYS A 28 -0.31 4.40 12.58
C LYS A 28 -0.85 5.54 11.73
N GLY A 29 -2.17 5.71 11.75
CA GLY A 29 -2.79 6.77 10.98
C GLY A 29 -2.55 6.62 9.48
N ARG A 30 -1.68 7.45 8.94
CA ARG A 30 -1.36 7.41 7.52
C ARG A 30 0.09 6.99 7.29
N THR A 31 0.69 6.38 8.31
CA THR A 31 2.07 5.93 8.22
C THR A 31 2.16 4.41 8.27
N VAL A 32 2.84 3.83 7.30
CA VAL A 32 3.01 2.38 7.24
C VAL A 32 4.43 1.96 7.64
N ILE A 33 4.52 1.22 8.74
CA ILE A 33 5.82 0.76 9.23
C ILE A 33 5.99 -0.74 8.99
N VAL A 34 7.14 -1.12 8.42
CA VAL A 34 7.43 -2.51 8.15
C VAL A 34 8.74 -2.94 8.78
N LYS A 35 8.73 -4.09 9.46
CA LYS A 35 9.93 -4.60 10.11
C LYS A 35 10.25 -6.00 9.63
N GLY A 36 11.51 -6.21 9.25
CA GLY A 36 11.93 -7.52 8.76
C GLY A 36 13.26 -7.94 9.34
N PRO A 37 13.57 -9.25 9.21
CA PRO A 37 14.83 -9.81 9.72
C PRO A 37 16.04 -9.34 8.91
N ARG A 38 15.79 -8.50 7.92
CA ARG A 38 16.86 -7.98 7.08
C ARG A 38 16.98 -6.47 7.21
N GLY A 39 16.02 -5.87 7.91
CA GLY A 39 16.04 -4.43 8.11
C GLY A 39 14.65 -3.87 8.41
N THR A 40 14.60 -2.59 8.73
CA THR A 40 13.33 -1.94 9.05
C THR A 40 13.08 -0.73 8.14
N LEU A 41 11.95 -0.74 7.45
CA LEU A 41 11.60 0.34 6.54
C LEU A 41 10.22 0.89 6.87
N ARG A 42 10.09 2.21 6.87
CA ARG A 42 8.83 2.87 7.16
C ARG A 42 8.50 3.91 6.11
N ARG A 43 7.21 4.23 5.97
CA ARG A 43 6.76 5.21 5.00
C ARG A 43 5.58 6.01 5.54
N ASP A 44 5.53 7.29 5.17
CA ASP A 44 4.45 8.16 5.61
C ASP A 44 3.71 8.77 4.42
N PHE A 45 2.39 8.59 4.39
CA PHE A 45 1.57 9.11 3.31
C PHE A 45 0.58 10.14 3.82
N ASN A 46 1.07 11.09 4.62
CA ASN A 46 0.23 12.13 5.19
C ASN A 46 0.00 13.25 4.18
N HIS A 47 1.09 13.74 3.59
CA HIS A 47 1.01 14.82 2.60
C HIS A 47 -0.01 14.47 1.51
N ILE A 48 -0.35 13.19 1.41
CA ILE A 48 -1.30 12.74 0.40
C ILE A 48 -2.61 12.28 1.05
N ASN A 49 -3.73 12.62 0.42
CA ASN A 49 -5.04 12.25 0.93
C ASN A 49 -5.56 11.00 0.24
N VAL A 50 -5.38 9.85 0.88
CA VAL A 50 -5.83 8.58 0.33
C VAL A 50 -6.71 7.82 1.31
N GLU A 51 -7.13 6.63 0.93
CA GLU A 51 -7.99 5.81 1.78
C GLU A 51 -7.28 4.51 2.17
N LEU A 52 -7.31 4.19 3.46
CA LEU A 52 -6.66 2.99 3.97
C LEU A 52 -7.49 2.35 5.07
N SER A 53 -7.42 1.02 5.17
CA SER A 53 -8.17 0.29 6.18
C SER A 53 -7.39 -0.93 6.66
N LEU A 54 -7.70 -1.38 7.86
CA LEU A 54 -7.03 -2.55 8.44
C LEU A 54 -7.93 -3.77 8.40
N LEU A 55 -7.38 -4.89 7.94
CA LEU A 55 -8.14 -6.14 7.86
C LEU A 55 -7.32 -7.31 8.41
N GLY A 56 -7.97 -8.15 9.21
CA GLY A 56 -7.30 -9.29 9.79
C GLY A 56 -8.21 -10.48 9.96
N LYS A 57 -8.71 -11.02 8.85
CA LYS A 57 -9.61 -12.17 8.88
C LYS A 57 -8.89 -13.41 9.42
N LYS A 58 -7.74 -13.72 8.84
CA LYS A 58 -6.96 -14.87 9.27
C LYS A 58 -5.54 -14.47 9.62
N LYS A 59 -5.05 -13.42 8.96
CA LYS A 59 -3.69 -12.93 9.21
C LYS A 59 -3.63 -11.41 9.03
N LYS A 60 -2.52 -10.82 9.44
CA LYS A 60 -2.33 -9.38 9.34
C LYS A 60 -2.38 -8.93 7.88
N ARG A 61 -3.50 -8.31 7.50
CA ARG A 61 -3.66 -7.84 6.13
C ARG A 61 -3.91 -6.33 6.10
N LEU A 62 -3.42 -5.67 5.07
CA LEU A 62 -3.58 -4.23 4.92
C LEU A 62 -4.42 -3.90 3.69
N ARG A 63 -5.46 -3.09 3.90
CA ARG A 63 -6.34 -2.70 2.81
C ARG A 63 -5.96 -1.32 2.28
N VAL A 64 -5.62 -1.26 1.00
CA VAL A 64 -5.24 0.00 0.36
C VAL A 64 -6.34 0.50 -0.57
N ASP A 65 -6.83 1.71 -0.28
CA ASP A 65 -7.89 2.31 -1.09
C ASP A 65 -7.37 3.53 -1.85
N LYS A 66 -7.45 3.48 -3.16
CA LYS A 66 -6.99 4.58 -4.01
C LYS A 66 -8.12 5.57 -4.28
N TRP A 67 -7.76 6.74 -4.80
CA TRP A 67 -8.74 7.78 -5.10
C TRP A 67 -9.87 7.23 -5.96
N TRP A 68 -10.99 7.94 -5.99
CA TRP A 68 -12.15 7.52 -6.78
C TRP A 68 -12.50 8.58 -7.82
N GLY A 69 -11.59 8.81 -8.77
CA GLY A 69 -11.83 9.79 -9.81
C GLY A 69 -11.05 9.49 -11.08
N ASN A 70 -10.29 10.49 -11.54
CA ASN A 70 -9.49 10.32 -12.75
C ASN A 70 -8.63 9.06 -12.67
N ARG A 71 -7.78 8.88 -13.67
CA ARG A 71 -6.90 7.72 -13.72
C ARG A 71 -5.68 7.92 -12.84
N LYS A 72 -5.77 8.86 -11.91
CA LYS A 72 -4.68 9.17 -11.00
C LYS A 72 -4.54 8.08 -9.93
N GLU A 73 -5.67 7.49 -9.55
CA GLU A 73 -5.67 6.44 -8.55
C GLU A 73 -4.76 5.28 -8.95
N LEU A 74 -4.79 4.93 -10.24
CA LEU A 74 -3.96 3.86 -10.76
C LEU A 74 -2.49 4.07 -10.41
N ALA A 75 -2.03 5.30 -10.60
CA ALA A 75 -0.64 5.64 -10.30
C ALA A 75 -0.36 5.53 -8.80
N THR A 76 -1.30 6.01 -7.99
CA THR A 76 -1.16 5.97 -6.54
C THR A 76 -1.10 4.53 -6.03
N VAL A 77 -1.89 3.66 -6.64
CA VAL A 77 -1.94 2.26 -6.25
C VAL A 77 -0.59 1.58 -6.49
N ARG A 78 -0.05 1.77 -7.69
CA ARG A 78 1.23 1.19 -8.05
C ARG A 78 2.35 1.74 -7.17
N THR A 79 2.20 2.99 -6.75
CA THR A 79 3.19 3.64 -5.90
C THR A 79 3.10 3.14 -4.46
N ILE A 80 1.90 3.16 -3.91
CA ILE A 80 1.69 2.71 -2.54
C ILE A 80 1.93 1.21 -2.41
N CYS A 81 1.34 0.43 -3.32
CA CYS A 81 1.50 -1.01 -3.32
C CYS A 81 2.95 -1.41 -3.54
N SER A 82 3.62 -0.72 -4.47
CA SER A 82 5.01 -1.01 -4.77
C SER A 82 5.90 -0.69 -3.58
N HIS A 83 5.58 0.38 -2.87
CA HIS A 83 6.35 0.80 -1.70
C HIS A 83 6.24 -0.23 -0.59
N VAL A 84 5.01 -0.61 -0.25
CA VAL A 84 4.76 -1.60 0.80
C VAL A 84 5.38 -2.95 0.44
N GLN A 85 5.10 -3.41 -0.77
CA GLN A 85 5.62 -4.69 -1.25
C GLN A 85 7.14 -4.67 -1.29
N ASN A 86 7.70 -3.56 -1.74
CA ASN A 86 9.15 -3.41 -1.83
C ASN A 86 9.79 -3.41 -0.45
N MET A 87 9.09 -2.84 0.53
CA MET A 87 9.58 -2.78 1.89
C MET A 87 9.72 -4.17 2.49
N ILE A 88 8.67 -4.98 2.35
CA ILE A 88 8.68 -6.34 2.87
C ILE A 88 9.79 -7.17 2.24
N LYS A 89 9.83 -7.18 0.90
CA LYS A 89 10.85 -7.92 0.17
C LYS A 89 12.25 -7.41 0.49
N GLY A 90 12.35 -6.10 0.73
CA GLY A 90 13.64 -5.51 1.05
C GLY A 90 14.07 -5.82 2.47
N VAL A 91 13.10 -6.06 3.36
CA VAL A 91 13.40 -6.36 4.75
C VAL A 91 13.36 -7.87 5.00
N THR A 92 12.99 -8.62 3.98
CA THR A 92 12.90 -10.07 4.08
C THR A 92 13.88 -10.75 3.13
N LEU A 93 14.29 -10.03 2.09
CA LEU A 93 15.22 -10.56 1.10
C LEU A 93 16.44 -9.66 0.97
N GLY A 94 16.20 -8.36 0.77
CA GLY A 94 17.29 -7.41 0.61
C GLY A 94 17.09 -6.47 -0.54
N SER A 95 17.46 -6.92 -1.75
CA SER A 95 17.31 -6.10 -2.94
C SER A 95 15.93 -5.45 -3.00
N GLY A 96 15.92 -4.13 -3.21
CA GLY A 96 14.66 -3.41 -3.27
C GLY A 96 14.79 -2.09 -4.01
N PRO A 97 14.70 -2.16 -5.35
CA PRO A 97 14.80 -0.97 -6.20
C PRO A 97 13.59 -0.04 -6.06
N SER A 98 13.72 0.96 -5.19
CA SER A 98 12.64 1.91 -4.96
C SER A 98 12.84 3.17 -5.79
N SER A 99 11.75 3.63 -6.41
CA SER A 99 11.80 4.82 -7.26
C SER A 99 10.94 5.94 -6.67
N GLY A 100 11.55 7.11 -6.49
CA GLY A 100 10.83 8.24 -5.93
C GLY A 100 11.53 8.85 -4.74
N GLY A 1 -15.60 -3.96 -28.86
CA GLY A 1 -15.68 -2.68 -29.53
C GLY A 1 -15.95 -1.54 -28.56
N SER A 2 -14.96 -0.67 -28.39
CA SER A 2 -15.09 0.46 -27.47
C SER A 2 -14.20 1.61 -27.91
N SER A 3 -14.57 2.83 -27.53
CA SER A 3 -13.81 4.02 -27.88
C SER A 3 -13.22 4.68 -26.63
N GLY A 4 -14.04 4.81 -25.60
CA GLY A 4 -13.59 5.42 -24.36
C GLY A 4 -14.65 5.41 -23.29
N SER A 5 -14.23 5.53 -22.03
CA SER A 5 -15.15 5.52 -20.90
C SER A 5 -14.48 6.08 -19.65
N SER A 6 -15.30 6.45 -18.66
CA SER A 6 -14.79 7.00 -17.42
C SER A 6 -15.82 6.88 -16.31
N GLY A 7 -15.35 6.78 -15.07
CA GLY A 7 -16.25 6.66 -13.93
C GLY A 7 -16.67 8.01 -13.38
N MET A 8 -17.89 8.42 -13.70
CA MET A 8 -18.41 9.71 -13.24
C MET A 8 -19.13 9.55 -11.90
N LYS A 9 -18.49 8.85 -10.97
CA LYS A 9 -19.05 8.63 -9.65
C LYS A 9 -17.96 8.48 -8.60
N THR A 10 -18.36 8.45 -7.33
CA THR A 10 -17.41 8.31 -6.23
C THR A 10 -17.08 6.85 -5.98
N ILE A 11 -18.08 5.98 -6.13
CA ILE A 11 -17.88 4.55 -5.92
C ILE A 11 -16.66 4.04 -6.69
N LEU A 12 -16.02 3.01 -6.14
CA LEU A 12 -14.84 2.43 -6.78
C LEU A 12 -14.43 1.14 -6.08
N SER A 13 -13.31 0.57 -6.51
CA SER A 13 -12.81 -0.66 -5.92
C SER A 13 -11.71 -0.38 -4.90
N ASN A 14 -11.28 -1.40 -4.19
CA ASN A 14 -10.25 -1.26 -3.17
C ASN A 14 -9.21 -2.38 -3.30
N GLN A 15 -7.97 -2.05 -2.96
CA GLN A 15 -6.88 -3.02 -3.04
C GLN A 15 -6.49 -3.53 -1.65
N THR A 16 -6.00 -4.76 -1.58
CA THR A 16 -5.61 -5.35 -0.31
C THR A 16 -4.23 -5.99 -0.42
N VAL A 17 -3.46 -5.93 0.67
CA VAL A 17 -2.12 -6.50 0.70
C VAL A 17 -2.01 -7.59 1.75
N ASP A 18 -1.18 -8.59 1.48
CA ASP A 18 -1.00 -9.71 2.41
C ASP A 18 0.39 -9.65 3.04
N ILE A 19 0.48 -10.03 4.30
CA ILE A 19 1.75 -10.02 5.02
C ILE A 19 2.05 -11.40 5.61
N PRO A 20 3.32 -11.82 5.52
CA PRO A 20 3.77 -13.12 6.04
C PRO A 20 3.77 -13.15 7.56
N GLU A 21 4.41 -14.17 8.12
CA GLU A 21 4.49 -14.33 9.57
C GLU A 21 5.87 -13.96 10.08
N ASN A 22 6.86 -14.02 9.20
CA ASN A 22 8.24 -13.70 9.56
C ASN A 22 8.49 -12.20 9.46
N VAL A 23 7.41 -11.43 9.37
CA VAL A 23 7.52 -9.98 9.27
C VAL A 23 6.51 -9.28 10.19
N ASP A 24 6.80 -8.04 10.55
CA ASP A 24 5.92 -7.26 11.42
C ASP A 24 5.72 -5.85 10.88
N ILE A 25 4.46 -5.47 10.69
CA ILE A 25 4.13 -4.15 10.16
C ILE A 25 3.21 -3.40 11.13
N THR A 26 3.56 -2.14 11.40
CA THR A 26 2.77 -1.31 12.30
C THR A 26 2.04 -0.22 11.54
N LEU A 27 0.73 -0.13 11.75
CA LEU A 27 -0.09 0.88 11.09
C LEU A 27 -0.41 2.03 12.03
N LYS A 28 -0.01 3.24 11.63
CA LYS A 28 -0.25 4.42 12.45
C LYS A 28 -0.94 5.50 11.62
N GLY A 29 -2.25 5.62 11.79
CA GLY A 29 -3.02 6.61 11.05
C GLY A 29 -2.84 6.49 9.55
N ARG A 30 -1.89 7.22 9.00
CA ARG A 30 -1.64 7.19 7.56
C ARG A 30 -0.17 6.85 7.29
N THR A 31 0.47 6.20 8.25
CA THR A 31 1.87 5.81 8.11
C THR A 31 2.03 4.31 8.20
N VAL A 32 2.73 3.72 7.23
CA VAL A 32 2.96 2.30 7.20
C VAL A 32 4.39 1.95 7.59
N ILE A 33 4.54 1.24 8.70
CA ILE A 33 5.86 0.85 9.18
C ILE A 33 6.10 -0.64 8.98
N VAL A 34 7.17 -0.98 8.25
CA VAL A 34 7.51 -2.37 8.00
C VAL A 34 8.78 -2.77 8.75
N LYS A 35 8.72 -3.93 9.40
CA LYS A 35 9.86 -4.43 10.16
C LYS A 35 10.21 -5.85 9.74
N GLY A 36 11.45 -6.03 9.28
CA GLY A 36 11.90 -7.34 8.84
C GLY A 36 13.22 -7.74 9.47
N PRO A 37 13.55 -9.05 9.39
CA PRO A 37 14.79 -9.58 9.94
C PRO A 37 16.02 -9.13 9.16
N ARG A 38 15.79 -8.37 8.10
CA ARG A 38 16.87 -7.87 7.26
C ARG A 38 16.97 -6.34 7.34
N GLY A 39 16.00 -5.73 8.02
CA GLY A 39 16.00 -4.29 8.16
C GLY A 39 14.61 -3.74 8.43
N THR A 40 14.53 -2.45 8.75
CA THR A 40 13.26 -1.80 9.03
C THR A 40 13.02 -0.62 8.09
N LEU A 41 11.90 -0.67 7.37
CA LEU A 41 11.56 0.41 6.44
C LEU A 41 10.18 0.98 6.76
N ARG A 42 10.08 2.31 6.73
CA ARG A 42 8.83 2.99 7.02
C ARG A 42 8.53 4.05 5.97
N ARG A 43 7.26 4.43 5.85
CA ARG A 43 6.85 5.44 4.90
C ARG A 43 5.63 6.22 5.40
N ASP A 44 5.59 7.51 5.10
CA ASP A 44 4.48 8.35 5.52
C ASP A 44 3.68 8.84 4.32
N PHE A 45 2.38 8.58 4.34
CA PHE A 45 1.50 9.00 3.24
C PHE A 45 0.53 10.09 3.70
N ASN A 46 0.59 10.41 4.99
CA ASN A 46 -0.28 11.44 5.56
C ASN A 46 -0.51 12.57 4.56
N HIS A 47 0.58 13.23 4.16
CA HIS A 47 0.50 14.33 3.21
C HIS A 47 -0.59 14.07 2.17
N ILE A 48 -0.67 12.84 1.69
CA ILE A 48 -1.66 12.46 0.69
C ILE A 48 -3.02 12.24 1.34
N ASN A 49 -4.08 12.59 0.61
CA ASN A 49 -5.44 12.43 1.12
C ASN A 49 -6.03 11.08 0.68
N VAL A 50 -5.21 10.04 0.76
CA VAL A 50 -5.65 8.70 0.38
C VAL A 50 -6.43 8.04 1.51
N GLU A 51 -6.97 6.86 1.22
CA GLU A 51 -7.75 6.12 2.21
C GLU A 51 -7.09 4.79 2.54
N LEU A 52 -7.12 4.42 3.82
CA LEU A 52 -6.52 3.16 4.26
C LEU A 52 -7.36 2.51 5.35
N SER A 53 -7.24 1.19 5.48
CA SER A 53 -8.00 0.44 6.48
C SER A 53 -7.23 -0.80 6.93
N LEU A 54 -7.51 -1.26 8.14
CA LEU A 54 -6.85 -2.43 8.69
C LEU A 54 -7.74 -3.67 8.57
N LEU A 55 -7.15 -4.78 8.16
CA LEU A 55 -7.88 -6.03 8.00
C LEU A 55 -7.09 -7.20 8.57
N GLY A 56 -7.69 -7.90 9.54
CA GLY A 56 -7.02 -9.03 10.15
C GLY A 56 -8.00 -10.12 10.55
N LYS A 57 -8.49 -10.87 9.58
CA LYS A 57 -9.43 -11.95 9.84
C LYS A 57 -8.71 -13.28 10.04
N LYS A 58 -7.72 -13.54 9.18
CA LYS A 58 -6.95 -14.77 9.27
C LYS A 58 -5.46 -14.47 9.42
N LYS A 59 -5.01 -13.39 8.77
CA LYS A 59 -3.61 -12.99 8.83
C LYS A 59 -3.47 -11.49 8.65
N LYS A 60 -2.44 -10.92 9.28
CA LYS A 60 -2.19 -9.49 9.18
C LYS A 60 -2.28 -9.01 7.74
N ARG A 61 -3.34 -8.27 7.42
CA ARG A 61 -3.55 -7.77 6.08
C ARG A 61 -3.81 -6.26 6.10
N LEU A 62 -3.31 -5.56 5.09
CA LEU A 62 -3.48 -4.12 5.00
C LEU A 62 -4.35 -3.75 3.81
N ARG A 63 -5.38 -2.94 4.06
CA ARG A 63 -6.29 -2.52 3.00
C ARG A 63 -5.90 -1.14 2.47
N VAL A 64 -5.58 -1.08 1.17
CA VAL A 64 -5.19 0.17 0.54
C VAL A 64 -6.31 0.71 -0.32
N ASP A 65 -6.79 1.91 0.01
CA ASP A 65 -7.86 2.54 -0.75
C ASP A 65 -7.33 3.73 -1.54
N LYS A 66 -7.49 3.68 -2.86
CA LYS A 66 -7.04 4.76 -3.73
C LYS A 66 -8.05 5.90 -3.78
N TRP A 67 -7.64 7.03 -4.32
CA TRP A 67 -8.52 8.19 -4.43
C TRP A 67 -9.76 7.86 -5.25
N TRP A 68 -10.70 8.81 -5.31
CA TRP A 68 -11.93 8.60 -6.06
C TRP A 68 -12.10 9.69 -7.12
N GLY A 69 -11.33 9.59 -8.20
CA GLY A 69 -11.42 10.57 -9.26
C GLY A 69 -10.93 10.01 -10.59
N ASN A 70 -10.17 10.83 -11.32
CA ASN A 70 -9.63 10.42 -12.62
C ASN A 70 -8.93 9.07 -12.51
N ARG A 71 -8.30 8.65 -13.61
CA ARG A 71 -7.59 7.38 -13.64
C ARG A 71 -6.17 7.54 -13.10
N LYS A 72 -6.00 8.50 -12.19
CA LYS A 72 -4.70 8.76 -11.58
C LYS A 72 -4.39 7.73 -10.50
N GLU A 73 -5.44 7.14 -9.93
CA GLU A 73 -5.28 6.14 -8.88
C GLU A 73 -4.40 4.99 -9.36
N LEU A 74 -4.38 4.77 -10.68
CA LEU A 74 -3.59 3.69 -11.26
C LEU A 74 -2.12 3.84 -10.88
N ALA A 75 -1.57 5.04 -11.08
CA ALA A 75 -0.18 5.31 -10.75
C ALA A 75 0.03 5.37 -9.24
N THR A 76 -0.89 6.03 -8.55
CA THR A 76 -0.81 6.16 -7.10
C THR A 76 -0.83 4.80 -6.42
N VAL A 77 -1.65 3.89 -6.95
CA VAL A 77 -1.76 2.55 -6.39
C VAL A 77 -0.47 1.75 -6.61
N ARG A 78 0.02 1.77 -7.84
CA ARG A 78 1.24 1.05 -8.19
C ARG A 78 2.41 1.53 -7.34
N THR A 79 2.36 2.79 -6.94
CA THR A 79 3.42 3.38 -6.12
C THR A 79 3.31 2.92 -4.68
N ILE A 80 2.12 3.06 -4.11
CA ILE A 80 1.89 2.66 -2.73
C ILE A 80 2.06 1.15 -2.55
N CYS A 81 1.44 0.38 -3.44
CA CYS A 81 1.54 -1.07 -3.38
C CYS A 81 2.98 -1.54 -3.58
N SER A 82 3.64 -0.96 -4.58
CA SER A 82 5.02 -1.32 -4.88
C SER A 82 5.94 -0.99 -3.70
N HIS A 83 5.66 0.14 -3.05
CA HIS A 83 6.46 0.56 -1.90
C HIS A 83 6.35 -0.44 -0.76
N VAL A 84 5.12 -0.79 -0.41
CA VAL A 84 4.89 -1.75 0.68
C VAL A 84 5.46 -3.12 0.34
N GLN A 85 5.15 -3.60 -0.85
CA GLN A 85 5.64 -4.90 -1.29
C GLN A 85 7.16 -4.92 -1.36
N ASN A 86 7.74 -3.85 -1.88
CA ASN A 86 9.19 -3.74 -1.99
C ASN A 86 9.85 -3.68 -0.61
N MET A 87 9.20 -2.99 0.32
CA MET A 87 9.71 -2.86 1.67
C MET A 87 9.82 -4.23 2.35
N ILE A 88 8.78 -5.04 2.21
CA ILE A 88 8.76 -6.37 2.80
C ILE A 88 9.87 -7.23 2.24
N LYS A 89 9.95 -7.30 0.91
CA LYS A 89 10.97 -8.10 0.24
C LYS A 89 12.37 -7.60 0.59
N GLY A 90 12.49 -6.28 0.79
CA GLY A 90 13.78 -5.70 1.13
C GLY A 90 14.18 -5.99 2.56
N VAL A 91 13.19 -6.05 3.45
CA VAL A 91 13.45 -6.32 4.87
C VAL A 91 13.44 -7.81 5.15
N THR A 92 13.06 -8.61 4.14
CA THR A 92 13.00 -10.05 4.29
C THR A 92 14.05 -10.73 3.41
N LEU A 93 14.52 -10.00 2.40
CA LEU A 93 15.53 -10.54 1.48
C LEU A 93 16.74 -9.62 1.42
N GLY A 94 16.49 -8.34 1.16
CA GLY A 94 17.58 -7.37 1.08
C GLY A 94 17.78 -6.85 -0.33
N SER A 95 16.95 -5.88 -0.73
CA SER A 95 17.04 -5.30 -2.07
C SER A 95 16.92 -3.79 -2.01
N GLY A 96 17.40 -3.12 -3.05
CA GLY A 96 17.33 -1.67 -3.10
C GLY A 96 15.93 -1.17 -3.39
N PRO A 97 15.79 0.17 -3.47
CA PRO A 97 14.49 0.81 -3.75
C PRO A 97 14.02 0.56 -5.18
N SER A 98 12.76 0.90 -5.44
CA SER A 98 12.19 0.71 -6.78
C SER A 98 12.83 1.66 -7.77
N SER A 99 12.90 2.94 -7.42
CA SER A 99 13.48 3.95 -8.29
C SER A 99 14.19 5.02 -7.47
N GLY A 100 15.41 5.37 -7.89
CA GLY A 100 16.17 6.38 -7.19
C GLY A 100 17.61 6.46 -7.67
N GLY A 1 -31.05 3.62 -14.03
CA GLY A 1 -30.67 4.93 -13.55
C GLY A 1 -29.22 5.24 -13.81
N SER A 2 -28.88 5.49 -15.08
CA SER A 2 -27.51 5.80 -15.47
C SER A 2 -27.19 7.27 -15.21
N SER A 3 -25.90 7.58 -15.13
CA SER A 3 -25.46 8.94 -14.88
C SER A 3 -25.07 9.64 -16.19
N GLY A 4 -25.10 10.97 -16.18
CA GLY A 4 -24.75 11.72 -17.37
C GLY A 4 -24.93 13.22 -17.18
N SER A 5 -26.14 13.62 -16.81
CA SER A 5 -26.45 15.03 -16.59
C SER A 5 -25.39 15.69 -15.73
N SER A 6 -25.19 15.15 -14.53
CA SER A 6 -24.21 15.69 -13.60
C SER A 6 -22.88 14.93 -13.71
N GLY A 7 -22.92 13.64 -13.44
CA GLY A 7 -21.72 12.83 -13.52
C GLY A 7 -21.12 12.54 -12.16
N MET A 8 -21.87 11.82 -11.33
CA MET A 8 -21.41 11.48 -9.99
C MET A 8 -20.65 10.15 -10.00
N LYS A 9 -19.83 9.95 -11.01
CA LYS A 9 -19.05 8.73 -11.14
C LYS A 9 -18.11 8.56 -9.95
N THR A 10 -18.48 7.68 -9.03
CA THR A 10 -17.67 7.42 -7.85
C THR A 10 -16.78 6.21 -8.04
N ILE A 11 -16.34 5.98 -9.28
CA ILE A 11 -15.48 4.85 -9.60
C ILE A 11 -14.30 4.78 -8.64
N LEU A 12 -14.34 3.82 -7.72
CA LEU A 12 -13.28 3.63 -6.75
C LEU A 12 -12.80 2.18 -6.73
N SER A 13 -11.49 2.00 -6.85
CA SER A 13 -10.91 0.66 -6.85
C SER A 13 -9.96 0.48 -5.68
N ASN A 14 -10.37 -0.35 -4.71
CA ASN A 14 -9.55 -0.60 -3.54
C ASN A 14 -8.81 -1.93 -3.66
N GLN A 15 -7.51 -1.91 -3.36
CA GLN A 15 -6.69 -3.11 -3.44
C GLN A 15 -6.26 -3.57 -2.06
N THR A 16 -5.97 -4.86 -1.94
CA THR A 16 -5.56 -5.44 -0.67
C THR A 16 -4.14 -5.97 -0.73
N VAL A 17 -3.42 -5.88 0.38
CA VAL A 17 -2.04 -6.35 0.44
C VAL A 17 -1.91 -7.54 1.38
N ASP A 18 -0.98 -8.44 1.06
CA ASP A 18 -0.75 -9.63 1.89
C ASP A 18 0.58 -9.55 2.61
N ILE A 19 0.59 -9.95 3.88
CA ILE A 19 1.81 -9.92 4.68
C ILE A 19 2.08 -11.28 5.33
N PRO A 20 3.33 -11.74 5.22
CA PRO A 20 3.75 -13.03 5.80
C PRO A 20 3.78 -13.00 7.32
N GLU A 21 4.28 -14.08 7.91
CA GLU A 21 4.36 -14.18 9.37
C GLU A 21 5.76 -13.81 9.85
N ASN A 22 6.73 -13.87 8.95
CA ASN A 22 8.12 -13.55 9.28
C ASN A 22 8.35 -12.04 9.20
N VAL A 23 7.27 -11.27 9.17
CA VAL A 23 7.37 -9.82 9.09
C VAL A 23 6.32 -9.15 9.96
N ASP A 24 6.68 -8.02 10.55
CA ASP A 24 5.76 -7.28 11.42
C ASP A 24 5.54 -5.86 10.88
N ILE A 25 4.28 -5.51 10.67
CA ILE A 25 3.93 -4.19 10.16
C ILE A 25 3.03 -3.45 11.14
N THR A 26 3.34 -2.17 11.36
CA THR A 26 2.56 -1.35 12.29
C THR A 26 1.91 -0.18 11.56
N LEU A 27 0.58 -0.11 11.63
CA LEU A 27 -0.17 0.95 10.98
C LEU A 27 -0.54 2.06 11.97
N LYS A 28 -0.07 3.27 11.70
CA LYS A 28 -0.37 4.41 12.56
C LYS A 28 -0.97 5.56 11.77
N GLY A 29 -2.29 5.70 11.85
CA GLY A 29 -2.97 6.76 11.13
C GLY A 29 -2.75 6.69 9.63
N ARG A 30 -1.79 7.44 9.13
CA ARG A 30 -1.48 7.46 7.70
C ARG A 30 -0.02 7.08 7.46
N THR A 31 0.58 6.40 8.42
CA THR A 31 1.97 5.98 8.31
C THR A 31 2.10 4.46 8.32
N VAL A 32 2.81 3.92 7.34
CA VAL A 32 3.00 2.47 7.24
C VAL A 32 4.40 2.08 7.67
N ILE A 33 4.50 1.30 8.75
CA ILE A 33 5.78 0.86 9.27
C ILE A 33 5.98 -0.63 9.02
N VAL A 34 7.12 -0.99 8.44
CA VAL A 34 7.43 -2.38 8.15
C VAL A 34 8.71 -2.82 8.87
N LYS A 35 8.65 -3.96 9.54
CA LYS A 35 9.79 -4.50 10.27
C LYS A 35 10.13 -5.91 9.80
N GLY A 36 11.37 -6.10 9.36
CA GLY A 36 11.80 -7.40 8.89
C GLY A 36 13.08 -7.87 9.56
N PRO A 37 13.36 -9.18 9.45
CA PRO A 37 14.56 -9.77 10.05
C PRO A 37 15.84 -9.34 9.34
N ARG A 38 15.70 -8.46 8.35
CA ARG A 38 16.83 -7.96 7.59
C ARG A 38 16.94 -6.44 7.70
N GLY A 39 15.94 -5.84 8.33
CA GLY A 39 15.93 -4.39 8.48
C GLY A 39 14.54 -3.84 8.73
N THR A 40 14.46 -2.54 8.97
CA THR A 40 13.18 -1.88 9.23
C THR A 40 12.96 -0.71 8.28
N LEU A 41 11.82 -0.70 7.61
CA LEU A 41 11.49 0.37 6.68
C LEU A 41 10.07 0.88 6.92
N ARG A 42 9.92 2.20 6.91
CA ARG A 42 8.61 2.82 7.12
C ARG A 42 8.45 4.06 6.25
N ARG A 43 7.20 4.36 5.88
CA ARG A 43 6.91 5.52 5.05
C ARG A 43 5.61 6.20 5.49
N ASP A 44 5.62 7.52 5.49
CA ASP A 44 4.44 8.29 5.89
C ASP A 44 3.74 8.88 4.68
N PHE A 45 2.45 8.59 4.53
CA PHE A 45 1.67 9.09 3.41
C PHE A 45 0.71 10.19 3.87
N ASN A 46 1.15 11.00 4.82
CA ASN A 46 0.33 12.09 5.34
C ASN A 46 0.15 13.18 4.30
N HIS A 47 1.27 13.66 3.75
CA HIS A 47 1.23 14.72 2.74
C HIS A 47 0.13 14.46 1.73
N ILE A 48 -0.27 13.19 1.60
CA ILE A 48 -1.31 12.81 0.66
C ILE A 48 -2.56 12.32 1.39
N ASN A 49 -3.71 12.84 0.99
CA ASN A 49 -4.98 12.45 1.61
C ASN A 49 -5.59 11.26 0.88
N VAL A 50 -5.52 10.09 1.52
CA VAL A 50 -6.07 8.87 0.93
C VAL A 50 -6.85 8.07 1.96
N GLU A 51 -7.32 6.90 1.56
CA GLU A 51 -8.08 6.03 2.46
C GLU A 51 -7.35 4.71 2.70
N LEU A 52 -7.24 4.32 3.97
CA LEU A 52 -6.57 3.09 4.32
C LEU A 52 -7.30 2.38 5.46
N SER A 53 -7.22 1.05 5.48
CA SER A 53 -7.87 0.25 6.51
C SER A 53 -7.03 -0.96 6.88
N LEU A 54 -7.25 -1.49 8.08
CA LEU A 54 -6.51 -2.65 8.56
C LEU A 54 -7.36 -3.91 8.47
N LEU A 55 -6.80 -4.95 7.86
CA LEU A 55 -7.52 -6.22 7.71
C LEU A 55 -6.65 -7.38 8.18
N GLY A 56 -7.18 -8.16 9.12
CA GLY A 56 -6.44 -9.29 9.65
C GLY A 56 -7.35 -10.44 10.03
N LYS A 57 -8.50 -10.54 9.38
CA LYS A 57 -9.47 -11.59 9.65
C LYS A 57 -8.76 -12.91 9.89
N LYS A 58 -7.79 -13.23 9.04
CA LYS A 58 -7.03 -14.47 9.16
C LYS A 58 -5.54 -14.19 9.24
N LYS A 59 -5.03 -13.44 8.27
CA LYS A 59 -3.61 -13.10 8.24
C LYS A 59 -3.42 -11.60 8.11
N LYS A 60 -2.28 -11.10 8.58
CA LYS A 60 -1.97 -9.68 8.51
C LYS A 60 -2.14 -9.15 7.10
N ARG A 61 -3.18 -8.35 6.89
CA ARG A 61 -3.46 -7.78 5.57
C ARG A 61 -3.68 -6.27 5.67
N LEU A 62 -3.34 -5.56 4.60
CA LEU A 62 -3.49 -4.11 4.56
C LEU A 62 -4.42 -3.69 3.42
N ARG A 63 -5.38 -2.83 3.73
CA ARG A 63 -6.33 -2.35 2.74
C ARG A 63 -5.90 -0.99 2.19
N VAL A 64 -5.79 -0.90 0.87
CA VAL A 64 -5.39 0.33 0.21
C VAL A 64 -6.57 0.97 -0.53
N ASP A 65 -6.89 2.20 -0.17
CA ASP A 65 -7.98 2.92 -0.80
C ASP A 65 -7.55 4.33 -1.21
N LYS A 66 -7.70 4.64 -2.49
CA LYS A 66 -7.32 5.94 -3.03
C LYS A 66 -8.56 6.76 -3.39
N TRP A 67 -8.36 8.03 -3.70
CA TRP A 67 -9.45 8.92 -4.07
C TRP A 67 -10.46 8.19 -4.95
N TRP A 68 -11.73 8.54 -4.80
CA TRP A 68 -12.79 7.92 -5.59
C TRP A 68 -13.18 8.82 -6.77
N GLY A 69 -12.62 8.53 -7.94
CA GLY A 69 -12.92 9.31 -9.12
C GLY A 69 -12.30 8.73 -10.37
N ASN A 70 -11.41 9.48 -11.00
CA ASN A 70 -10.75 9.04 -12.21
C ASN A 70 -9.95 7.76 -11.97
N ARG A 71 -9.22 7.31 -12.99
CA ARG A 71 -8.43 6.09 -12.88
C ARG A 71 -7.07 6.38 -12.24
N LYS A 72 -7.00 7.48 -11.50
CA LYS A 72 -5.77 7.87 -10.84
C LYS A 72 -5.41 6.90 -9.72
N GLU A 73 -6.44 6.32 -9.10
CA GLU A 73 -6.23 5.36 -8.02
C GLU A 73 -5.36 4.20 -8.48
N LEU A 74 -5.44 3.88 -9.77
CA LEU A 74 -4.67 2.78 -10.33
C LEU A 74 -3.18 3.09 -10.28
N ALA A 75 -2.79 4.27 -10.75
CA ALA A 75 -1.39 4.69 -10.73
C ALA A 75 -0.87 4.81 -9.31
N THR A 76 -1.68 5.38 -8.42
CA THR A 76 -1.29 5.55 -7.03
C THR A 76 -1.16 4.21 -6.33
N VAL A 77 -2.08 3.30 -6.61
CA VAL A 77 -2.07 1.98 -6.00
C VAL A 77 -0.81 1.21 -6.39
N ARG A 78 -0.41 1.34 -7.65
CA ARG A 78 0.77 0.66 -8.16
C ARG A 78 2.03 1.16 -7.46
N THR A 79 2.13 2.49 -7.35
CA THR A 79 3.28 3.11 -6.71
C THR A 79 3.33 2.79 -5.22
N ILE A 80 2.20 3.01 -4.54
CA ILE A 80 2.11 2.75 -3.12
C ILE A 80 2.29 1.27 -2.81
N CYS A 81 1.59 0.43 -3.57
CA CYS A 81 1.67 -1.02 -3.39
C CYS A 81 3.10 -1.51 -3.58
N SER A 82 3.79 -0.94 -4.56
CA SER A 82 5.17 -1.32 -4.85
C SER A 82 6.09 -0.96 -3.69
N HIS A 83 5.84 0.20 -3.08
CA HIS A 83 6.65 0.67 -1.96
C HIS A 83 6.55 -0.31 -0.78
N VAL A 84 5.32 -0.68 -0.43
CA VAL A 84 5.09 -1.59 0.68
C VAL A 84 5.68 -2.97 0.39
N GLN A 85 5.39 -3.49 -0.79
CA GLN A 85 5.90 -4.80 -1.19
C GLN A 85 7.43 -4.80 -1.26
N ASN A 86 7.98 -3.73 -1.81
CA ASN A 86 9.43 -3.60 -1.94
C ASN A 86 10.09 -3.56 -0.57
N MET A 87 9.41 -2.93 0.39
CA MET A 87 9.93 -2.83 1.75
C MET A 87 10.03 -4.20 2.40
N ILE A 88 8.97 -5.00 2.26
CA ILE A 88 8.94 -6.33 2.85
C ILE A 88 10.07 -7.19 2.31
N LYS A 89 10.22 -7.22 0.99
CA LYS A 89 11.27 -7.99 0.34
C LYS A 89 12.65 -7.48 0.74
N GLY A 90 12.76 -6.18 0.94
CA GLY A 90 14.03 -5.59 1.33
C GLY A 90 14.39 -5.88 2.77
N VAL A 91 13.37 -6.02 3.63
CA VAL A 91 13.59 -6.31 5.04
C VAL A 91 13.55 -7.81 5.30
N THR A 92 13.17 -8.57 4.28
CA THR A 92 13.09 -10.03 4.41
C THR A 92 14.18 -10.71 3.60
N LEU A 93 14.73 -9.99 2.62
CA LEU A 93 15.78 -10.55 1.77
C LEU A 93 17.07 -9.73 1.92
N GLY A 94 16.94 -8.41 1.85
CA GLY A 94 18.09 -7.54 1.99
C GLY A 94 18.12 -6.44 0.95
N SER A 95 18.78 -6.70 -0.18
CA SER A 95 18.88 -5.72 -1.25
C SER A 95 19.49 -6.35 -2.49
N GLY A 96 19.35 -5.65 -3.63
CA GLY A 96 19.89 -6.15 -4.87
C GLY A 96 18.98 -5.91 -6.05
N PRO A 97 19.56 -5.62 -7.22
CA PRO A 97 18.80 -5.35 -8.45
C PRO A 97 18.12 -6.60 -8.99
N SER A 98 17.04 -6.41 -9.74
CA SER A 98 16.29 -7.51 -10.31
C SER A 98 16.39 -7.51 -11.84
N SER A 99 16.91 -8.60 -12.39
CA SER A 99 17.07 -8.72 -13.83
C SER A 99 18.19 -7.81 -14.33
N GLY A 100 19.28 -7.76 -13.59
CA GLY A 100 20.41 -6.92 -13.97
C GLY A 100 21.67 -7.72 -14.22
N GLY A 1 -24.59 11.98 -23.04
CA GLY A 1 -23.71 10.91 -22.59
C GLY A 1 -24.22 10.23 -21.35
N SER A 2 -23.54 9.17 -20.93
CA SER A 2 -23.93 8.42 -19.74
C SER A 2 -23.81 9.28 -18.50
N SER A 3 -24.87 9.31 -17.69
CA SER A 3 -24.88 10.09 -16.46
C SER A 3 -24.41 11.51 -16.73
N GLY A 4 -24.87 12.09 -17.84
CA GLY A 4 -24.48 13.44 -18.19
C GLY A 4 -22.97 13.59 -18.35
N SER A 5 -22.33 14.18 -17.35
CA SER A 5 -20.88 14.39 -17.38
C SER A 5 -20.14 13.08 -17.15
N SER A 6 -19.36 12.66 -18.15
CA SER A 6 -18.60 11.42 -18.05
C SER A 6 -17.15 11.70 -17.67
N GLY A 7 -16.44 10.65 -17.25
CA GLY A 7 -15.05 10.81 -16.86
C GLY A 7 -14.81 10.47 -15.41
N MET A 8 -15.72 10.92 -14.53
CA MET A 8 -15.61 10.65 -13.10
C MET A 8 -16.63 9.61 -12.66
N LYS A 9 -16.30 8.34 -12.88
CA LYS A 9 -17.20 7.26 -12.50
C LYS A 9 -16.88 6.76 -11.09
N THR A 10 -17.70 7.17 -10.12
CA THR A 10 -17.51 6.78 -8.74
C THR A 10 -17.65 5.27 -8.58
N ILE A 11 -16.57 4.54 -8.87
CA ILE A 11 -16.58 3.09 -8.76
C ILE A 11 -15.63 2.62 -7.66
N LEU A 12 -16.06 1.63 -6.90
CA LEU A 12 -15.26 1.08 -5.81
C LEU A 12 -14.14 0.20 -6.35
N SER A 13 -12.95 0.78 -6.53
CA SER A 13 -11.81 0.04 -7.04
C SER A 13 -10.61 0.18 -6.10
N ASN A 14 -10.51 -0.74 -5.15
CA ASN A 14 -9.42 -0.72 -4.19
C ASN A 14 -8.63 -2.04 -4.24
N GLN A 15 -7.42 -2.01 -3.68
CA GLN A 15 -6.57 -3.19 -3.67
C GLN A 15 -6.12 -3.53 -2.24
N THR A 16 -5.80 -4.80 -2.01
CA THR A 16 -5.36 -5.25 -0.70
C THR A 16 -3.95 -5.80 -0.75
N VAL A 17 -3.27 -5.81 0.39
CA VAL A 17 -1.90 -6.32 0.48
C VAL A 17 -1.81 -7.48 1.45
N ASP A 18 -0.92 -8.41 1.18
CA ASP A 18 -0.73 -9.58 2.04
C ASP A 18 0.63 -9.51 2.75
N ILE A 19 0.65 -9.94 4.00
CA ILE A 19 1.88 -9.93 4.78
C ILE A 19 2.16 -11.31 5.38
N PRO A 20 3.44 -11.72 5.33
CA PRO A 20 3.87 -13.02 5.87
C PRO A 20 3.80 -13.07 7.39
N GLU A 21 4.46 -14.07 7.97
CA GLU A 21 4.48 -14.23 9.42
C GLU A 21 5.84 -13.87 9.99
N ASN A 22 6.86 -13.86 9.13
CA ASN A 22 8.22 -13.54 9.54
C ASN A 22 8.45 -12.03 9.51
N VAL A 23 7.42 -11.29 9.16
CA VAL A 23 7.51 -9.83 9.10
C VAL A 23 6.45 -9.17 9.96
N ASP A 24 6.82 -8.08 10.62
CA ASP A 24 5.89 -7.35 11.48
C ASP A 24 5.71 -5.92 11.00
N ILE A 25 4.45 -5.53 10.76
CA ILE A 25 4.15 -4.19 10.29
C ILE A 25 3.15 -3.49 11.22
N THR A 26 3.41 -2.23 11.52
CA THR A 26 2.54 -1.45 12.40
C THR A 26 1.91 -0.29 11.65
N LEU A 27 0.59 -0.18 11.75
CA LEU A 27 -0.15 0.90 11.08
C LEU A 27 -0.54 1.99 12.08
N LYS A 28 -0.06 3.20 11.83
CA LYS A 28 -0.36 4.33 12.70
C LYS A 28 -0.86 5.52 11.90
N GLY A 29 -2.18 5.69 11.85
CA GLY A 29 -2.76 6.79 11.11
C GLY A 29 -2.44 6.74 9.63
N ARG A 30 -1.52 7.60 9.20
CA ARG A 30 -1.13 7.64 7.80
C ARG A 30 0.33 7.23 7.63
N THR A 31 0.85 6.48 8.60
CA THR A 31 2.22 6.03 8.57
C THR A 31 2.30 4.51 8.57
N VAL A 32 3.05 3.95 7.63
CA VAL A 32 3.21 2.50 7.53
C VAL A 32 4.60 2.07 7.98
N ILE A 33 4.65 1.29 9.05
CA ILE A 33 5.91 0.80 9.58
C ILE A 33 6.11 -0.67 9.27
N VAL A 34 7.27 -1.00 8.69
CA VAL A 34 7.57 -2.39 8.35
C VAL A 34 8.84 -2.85 9.04
N LYS A 35 8.78 -4.04 9.64
CA LYS A 35 9.93 -4.61 10.34
C LYS A 35 10.26 -6.00 9.81
N GLY A 36 11.54 -6.22 9.50
CA GLY A 36 11.97 -7.51 8.98
C GLY A 36 13.27 -7.98 9.60
N PRO A 37 13.57 -9.27 9.45
CA PRO A 37 14.79 -9.87 9.99
C PRO A 37 16.04 -9.41 9.25
N ARG A 38 15.84 -8.62 8.20
CA ARG A 38 16.95 -8.10 7.41
C ARG A 38 17.08 -6.59 7.58
N GLY A 39 16.12 -5.99 8.28
CA GLY A 39 16.14 -4.55 8.50
C GLY A 39 14.77 -3.99 8.80
N THR A 40 14.72 -2.70 9.12
CA THR A 40 13.46 -2.04 9.42
C THR A 40 13.23 -0.84 8.51
N LEU A 41 12.10 -0.85 7.82
CA LEU A 41 11.76 0.25 6.91
C LEU A 41 10.38 0.81 7.22
N ARG A 42 10.26 2.13 7.21
CA ARG A 42 9.00 2.79 7.50
C ARG A 42 8.70 3.88 6.46
N ARG A 43 7.42 4.18 6.29
CA ARG A 43 7.00 5.20 5.33
C ARG A 43 5.88 6.06 5.89
N ASP A 44 5.79 7.30 5.43
CA ASP A 44 4.76 8.22 5.89
C ASP A 44 3.98 8.80 4.71
N PHE A 45 2.66 8.66 4.76
CA PHE A 45 1.80 9.17 3.70
C PHE A 45 0.88 10.25 4.22
N ASN A 46 1.26 10.86 5.33
CA ASN A 46 0.46 11.92 5.94
C ASN A 46 0.33 13.11 4.99
N HIS A 47 1.28 13.23 4.07
CA HIS A 47 1.26 14.33 3.10
C HIS A 47 0.39 13.97 1.90
N ILE A 48 -0.62 13.14 2.13
CA ILE A 48 -1.52 12.72 1.06
C ILE A 48 -2.91 12.42 1.61
N ASN A 49 -3.93 12.92 0.93
CA ASN A 49 -5.32 12.70 1.35
C ASN A 49 -5.92 11.50 0.63
N VAL A 50 -5.82 10.34 1.25
CA VAL A 50 -6.35 9.11 0.67
C VAL A 50 -7.12 8.30 1.70
N GLU A 51 -7.59 7.13 1.30
CA GLU A 51 -8.34 6.25 2.20
C GLU A 51 -7.59 4.95 2.45
N LEU A 52 -7.48 4.57 3.72
CA LEU A 52 -6.78 3.35 4.09
C LEU A 52 -7.58 2.56 5.14
N SER A 53 -7.48 1.25 5.09
CA SER A 53 -8.18 0.39 6.03
C SER A 53 -7.35 -0.83 6.40
N LEU A 54 -7.59 -1.38 7.59
CA LEU A 54 -6.85 -2.55 8.06
C LEU A 54 -7.69 -3.82 7.89
N LEU A 55 -7.02 -4.92 7.57
CA LEU A 55 -7.68 -6.20 7.38
C LEU A 55 -6.87 -7.33 7.97
N GLY A 56 -7.55 -8.42 8.33
CA GLY A 56 -6.86 -9.57 8.92
C GLY A 56 -7.46 -10.88 8.47
N LYS A 57 -6.94 -11.42 7.37
CA LYS A 57 -7.42 -12.68 6.83
C LYS A 57 -6.64 -13.86 7.41
N LYS A 58 -5.32 -13.81 7.29
CA LYS A 58 -4.46 -14.86 7.81
C LYS A 58 -3.53 -14.32 8.90
N LYS A 59 -2.79 -13.27 8.57
CA LYS A 59 -1.87 -12.65 9.51
C LYS A 59 -2.09 -11.15 9.58
N LYS A 60 -1.81 -10.46 8.48
CA LYS A 60 -1.97 -9.01 8.42
C LYS A 60 -2.08 -8.54 6.97
N ARG A 61 -3.16 -7.84 6.65
CA ARG A 61 -3.38 -7.32 5.31
C ARG A 61 -3.66 -5.83 5.33
N LEU A 62 -3.26 -5.15 4.26
CA LEU A 62 -3.46 -3.70 4.16
C LEU A 62 -4.39 -3.36 3.00
N ARG A 63 -5.36 -2.49 3.25
CA ARG A 63 -6.31 -2.08 2.22
C ARG A 63 -6.02 -0.66 1.75
N VAL A 64 -5.70 -0.52 0.47
CA VAL A 64 -5.40 0.79 -0.11
C VAL A 64 -6.54 1.26 -1.01
N ASP A 65 -7.04 2.46 -0.75
CA ASP A 65 -8.12 3.03 -1.54
C ASP A 65 -7.79 4.45 -1.97
N LYS A 66 -8.03 4.76 -3.24
CA LYS A 66 -7.77 6.08 -3.78
C LYS A 66 -9.07 6.82 -4.08
N TRP A 67 -8.98 8.14 -4.18
CA TRP A 67 -10.15 8.96 -4.47
C TRP A 67 -11.04 8.29 -5.51
N TRP A 68 -12.08 7.61 -5.04
CA TRP A 68 -13.01 6.91 -5.92
C TRP A 68 -13.44 7.81 -7.07
N GLY A 69 -13.05 7.46 -8.29
CA GLY A 69 -13.40 8.25 -9.45
C GLY A 69 -12.76 7.73 -10.72
N ASN A 70 -11.98 8.58 -11.38
CA ASN A 70 -11.32 8.20 -12.62
C ASN A 70 -10.45 6.97 -12.42
N ARG A 71 -9.75 6.56 -13.47
CA ARG A 71 -8.88 5.39 -13.41
C ARG A 71 -7.50 5.77 -12.87
N LYS A 72 -7.46 6.84 -12.08
CA LYS A 72 -6.20 7.30 -11.51
C LYS A 72 -5.80 6.45 -10.31
N GLU A 73 -6.80 5.91 -9.62
CA GLU A 73 -6.55 5.07 -8.44
C GLU A 73 -5.65 3.89 -8.81
N LEU A 74 -5.83 3.36 -10.01
CA LEU A 74 -5.04 2.22 -10.48
C LEU A 74 -3.56 2.53 -10.40
N ALA A 75 -3.16 3.67 -10.92
CA ALA A 75 -1.76 4.09 -10.90
C ALA A 75 -1.28 4.34 -9.47
N THR A 76 -2.12 5.00 -8.68
CA THR A 76 -1.78 5.31 -7.30
C THR A 76 -1.58 4.04 -6.49
N VAL A 77 -2.45 3.05 -6.72
CA VAL A 77 -2.37 1.78 -6.01
C VAL A 77 -1.08 1.05 -6.34
N ARG A 78 -0.70 1.05 -7.62
CA ARG A 78 0.52 0.39 -8.07
C ARG A 78 1.75 1.02 -7.42
N THR A 79 1.71 2.34 -7.24
CA THR A 79 2.82 3.06 -6.64
C THR A 79 2.93 2.74 -5.15
N ILE A 80 1.82 2.87 -4.44
CA ILE A 80 1.81 2.60 -3.00
C ILE A 80 2.10 1.13 -2.72
N CYS A 81 1.42 0.26 -3.44
CA CYS A 81 1.60 -1.19 -3.27
C CYS A 81 3.06 -1.58 -3.49
N SER A 82 3.68 -0.98 -4.51
CA SER A 82 5.07 -1.28 -4.83
C SER A 82 5.99 -0.86 -3.69
N HIS A 83 5.72 0.31 -3.10
CA HIS A 83 6.52 0.82 -2.00
C HIS A 83 6.47 -0.14 -0.80
N VAL A 84 5.26 -0.56 -0.44
CA VAL A 84 5.07 -1.47 0.68
C VAL A 84 5.69 -2.83 0.39
N GLN A 85 5.39 -3.37 -0.79
CA GLN A 85 5.92 -4.67 -1.19
C GLN A 85 7.44 -4.64 -1.25
N ASN A 86 7.99 -3.55 -1.74
CA ASN A 86 9.44 -3.40 -1.85
C ASN A 86 10.09 -3.37 -0.48
N MET A 87 9.40 -2.76 0.49
CA MET A 87 9.90 -2.67 1.85
C MET A 87 10.02 -4.04 2.49
N ILE A 88 8.98 -4.86 2.33
CA ILE A 88 8.95 -6.20 2.90
C ILE A 88 10.07 -7.06 2.30
N LYS A 89 10.14 -7.09 0.97
CA LYS A 89 11.17 -7.87 0.28
C LYS A 89 12.56 -7.41 0.69
N GLY A 90 12.71 -6.12 0.94
CA GLY A 90 13.99 -5.57 1.33
C GLY A 90 14.37 -5.95 2.76
N VAL A 91 13.38 -5.99 3.64
CA VAL A 91 13.61 -6.34 5.04
C VAL A 91 13.57 -7.85 5.24
N THR A 92 13.20 -8.57 4.18
CA THR A 92 13.11 -10.03 4.25
C THR A 92 14.15 -10.68 3.35
N LEU A 93 14.66 -9.92 2.39
CA LEU A 93 15.67 -10.43 1.46
C LEU A 93 16.80 -9.42 1.29
N GLY A 94 18.00 -9.83 1.69
CA GLY A 94 19.16 -8.96 1.56
C GLY A 94 18.88 -7.57 2.10
N SER A 95 18.83 -6.59 1.20
CA SER A 95 18.59 -5.20 1.59
C SER A 95 17.86 -4.45 0.48
N GLY A 96 16.87 -3.65 0.88
CA GLY A 96 16.12 -2.89 -0.10
C GLY A 96 15.94 -1.43 0.32
N PRO A 97 16.95 -0.60 0.05
CA PRO A 97 16.91 0.82 0.39
C PRO A 97 15.92 1.60 -0.46
N SER A 98 14.97 2.26 0.20
CA SER A 98 13.95 3.04 -0.50
C SER A 98 14.60 4.03 -1.47
N SER A 99 14.72 3.62 -2.73
CA SER A 99 15.32 4.48 -3.75
C SER A 99 14.35 5.57 -4.19
N GLY A 100 14.88 6.76 -4.45
CA GLY A 100 14.05 7.87 -4.87
C GLY A 100 14.73 8.74 -5.91
N GLY A 1 -8.37 20.12 -24.32
CA GLY A 1 -9.37 19.26 -24.91
C GLY A 1 -10.77 19.55 -24.40
N SER A 2 -11.13 18.93 -23.28
CA SER A 2 -12.44 19.12 -22.68
C SER A 2 -12.39 18.86 -21.17
N SER A 3 -13.44 19.28 -20.47
CA SER A 3 -13.52 19.10 -19.03
C SER A 3 -14.93 18.67 -18.61
N GLY A 4 -15.03 18.08 -17.42
CA GLY A 4 -16.32 17.64 -16.93
C GLY A 4 -16.22 16.35 -16.13
N SER A 5 -17.16 16.16 -15.20
CA SER A 5 -17.17 14.98 -14.36
C SER A 5 -18.33 14.07 -14.72
N SER A 6 -18.19 12.78 -14.40
CA SER A 6 -19.23 11.80 -14.70
C SER A 6 -20.14 11.59 -13.49
N GLY A 7 -20.43 12.68 -12.78
CA GLY A 7 -21.28 12.60 -11.61
C GLY A 7 -20.54 12.05 -10.40
N MET A 8 -21.27 11.85 -9.31
CA MET A 8 -20.68 11.33 -8.07
C MET A 8 -20.83 9.82 -8.00
N LYS A 9 -19.86 9.11 -8.57
CA LYS A 9 -19.87 7.65 -8.56
C LYS A 9 -18.57 7.10 -7.99
N THR A 10 -18.65 5.93 -7.36
CA THR A 10 -17.48 5.29 -6.77
C THR A 10 -17.42 3.81 -7.14
N ILE A 11 -17.36 3.53 -8.44
CA ILE A 11 -17.29 2.16 -8.92
C ILE A 11 -15.88 1.61 -8.82
N LEU A 12 -14.92 2.49 -8.57
CA LEU A 12 -13.52 2.10 -8.44
C LEU A 12 -13.38 0.88 -7.54
N SER A 13 -12.16 0.36 -7.42
CA SER A 13 -11.90 -0.80 -6.59
C SER A 13 -10.74 -0.53 -5.63
N ASN A 14 -10.69 -1.30 -4.55
CA ASN A 14 -9.64 -1.15 -3.55
C ASN A 14 -8.62 -2.27 -3.66
N GLN A 15 -7.36 -1.95 -3.34
CA GLN A 15 -6.29 -2.94 -3.40
C GLN A 15 -5.98 -3.50 -2.01
N THR A 16 -5.64 -4.79 -1.97
CA THR A 16 -5.31 -5.44 -0.70
C THR A 16 -3.89 -5.96 -0.69
N VAL A 17 -3.22 -5.87 0.45
CA VAL A 17 -1.85 -6.33 0.59
C VAL A 17 -1.77 -7.51 1.55
N ASP A 18 -0.83 -8.42 1.28
CA ASP A 18 -0.65 -9.60 2.11
C ASP A 18 0.67 -9.52 2.89
N ILE A 19 0.62 -9.87 4.16
CA ILE A 19 1.80 -9.84 5.01
C ILE A 19 2.09 -11.22 5.60
N PRO A 20 3.37 -11.62 5.54
CA PRO A 20 3.82 -12.91 6.06
C PRO A 20 3.76 -12.98 7.59
N GLU A 21 4.33 -14.04 8.15
CA GLU A 21 4.34 -14.21 9.60
C GLU A 21 5.72 -13.89 10.17
N ASN A 22 6.73 -13.91 9.32
CA ASN A 22 8.10 -13.62 9.73
C ASN A 22 8.38 -12.13 9.67
N VAL A 23 7.34 -11.35 9.41
CA VAL A 23 7.48 -9.90 9.31
C VAL A 23 6.42 -9.19 10.17
N ASP A 24 6.83 -8.08 10.78
CA ASP A 24 5.92 -7.31 11.62
C ASP A 24 5.75 -5.89 11.09
N ILE A 25 4.50 -5.48 10.91
CA ILE A 25 4.21 -4.14 10.40
C ILE A 25 3.29 -3.38 11.36
N THR A 26 3.66 -2.14 11.66
CA THR A 26 2.87 -1.30 12.55
C THR A 26 2.17 -0.18 11.79
N LEU A 27 0.85 -0.12 11.92
CA LEU A 27 0.06 0.90 11.24
C LEU A 27 -0.35 1.99 12.21
N LYS A 28 0.07 3.22 11.93
CA LYS A 28 -0.26 4.36 12.78
C LYS A 28 -0.81 5.52 11.95
N GLY A 29 -2.13 5.68 11.98
CA GLY A 29 -2.75 6.76 11.23
C GLY A 29 -2.56 6.60 9.73
N ARG A 30 -1.70 7.45 9.16
CA ARG A 30 -1.43 7.41 7.73
C ARG A 30 0.02 7.03 7.47
N THR A 31 0.65 6.38 8.45
CA THR A 31 2.04 5.96 8.32
C THR A 31 2.17 4.44 8.40
N VAL A 32 2.84 3.86 7.42
CA VAL A 32 3.04 2.41 7.38
C VAL A 32 4.46 2.04 7.77
N ILE A 33 4.60 1.27 8.85
CA ILE A 33 5.89 0.85 9.34
C ILE A 33 6.11 -0.65 9.11
N VAL A 34 7.24 -1.00 8.50
CA VAL A 34 7.56 -2.39 8.24
C VAL A 34 8.84 -2.82 8.95
N LYS A 35 8.78 -3.97 9.61
CA LYS A 35 9.93 -4.49 10.35
C LYS A 35 10.26 -5.91 9.90
N GLY A 36 11.49 -6.11 9.44
CA GLY A 36 11.91 -7.42 8.99
C GLY A 36 13.22 -7.87 9.63
N PRO A 37 13.51 -9.17 9.54
CA PRO A 37 14.73 -9.74 10.10
C PRO A 37 15.98 -9.31 9.36
N ARG A 38 15.80 -8.45 8.36
CA ARG A 38 16.92 -7.96 7.56
C ARG A 38 17.04 -6.44 7.68
N GLY A 39 16.04 -5.82 8.30
CA GLY A 39 16.05 -4.38 8.46
C GLY A 39 14.67 -3.82 8.76
N THR A 40 14.61 -2.51 8.98
CA THR A 40 13.34 -1.85 9.28
C THR A 40 13.09 -0.69 8.32
N LEU A 41 11.97 -0.75 7.61
CA LEU A 41 11.61 0.31 6.66
C LEU A 41 10.20 0.80 6.92
N ARG A 42 10.02 2.11 6.87
CA ARG A 42 8.72 2.73 7.09
C ARG A 42 8.47 3.87 6.11
N ARG A 43 7.20 4.11 5.81
CA ARG A 43 6.84 5.18 4.88
C ARG A 43 5.68 6.01 5.42
N ASP A 44 5.70 7.30 5.15
CA ASP A 44 4.66 8.21 5.62
C ASP A 44 3.84 8.75 4.45
N PHE A 45 2.53 8.63 4.54
CA PHE A 45 1.63 9.10 3.49
C PHE A 45 0.56 10.02 4.07
N ASN A 46 0.96 10.88 5.00
CA ASN A 46 0.04 11.81 5.63
C ASN A 46 -0.29 12.97 4.69
N HIS A 47 0.75 13.68 4.25
CA HIS A 47 0.58 14.81 3.35
C HIS A 47 -0.46 14.50 2.28
N ILE A 48 -0.62 13.23 1.97
CA ILE A 48 -1.59 12.79 0.97
C ILE A 48 -2.92 12.40 1.62
N ASN A 49 -4.01 12.89 1.03
CA ASN A 49 -5.34 12.59 1.54
C ASN A 49 -5.95 11.38 0.83
N VAL A 50 -5.51 10.19 1.21
CA VAL A 50 -6.00 8.96 0.60
C VAL A 50 -6.84 8.16 1.59
N GLU A 51 -7.25 6.96 1.18
CA GLU A 51 -8.05 6.09 2.02
C GLU A 51 -7.30 4.81 2.36
N LEU A 52 -7.33 4.42 3.62
CA LEU A 52 -6.65 3.21 4.08
C LEU A 52 -7.49 2.46 5.11
N SER A 53 -7.34 1.14 5.14
CA SER A 53 -8.08 0.31 6.08
C SER A 53 -7.28 -0.91 6.48
N LEU A 54 -7.62 -1.50 7.61
CA LEU A 54 -6.93 -2.69 8.12
C LEU A 54 -7.82 -3.93 7.99
N LEU A 55 -7.32 -4.95 7.30
CA LEU A 55 -8.07 -6.18 7.12
C LEU A 55 -7.26 -7.39 7.61
N GLY A 56 -7.97 -8.45 7.97
CA GLY A 56 -7.31 -9.65 8.46
C GLY A 56 -7.95 -10.93 7.94
N LYS A 57 -7.26 -11.61 7.04
CA LYS A 57 -7.77 -12.85 6.47
C LYS A 57 -7.13 -14.07 7.13
N LYS A 58 -5.80 -14.13 7.09
CA LYS A 58 -5.07 -15.24 7.69
C LYS A 58 -4.20 -14.74 8.84
N LYS A 59 -3.40 -13.71 8.58
CA LYS A 59 -2.52 -13.16 9.59
C LYS A 59 -2.69 -11.64 9.68
N LYS A 60 -2.23 -10.94 8.64
CA LYS A 60 -2.34 -9.48 8.60
C LYS A 60 -2.39 -8.98 7.16
N ARG A 61 -3.41 -8.19 6.84
CA ARG A 61 -3.57 -7.65 5.51
C ARG A 61 -3.80 -6.15 5.55
N LEU A 62 -3.27 -5.43 4.56
CA LEU A 62 -3.41 -3.98 4.49
C LEU A 62 -4.17 -3.57 3.24
N ARG A 63 -5.27 -2.85 3.43
CA ARG A 63 -6.08 -2.39 2.32
C ARG A 63 -5.72 -0.97 1.92
N VAL A 64 -5.26 -0.80 0.68
CA VAL A 64 -4.86 0.52 0.18
C VAL A 64 -5.95 1.12 -0.70
N ASP A 65 -6.38 2.32 -0.36
CA ASP A 65 -7.42 3.01 -1.12
C ASP A 65 -7.03 4.46 -1.39
N LYS A 66 -7.72 5.08 -2.34
CA LYS A 66 -7.45 6.46 -2.70
C LYS A 66 -8.74 7.24 -2.94
N TRP A 67 -8.66 8.57 -2.87
CA TRP A 67 -9.83 9.42 -3.08
C TRP A 67 -10.59 9.00 -4.34
N TRP A 68 -11.68 8.27 -4.15
CA TRP A 68 -12.50 7.81 -5.27
C TRP A 68 -12.78 8.95 -6.24
N GLY A 69 -12.43 8.75 -7.51
CA GLY A 69 -12.66 9.78 -8.51
C GLY A 69 -12.29 9.32 -9.90
N ASN A 70 -11.22 9.90 -10.45
CA ASN A 70 -10.78 9.54 -11.79
C ASN A 70 -9.95 8.26 -11.76
N ARG A 71 -9.41 7.89 -12.92
CA ARG A 71 -8.60 6.67 -13.03
C ARG A 71 -7.17 6.94 -12.57
N LYS A 72 -6.98 7.98 -11.78
CA LYS A 72 -5.66 8.34 -11.27
C LYS A 72 -5.28 7.47 -10.09
N GLU A 73 -6.27 7.09 -9.29
CA GLU A 73 -6.04 6.24 -8.12
C GLU A 73 -5.35 4.94 -8.53
N LEU A 74 -5.56 4.52 -9.77
CA LEU A 74 -4.97 3.29 -10.28
C LEU A 74 -3.44 3.41 -10.34
N ALA A 75 -2.96 4.58 -10.76
CA ALA A 75 -1.53 4.81 -10.86
C ALA A 75 -0.90 4.98 -9.48
N THR A 76 -1.58 5.72 -8.60
CA THR A 76 -1.08 5.94 -7.25
C THR A 76 -1.16 4.67 -6.42
N VAL A 77 -2.22 3.90 -6.61
CA VAL A 77 -2.40 2.65 -5.88
C VAL A 77 -1.33 1.64 -6.25
N ARG A 78 -1.07 1.51 -7.54
CA ARG A 78 -0.05 0.57 -8.02
C ARG A 78 1.33 0.93 -7.48
N THR A 79 1.66 2.22 -7.53
CA THR A 79 2.95 2.69 -7.05
C THR A 79 3.10 2.44 -5.55
N ILE A 80 2.08 2.80 -4.79
CA ILE A 80 2.10 2.61 -3.35
C ILE A 80 2.24 1.13 -2.99
N CYS A 81 1.44 0.29 -3.62
CA CYS A 81 1.48 -1.15 -3.37
C CYS A 81 2.89 -1.70 -3.59
N SER A 82 3.56 -1.19 -4.62
CA SER A 82 4.91 -1.64 -4.95
C SER A 82 5.89 -1.23 -3.85
N HIS A 83 5.71 -0.03 -3.31
CA HIS A 83 6.57 0.48 -2.26
C HIS A 83 6.52 -0.42 -1.02
N VAL A 84 5.30 -0.78 -0.62
CA VAL A 84 5.10 -1.64 0.54
C VAL A 84 5.69 -3.03 0.31
N GLN A 85 5.36 -3.62 -0.83
CA GLN A 85 5.86 -4.95 -1.18
C GLN A 85 7.38 -4.95 -1.26
N ASN A 86 7.95 -3.89 -1.82
CA ASN A 86 9.39 -3.77 -1.96
C ASN A 86 10.07 -3.69 -0.59
N MET A 87 9.43 -2.97 0.33
CA MET A 87 9.97 -2.82 1.68
C MET A 87 10.06 -4.17 2.38
N ILE A 88 8.99 -4.96 2.30
CA ILE A 88 8.96 -6.27 2.92
C ILE A 88 10.05 -7.18 2.37
N LYS A 89 10.19 -7.19 1.05
CA LYS A 89 11.20 -8.01 0.40
C LYS A 89 12.61 -7.53 0.74
N GLY A 90 12.75 -6.21 0.93
CA GLY A 90 14.04 -5.65 1.26
C GLY A 90 14.44 -5.94 2.69
N VAL A 91 13.44 -6.15 3.55
CA VAL A 91 13.70 -6.43 4.96
C VAL A 91 13.64 -7.93 5.24
N THR A 92 13.17 -8.69 4.25
CA THR A 92 13.06 -10.14 4.39
C THR A 92 14.12 -10.85 3.55
N LEU A 93 14.66 -10.15 2.56
CA LEU A 93 15.68 -10.71 1.69
C LEU A 93 16.99 -9.94 1.82
N GLY A 94 16.90 -8.62 1.83
CA GLY A 94 18.08 -7.79 1.96
C GLY A 94 18.17 -6.74 0.88
N SER A 95 18.59 -5.53 1.26
CA SER A 95 18.71 -4.43 0.31
C SER A 95 19.29 -4.92 -1.02
N GLY A 96 18.56 -4.66 -2.10
CA GLY A 96 19.01 -5.07 -3.41
C GLY A 96 18.96 -3.95 -4.43
N PRO A 97 19.28 -4.27 -5.69
CA PRO A 97 19.28 -3.30 -6.79
C PRO A 97 17.87 -2.84 -7.15
N SER A 98 17.70 -1.53 -7.32
CA SER A 98 16.39 -0.97 -7.68
C SER A 98 16.18 -0.99 -9.18
N SER A 99 17.21 -0.62 -9.93
CA SER A 99 17.14 -0.59 -11.38
C SER A 99 17.87 -1.79 -11.98
N GLY A 100 17.14 -2.87 -12.23
CA GLY A 100 17.73 -4.06 -12.79
C GLY A 100 19.05 -4.42 -12.15
N GLY A 1 -14.91 -5.32 -22.72
CA GLY A 1 -13.56 -5.38 -22.18
C GLY A 1 -13.14 -4.09 -21.51
N SER A 2 -12.01 -3.55 -21.94
CA SER A 2 -11.49 -2.31 -21.37
C SER A 2 -12.16 -1.09 -22.02
N SER A 3 -13.31 -0.69 -21.47
CA SER A 3 -14.04 0.45 -21.98
C SER A 3 -15.10 0.92 -20.98
N GLY A 4 -14.95 2.15 -20.51
CA GLY A 4 -15.90 2.69 -19.55
C GLY A 4 -15.37 3.92 -18.84
N SER A 5 -15.44 5.06 -19.52
CA SER A 5 -14.96 6.31 -18.95
C SER A 5 -15.71 6.66 -17.67
N SER A 6 -15.12 7.51 -16.84
CA SER A 6 -15.74 7.91 -15.58
C SER A 6 -15.87 9.44 -15.51
N GLY A 7 -17.03 9.90 -15.05
CA GLY A 7 -17.27 11.33 -14.94
C GLY A 7 -17.59 11.75 -13.52
N MET A 8 -18.87 11.68 -13.17
CA MET A 8 -19.31 12.06 -11.83
C MET A 8 -19.97 10.88 -11.12
N LYS A 9 -19.27 10.31 -10.14
CA LYS A 9 -19.78 9.18 -9.39
C LYS A 9 -18.84 8.79 -8.26
N THR A 10 -19.39 8.22 -7.20
CA THR A 10 -18.59 7.80 -6.06
C THR A 10 -18.42 6.29 -6.01
N ILE A 11 -18.44 5.67 -7.19
CA ILE A 11 -18.29 4.22 -7.29
C ILE A 11 -16.85 3.83 -7.63
N LEU A 12 -16.31 2.87 -6.91
CA LEU A 12 -14.95 2.40 -7.14
C LEU A 12 -14.67 1.11 -6.37
N SER A 13 -13.44 0.63 -6.47
CA SER A 13 -13.04 -0.60 -5.79
C SER A 13 -11.86 -0.35 -4.87
N ASN A 14 -11.39 -1.41 -4.22
CA ASN A 14 -10.25 -1.31 -3.30
C ASN A 14 -9.33 -2.51 -3.44
N GLN A 15 -8.08 -2.35 -3.02
CA GLN A 15 -7.10 -3.43 -3.11
C GLN A 15 -6.68 -3.88 -1.71
N THR A 16 -6.18 -5.11 -1.63
CA THR A 16 -5.74 -5.66 -0.35
C THR A 16 -4.35 -6.28 -0.47
N VAL A 17 -3.55 -6.14 0.58
CA VAL A 17 -2.20 -6.68 0.60
C VAL A 17 -2.03 -7.71 1.71
N ASP A 18 -1.22 -8.72 1.45
CA ASP A 18 -0.97 -9.78 2.43
C ASP A 18 0.45 -9.69 2.97
N ILE A 19 0.62 -10.00 4.25
CA ILE A 19 1.94 -9.96 4.88
C ILE A 19 2.25 -11.29 5.57
N PRO A 20 3.51 -11.74 5.43
CA PRO A 20 3.98 -12.99 6.03
C PRO A 20 4.07 -12.91 7.54
N GLU A 21 4.55 -13.99 8.16
CA GLU A 21 4.69 -14.03 9.61
C GLU A 21 6.11 -13.65 10.04
N ASN A 22 7.05 -13.75 9.10
CA ASN A 22 8.44 -13.42 9.37
C ASN A 22 8.67 -11.91 9.27
N VAL A 23 7.58 -11.16 9.23
CA VAL A 23 7.65 -9.70 9.13
C VAL A 23 6.58 -9.04 9.98
N ASP A 24 6.94 -7.95 10.65
CA ASP A 24 6.01 -7.22 11.50
C ASP A 24 5.79 -5.82 10.97
N ILE A 25 4.52 -5.47 10.75
CA ILE A 25 4.17 -4.15 10.24
C ILE A 25 3.21 -3.43 11.19
N THR A 26 3.52 -2.17 11.48
CA THR A 26 2.69 -1.37 12.38
C THR A 26 2.02 -0.22 11.62
N LEU A 27 0.69 -0.17 11.69
CA LEU A 27 -0.07 0.88 11.02
C LEU A 27 -0.50 1.95 12.01
N LYS A 28 -0.06 3.18 11.77
CA LYS A 28 -0.40 4.30 12.63
C LYS A 28 -0.96 5.47 11.82
N GLY A 29 -2.28 5.58 11.77
CA GLY A 29 -2.91 6.65 11.03
C GLY A 29 -2.58 6.60 9.55
N ARG A 30 -1.74 7.53 9.10
CA ARG A 30 -1.35 7.60 7.69
C ARG A 30 0.12 7.21 7.53
N THR A 31 0.64 6.46 8.49
CA THR A 31 2.03 6.02 8.44
C THR A 31 2.13 4.50 8.44
N VAL A 32 2.89 3.96 7.48
CA VAL A 32 3.07 2.52 7.37
C VAL A 32 4.48 2.10 7.78
N ILE A 33 4.56 1.32 8.85
CA ILE A 33 5.84 0.84 9.35
C ILE A 33 6.04 -0.63 9.05
N VAL A 34 7.21 -0.98 8.52
CA VAL A 34 7.52 -2.37 8.20
C VAL A 34 8.80 -2.82 8.89
N LYS A 35 8.75 -3.99 9.51
CA LYS A 35 9.91 -4.54 10.20
C LYS A 35 10.25 -5.94 9.68
N GLY A 36 11.52 -6.15 9.36
CA GLY A 36 11.95 -7.44 8.86
C GLY A 36 13.25 -7.91 9.50
N PRO A 37 13.54 -9.21 9.36
CA PRO A 37 14.75 -9.81 9.92
C PRO A 37 16.02 -9.34 9.21
N ARG A 38 15.85 -8.47 8.23
CA ARG A 38 16.97 -7.96 7.47
C ARG A 38 17.10 -6.44 7.64
N GLY A 39 16.09 -5.84 8.28
CA GLY A 39 16.11 -4.41 8.50
C GLY A 39 14.73 -3.84 8.74
N THR A 40 14.65 -2.59 9.18
CA THR A 40 13.38 -1.94 9.45
C THR A 40 13.16 -0.76 8.51
N LEU A 41 12.06 -0.80 7.76
CA LEU A 41 11.73 0.27 6.83
C LEU A 41 10.37 0.88 7.16
N ARG A 42 10.30 2.20 7.13
CA ARG A 42 9.06 2.91 7.42
C ARG A 42 8.73 3.91 6.31
N ARG A 43 7.45 4.27 6.21
CA ARG A 43 7.00 5.22 5.20
C ARG A 43 5.76 5.96 5.66
N ASP A 44 5.66 7.23 5.29
CA ASP A 44 4.52 8.06 5.65
C ASP A 44 3.73 8.48 4.42
N PHE A 45 2.40 8.44 4.53
CA PHE A 45 1.54 8.83 3.42
C PHE A 45 0.47 9.81 3.88
N ASN A 46 0.84 10.66 4.84
CA ASN A 46 -0.09 11.66 5.36
C ASN A 46 -0.28 12.80 4.37
N HIS A 47 0.79 13.52 4.09
CA HIS A 47 0.74 14.64 3.16
C HIS A 47 -0.22 14.35 2.01
N ILE A 48 -0.35 13.07 1.66
CA ILE A 48 -1.24 12.66 0.59
C ILE A 48 -2.63 12.31 1.11
N ASN A 49 -3.65 12.70 0.37
CA ASN A 49 -5.02 12.43 0.76
C ASN A 49 -5.53 11.15 0.11
N VAL A 50 -5.76 10.12 0.92
CA VAL A 50 -6.25 8.84 0.42
C VAL A 50 -7.04 8.10 1.50
N GLU A 51 -7.60 6.95 1.13
CA GLU A 51 -8.38 6.14 2.05
C GLU A 51 -7.71 4.80 2.32
N LEU A 52 -7.59 4.44 3.59
CA LEU A 52 -6.97 3.17 3.97
C LEU A 52 -7.79 2.47 5.05
N SER A 53 -7.51 1.18 5.26
CA SER A 53 -8.21 0.40 6.26
C SER A 53 -7.37 -0.79 6.71
N LEU A 54 -7.70 -1.33 7.87
CA LEU A 54 -6.98 -2.47 8.43
C LEU A 54 -7.83 -3.72 8.41
N LEU A 55 -7.27 -4.82 7.91
CA LEU A 55 -7.98 -6.09 7.84
C LEU A 55 -7.22 -7.18 8.57
N GLY A 56 -7.96 -8.05 9.26
CA GLY A 56 -7.34 -9.14 10.00
C GLY A 56 -8.20 -10.39 10.02
N LYS A 57 -8.67 -10.80 8.85
CA LYS A 57 -9.50 -11.99 8.74
C LYS A 57 -8.69 -13.25 9.02
N LYS A 58 -7.55 -13.38 8.35
CA LYS A 58 -6.69 -14.54 8.53
C LYS A 58 -5.33 -14.11 9.09
N LYS A 59 -4.77 -13.05 8.53
CA LYS A 59 -3.48 -12.55 8.97
C LYS A 59 -3.37 -11.05 8.74
N LYS A 60 -2.41 -10.41 9.42
CA LYS A 60 -2.20 -8.98 9.27
C LYS A 60 -2.21 -8.57 7.81
N ARG A 61 -3.33 -8.00 7.35
CA ARG A 61 -3.46 -7.56 5.97
C ARG A 61 -3.73 -6.07 5.89
N LEU A 62 -3.19 -5.41 4.87
CA LEU A 62 -3.39 -3.99 4.69
C LEU A 62 -4.33 -3.71 3.52
N ARG A 63 -5.34 -2.89 3.76
CA ARG A 63 -6.31 -2.54 2.72
C ARG A 63 -6.11 -1.11 2.24
N VAL A 64 -5.77 -0.96 0.97
CA VAL A 64 -5.55 0.36 0.40
C VAL A 64 -6.75 0.80 -0.44
N ASP A 65 -7.35 1.91 -0.03
CA ASP A 65 -8.51 2.45 -0.74
C ASP A 65 -8.15 3.73 -1.50
N LYS A 66 -8.34 3.70 -2.81
CA LYS A 66 -8.03 4.86 -3.65
C LYS A 66 -8.89 6.06 -3.25
N TRP A 67 -8.43 7.25 -3.62
CA TRP A 67 -9.15 8.47 -3.31
C TRP A 67 -10.17 8.80 -4.39
N TRP A 68 -11.44 8.55 -4.10
CA TRP A 68 -12.51 8.82 -5.06
C TRP A 68 -12.26 10.13 -5.80
N GLY A 69 -11.78 10.03 -7.02
CA GLY A 69 -11.50 11.22 -7.82
C GLY A 69 -11.08 10.88 -9.23
N ASN A 70 -10.10 11.63 -9.74
CA ASN A 70 -9.61 11.41 -11.10
C ASN A 70 -9.00 10.01 -11.24
N ARG A 71 -8.56 9.68 -12.45
CA ARG A 71 -7.96 8.38 -12.71
C ARG A 71 -6.49 8.38 -12.33
N LYS A 72 -6.11 9.27 -11.44
CA LYS A 72 -4.72 9.38 -10.98
C LYS A 72 -4.41 8.31 -9.94
N GLU A 73 -5.44 7.86 -9.24
CA GLU A 73 -5.27 6.83 -8.21
C GLU A 73 -4.62 5.58 -8.80
N LEU A 74 -4.75 5.40 -10.11
CA LEU A 74 -4.17 4.25 -10.78
C LEU A 74 -2.65 4.21 -10.60
N ALA A 75 -2.00 5.34 -10.88
CA ALA A 75 -0.57 5.44 -10.75
C ALA A 75 -0.15 5.47 -9.27
N THR A 76 -0.88 6.24 -8.48
CA THR A 76 -0.59 6.37 -7.05
C THR A 76 -0.73 5.03 -6.35
N VAL A 77 -1.75 4.26 -6.74
CA VAL A 77 -1.99 2.95 -6.16
C VAL A 77 -0.87 1.97 -6.49
N ARG A 78 -0.52 1.90 -7.77
CA ARG A 78 0.52 1.00 -8.23
C ARG A 78 1.83 1.29 -7.50
N THR A 79 2.08 2.56 -7.21
CA THR A 79 3.29 2.96 -6.52
C THR A 79 3.25 2.54 -5.05
N ILE A 80 2.15 2.83 -4.38
CA ILE A 80 1.98 2.48 -2.97
C ILE A 80 2.06 0.98 -2.77
N CYS A 81 1.33 0.23 -3.59
CA CYS A 81 1.33 -1.22 -3.50
C CYS A 81 2.73 -1.79 -3.69
N SER A 82 3.43 -1.27 -4.70
CA SER A 82 4.79 -1.73 -5.00
C SER A 82 5.75 -1.33 -3.89
N HIS A 83 5.54 -0.15 -3.33
CA HIS A 83 6.39 0.35 -2.26
C HIS A 83 6.36 -0.58 -1.05
N VAL A 84 5.15 -0.94 -0.62
CA VAL A 84 4.99 -1.83 0.53
C VAL A 84 5.59 -3.20 0.25
N GLN A 85 5.32 -3.73 -0.94
CA GLN A 85 5.85 -5.04 -1.33
C GLN A 85 7.36 -5.02 -1.39
N ASN A 86 7.91 -3.93 -1.93
CA ASN A 86 9.36 -3.78 -2.06
C ASN A 86 10.02 -3.72 -0.68
N MET A 87 9.35 -3.05 0.26
CA MET A 87 9.87 -2.92 1.61
C MET A 87 10.01 -4.27 2.28
N ILE A 88 8.96 -5.08 2.18
CA ILE A 88 8.96 -6.42 2.79
C ILE A 88 10.10 -7.26 2.24
N LYS A 89 10.20 -7.33 0.91
CA LYS A 89 11.26 -8.10 0.26
C LYS A 89 12.63 -7.58 0.65
N GLY A 90 12.73 -6.27 0.86
CA GLY A 90 14.00 -5.67 1.24
C GLY A 90 14.38 -5.98 2.68
N VAL A 91 13.39 -6.00 3.56
CA VAL A 91 13.62 -6.28 4.97
C VAL A 91 13.61 -7.78 5.24
N THR A 92 13.26 -8.56 4.22
CA THR A 92 13.21 -10.01 4.35
C THR A 92 14.29 -10.67 3.49
N LEU A 93 14.81 -9.92 2.52
CA LEU A 93 15.85 -10.44 1.63
C LEU A 93 17.11 -9.58 1.73
N GLY A 94 16.99 -8.29 1.44
CA GLY A 94 18.12 -7.40 1.50
C GLY A 94 18.18 -6.46 0.32
N SER A 95 17.95 -7.00 -0.88
CA SER A 95 17.99 -6.19 -2.09
C SER A 95 16.87 -5.14 -2.09
N GLY A 96 16.87 -4.28 -3.10
CA GLY A 96 15.85 -3.25 -3.19
C GLY A 96 15.75 -2.43 -1.93
N PRO A 97 16.62 -1.41 -1.81
CA PRO A 97 16.64 -0.52 -0.64
C PRO A 97 15.42 0.39 -0.59
N SER A 98 14.53 0.24 -1.56
CA SER A 98 13.33 1.06 -1.63
C SER A 98 13.62 2.50 -1.26
N SER A 99 14.73 3.03 -1.79
CA SER A 99 15.13 4.41 -1.51
C SER A 99 14.64 5.35 -2.60
N GLY A 100 14.79 4.92 -3.85
CA GLY A 100 14.35 5.75 -4.97
C GLY A 100 15.49 6.10 -5.91
N GLY A 1 -8.70 -1.05 -25.53
CA GLY A 1 -9.03 0.36 -25.52
C GLY A 1 -9.36 0.87 -24.13
N SER A 2 -9.31 2.19 -23.96
CA SER A 2 -9.60 2.80 -22.67
C SER A 2 -10.56 3.98 -22.84
N SER A 3 -11.43 4.16 -21.85
CA SER A 3 -12.40 5.25 -21.90
C SER A 3 -12.37 6.06 -20.60
N GLY A 4 -11.81 7.26 -20.68
CA GLY A 4 -11.73 8.12 -19.51
C GLY A 4 -13.06 8.29 -18.81
N SER A 5 -13.08 8.05 -17.50
CA SER A 5 -14.29 8.18 -16.72
C SER A 5 -14.63 9.64 -16.46
N SER A 6 -15.85 10.03 -16.82
CA SER A 6 -16.30 11.41 -16.63
C SER A 6 -17.76 11.45 -16.19
N GLY A 7 -18.01 12.13 -15.08
CA GLY A 7 -19.37 12.23 -14.58
C GLY A 7 -19.46 11.96 -13.08
N MET A 8 -20.09 12.87 -12.35
CA MET A 8 -20.24 12.72 -10.91
C MET A 8 -20.64 11.30 -10.55
N LYS A 9 -19.71 10.54 -9.99
CA LYS A 9 -19.96 9.16 -9.60
C LYS A 9 -18.78 8.58 -8.82
N THR A 10 -19.06 7.57 -8.00
CA THR A 10 -18.02 6.94 -7.21
C THR A 10 -17.99 5.43 -7.44
N ILE A 11 -17.36 5.02 -8.54
CA ILE A 11 -17.26 3.61 -8.88
C ILE A 11 -15.81 3.21 -9.15
N LEU A 12 -15.15 2.67 -8.13
CA LEU A 12 -13.76 2.24 -8.24
C LEU A 12 -13.53 0.93 -7.52
N SER A 13 -12.28 0.48 -7.49
CA SER A 13 -11.92 -0.77 -6.82
C SER A 13 -10.60 -0.62 -6.07
N ASN A 14 -10.58 -1.12 -4.84
CA ASN A 14 -9.37 -1.04 -4.01
C ASN A 14 -8.63 -2.37 -4.03
N GLN A 15 -7.36 -2.34 -3.59
CA GLN A 15 -6.54 -3.54 -3.56
C GLN A 15 -6.15 -3.90 -2.13
N THR A 16 -5.79 -5.16 -1.92
CA THR A 16 -5.40 -5.62 -0.59
C THR A 16 -3.99 -6.20 -0.60
N VAL A 17 -3.26 -5.99 0.49
CA VAL A 17 -1.90 -6.51 0.60
C VAL A 17 -1.81 -7.63 1.61
N ASP A 18 -0.91 -8.58 1.37
CA ASP A 18 -0.74 -9.71 2.27
C ASP A 18 0.61 -9.62 3.00
N ILE A 19 0.60 -9.94 4.28
CA ILE A 19 1.82 -9.90 5.08
C ILE A 19 2.11 -11.26 5.72
N PRO A 20 3.38 -11.69 5.64
CA PRO A 20 3.81 -12.98 6.20
C PRO A 20 3.81 -12.97 7.72
N GLU A 21 4.37 -14.01 8.31
CA GLU A 21 4.43 -14.12 9.77
C GLU A 21 5.82 -13.72 10.28
N ASN A 22 6.82 -13.81 9.42
CA ASN A 22 8.18 -13.46 9.79
C ASN A 22 8.42 -11.96 9.63
N VAL A 23 7.34 -11.21 9.44
CA VAL A 23 7.43 -9.76 9.29
C VAL A 23 6.36 -9.05 10.11
N ASP A 24 6.75 -7.96 10.75
CA ASP A 24 5.83 -7.18 11.57
C ASP A 24 5.64 -5.78 11.01
N ILE A 25 4.39 -5.35 10.88
CA ILE A 25 4.09 -4.03 10.35
C ILE A 25 3.17 -3.26 11.29
N THR A 26 3.56 -2.03 11.62
CA THR A 26 2.77 -1.19 12.51
C THR A 26 2.06 -0.09 11.74
N LEU A 27 0.76 0.06 11.99
CA LEU A 27 -0.03 1.09 11.32
C LEU A 27 -0.36 2.23 12.27
N LYS A 28 0.09 3.43 11.92
CA LYS A 28 -0.16 4.62 12.74
C LYS A 28 -0.74 5.75 11.90
N GLY A 29 -2.06 5.91 11.98
CA GLY A 29 -2.71 6.97 11.23
C GLY A 29 -2.53 6.80 9.73
N ARG A 30 -1.64 7.60 9.15
CA ARG A 30 -1.38 7.55 7.72
C ARG A 30 0.06 7.13 7.45
N THR A 31 0.68 6.48 8.42
CA THR A 31 2.06 6.02 8.30
C THR A 31 2.15 4.51 8.37
N VAL A 32 2.82 3.91 7.39
CA VAL A 32 2.98 2.46 7.35
C VAL A 32 4.40 2.05 7.74
N ILE A 33 4.51 1.32 8.86
CA ILE A 33 5.81 0.87 9.34
C ILE A 33 6.01 -0.61 9.07
N VAL A 34 7.16 -0.96 8.51
CA VAL A 34 7.48 -2.34 8.20
C VAL A 34 8.78 -2.78 8.86
N LYS A 35 8.75 -3.93 9.52
CA LYS A 35 9.93 -4.45 10.20
C LYS A 35 10.25 -5.87 9.72
N GLY A 36 11.51 -6.09 9.35
CA GLY A 36 11.93 -7.40 8.88
C GLY A 36 13.23 -7.85 9.49
N PRO A 37 13.53 -9.15 9.38
CA PRO A 37 14.76 -9.74 9.93
C PRO A 37 16.00 -9.29 9.16
N ARG A 38 15.80 -8.46 8.14
CA ARG A 38 16.89 -7.96 7.33
C ARG A 38 17.02 -6.45 7.45
N GLY A 39 16.03 -5.83 8.09
CA GLY A 39 16.06 -4.38 8.26
C GLY A 39 14.68 -3.82 8.55
N THR A 40 14.63 -2.54 8.92
CA THR A 40 13.37 -1.88 9.23
C THR A 40 13.10 -0.73 8.27
N LEU A 41 11.96 -0.79 7.59
CA LEU A 41 11.59 0.24 6.63
C LEU A 41 10.18 0.76 6.91
N ARG A 42 10.02 2.08 6.86
CA ARG A 42 8.72 2.70 7.12
C ARG A 42 8.44 3.81 6.10
N ARG A 43 7.17 4.12 5.90
CA ARG A 43 6.78 5.16 4.96
C ARG A 43 5.64 6.01 5.53
N ASP A 44 5.69 7.31 5.27
CA ASP A 44 4.68 8.23 5.76
C ASP A 44 3.89 8.84 4.61
N PHE A 45 2.57 8.69 4.65
CA PHE A 45 1.71 9.23 3.60
C PHE A 45 0.73 10.26 4.17
N ASN A 46 1.10 10.85 5.31
CA ASN A 46 0.26 11.84 5.95
C ASN A 46 -0.06 12.99 5.00
N HIS A 47 0.98 13.75 4.64
CA HIS A 47 0.81 14.88 3.74
C HIS A 47 -0.17 14.55 2.62
N ILE A 48 -0.26 13.27 2.28
CA ILE A 48 -1.16 12.82 1.23
C ILE A 48 -2.48 12.33 1.81
N ASN A 49 -3.58 12.81 1.22
CA ASN A 49 -4.91 12.42 1.68
C ASN A 49 -5.45 11.26 0.86
N VAL A 50 -5.48 10.08 1.47
CA VAL A 50 -5.98 8.88 0.80
C VAL A 50 -6.82 8.03 1.75
N GLU A 51 -7.24 6.86 1.27
CA GLU A 51 -8.05 5.96 2.07
C GLU A 51 -7.31 4.66 2.35
N LEU A 52 -7.32 4.23 3.61
CA LEU A 52 -6.64 3.00 4.01
C LEU A 52 -7.45 2.26 5.07
N SER A 53 -7.42 0.93 5.01
CA SER A 53 -8.14 0.11 5.96
C SER A 53 -7.32 -1.12 6.36
N LEU A 54 -7.60 -1.64 7.55
CA LEU A 54 -6.88 -2.80 8.06
C LEU A 54 -7.76 -4.05 7.97
N LEU A 55 -7.23 -5.09 7.33
CA LEU A 55 -7.95 -6.35 7.18
C LEU A 55 -7.14 -7.52 7.73
N GLY A 56 -7.83 -8.44 8.40
CA GLY A 56 -7.15 -9.59 8.97
C GLY A 56 -7.95 -10.87 8.81
N LYS A 57 -8.68 -10.98 7.70
CA LYS A 57 -9.50 -12.16 7.43
C LYS A 57 -8.78 -13.43 7.87
N LYS A 58 -7.53 -13.58 7.43
CA LYS A 58 -6.74 -14.75 7.78
C LYS A 58 -5.38 -14.33 8.36
N LYS A 59 -4.76 -13.34 7.74
CA LYS A 59 -3.46 -12.84 8.20
C LYS A 59 -3.38 -11.34 8.05
N LYS A 60 -2.43 -10.72 8.75
CA LYS A 60 -2.23 -9.28 8.68
C LYS A 60 -2.26 -8.79 7.24
N ARG A 61 -3.33 -8.07 6.90
CA ARG A 61 -3.48 -7.55 5.54
C ARG A 61 -3.76 -6.04 5.58
N LEU A 62 -3.33 -5.34 4.54
CA LEU A 62 -3.53 -3.90 4.44
C LEU A 62 -4.34 -3.54 3.20
N ARG A 63 -5.41 -2.78 3.41
CA ARG A 63 -6.27 -2.36 2.31
C ARG A 63 -5.84 -1.01 1.75
N VAL A 64 -5.56 -0.96 0.46
CA VAL A 64 -5.14 0.27 -0.20
C VAL A 64 -6.28 0.89 -1.01
N ASP A 65 -6.66 2.11 -0.65
CA ASP A 65 -7.74 2.80 -1.35
C ASP A 65 -7.34 4.25 -1.65
N LYS A 66 -7.40 4.61 -2.92
CA LYS A 66 -7.05 5.97 -3.34
C LYS A 66 -8.30 6.77 -3.68
N TRP A 67 -8.12 8.08 -3.89
CA TRP A 67 -9.24 8.95 -4.22
C TRP A 67 -10.20 8.27 -5.18
N TRP A 68 -11.47 8.67 -5.12
CA TRP A 68 -12.49 8.09 -5.99
C TRP A 68 -12.85 9.05 -7.11
N GLY A 69 -12.25 8.83 -8.28
CA GLY A 69 -12.52 9.69 -9.42
C GLY A 69 -11.91 9.15 -10.70
N ASN A 70 -11.10 9.98 -11.35
CA ASN A 70 -10.45 9.60 -12.59
C ASN A 70 -9.68 8.28 -12.43
N ARG A 71 -9.00 7.85 -13.48
CA ARG A 71 -8.23 6.61 -13.45
C ARG A 71 -6.86 6.84 -12.83
N LYS A 72 -6.74 7.89 -12.02
CA LYS A 72 -5.49 8.21 -11.36
C LYS A 72 -5.25 7.31 -10.15
N GLU A 73 -6.33 6.89 -9.51
CA GLU A 73 -6.25 6.02 -8.35
C GLU A 73 -5.50 4.74 -8.69
N LEU A 74 -5.71 4.23 -9.89
CA LEU A 74 -5.05 3.01 -10.34
C LEU A 74 -3.53 3.16 -10.30
N ALA A 75 -3.03 4.24 -10.89
CA ALA A 75 -1.60 4.51 -10.90
C ALA A 75 -1.07 4.77 -9.50
N THR A 76 -1.82 5.54 -8.72
CA THR A 76 -1.42 5.87 -7.37
C THR A 76 -1.26 4.61 -6.51
N VAL A 77 -2.18 3.66 -6.70
CA VAL A 77 -2.13 2.40 -5.96
C VAL A 77 -0.94 1.56 -6.37
N ARG A 78 -0.62 1.56 -7.66
CA ARG A 78 0.49 0.79 -8.18
C ARG A 78 1.81 1.24 -7.53
N THR A 79 1.98 2.55 -7.41
CA THR A 79 3.19 3.10 -6.80
C THR A 79 3.29 2.73 -5.33
N ILE A 80 2.21 2.97 -4.58
CA ILE A 80 2.17 2.66 -3.16
C ILE A 80 2.37 1.17 -2.93
N CYS A 81 1.63 0.35 -3.67
CA CYS A 81 1.73 -1.10 -3.54
C CYS A 81 3.18 -1.56 -3.70
N SER A 82 3.85 -1.04 -4.71
CA SER A 82 5.23 -1.41 -4.99
C SER A 82 6.13 -1.01 -3.82
N HIS A 83 5.84 0.13 -3.21
CA HIS A 83 6.63 0.63 -2.09
C HIS A 83 6.50 -0.32 -0.89
N VAL A 84 5.27 -0.65 -0.52
CA VAL A 84 5.01 -1.54 0.60
C VAL A 84 5.58 -2.93 0.35
N GLN A 85 5.27 -3.48 -0.82
CA GLN A 85 5.76 -4.80 -1.19
C GLN A 85 7.28 -4.83 -1.25
N ASN A 86 7.87 -3.79 -1.84
CA ASN A 86 9.31 -3.70 -1.96
C ASN A 86 9.98 -3.64 -0.59
N MET A 87 9.29 -3.00 0.36
CA MET A 87 9.82 -2.87 1.72
C MET A 87 9.90 -4.24 2.40
N ILE A 88 8.82 -5.01 2.31
CA ILE A 88 8.76 -6.33 2.91
C ILE A 88 9.88 -7.22 2.37
N LYS A 89 10.01 -7.26 1.04
CA LYS A 89 11.02 -8.08 0.40
C LYS A 89 12.42 -7.60 0.79
N GLY A 90 12.60 -6.28 0.83
CA GLY A 90 13.90 -5.73 1.18
C GLY A 90 14.26 -6.00 2.64
N VAL A 91 13.26 -6.07 3.49
CA VAL A 91 13.48 -6.32 4.91
C VAL A 91 13.43 -7.82 5.22
N THR A 92 13.02 -8.60 4.22
CA THR A 92 12.94 -10.05 4.39
C THR A 92 13.98 -10.76 3.53
N LEU A 93 14.51 -10.05 2.55
CA LEU A 93 15.53 -10.61 1.65
C LEU A 93 16.86 -9.89 1.82
N GLY A 94 16.82 -8.56 1.79
CA GLY A 94 18.02 -7.78 1.94
C GLY A 94 18.04 -6.57 1.02
N SER A 95 19.18 -5.88 0.98
CA SER A 95 19.32 -4.70 0.14
C SER A 95 20.57 -4.81 -0.74
N GLY A 96 20.35 -5.16 -2.01
CA GLY A 96 21.46 -5.28 -2.94
C GLY A 96 21.21 -4.56 -4.24
N PRO A 97 21.93 -4.97 -5.30
CA PRO A 97 21.80 -4.37 -6.63
C PRO A 97 20.47 -4.68 -7.28
N SER A 98 19.82 -5.75 -6.83
CA SER A 98 18.54 -6.16 -7.38
C SER A 98 17.69 -4.95 -7.74
N SER A 99 17.76 -4.55 -9.01
CA SER A 99 17.00 -3.40 -9.49
C SER A 99 15.53 -3.52 -9.12
N GLY A 100 14.92 -4.66 -9.48
CA GLY A 100 13.52 -4.89 -9.18
C GLY A 100 12.79 -5.57 -10.31
N GLY A 1 -27.75 13.90 -28.78
CA GLY A 1 -27.98 14.47 -27.46
C GLY A 1 -26.70 14.62 -26.67
N SER A 2 -26.72 15.48 -25.65
CA SER A 2 -25.55 15.72 -24.83
C SER A 2 -25.75 15.18 -23.42
N SER A 3 -24.77 14.43 -22.93
CA SER A 3 -24.85 13.84 -21.60
C SER A 3 -25.27 14.88 -20.57
N GLY A 4 -24.65 16.06 -20.63
CA GLY A 4 -24.98 17.12 -19.70
C GLY A 4 -24.01 17.19 -18.54
N SER A 5 -24.53 17.03 -17.32
CA SER A 5 -23.70 17.08 -16.13
C SER A 5 -23.77 15.77 -15.35
N SER A 6 -22.81 15.56 -14.46
CA SER A 6 -22.77 14.34 -13.67
C SER A 6 -22.01 14.57 -12.36
N GLY A 7 -22.50 13.97 -11.28
CA GLY A 7 -21.86 14.12 -9.99
C GLY A 7 -20.66 13.21 -9.82
N MET A 8 -20.43 12.74 -8.60
CA MET A 8 -19.30 11.86 -8.31
C MET A 8 -19.77 10.41 -8.19
N LYS A 9 -18.96 9.49 -8.71
CA LYS A 9 -19.28 8.08 -8.67
C LYS A 9 -18.28 7.32 -7.82
N THR A 10 -18.76 6.34 -7.05
CA THR A 10 -17.90 5.54 -6.19
C THR A 10 -17.83 4.09 -6.68
N ILE A 11 -17.69 3.92 -7.99
CA ILE A 11 -17.61 2.59 -8.58
C ILE A 11 -16.21 2.01 -8.44
N LEU A 12 -15.24 2.89 -8.23
CA LEU A 12 -13.84 2.46 -8.08
C LEU A 12 -13.74 1.25 -7.15
N SER A 13 -12.63 0.53 -7.24
CA SER A 13 -12.41 -0.65 -6.41
C SER A 13 -11.24 -0.42 -5.45
N ASN A 14 -11.15 -1.29 -4.44
CA ASN A 14 -10.08 -1.18 -3.45
C ASN A 14 -9.10 -2.35 -3.58
N GLN A 15 -7.83 -2.08 -3.34
CA GLN A 15 -6.80 -3.11 -3.43
C GLN A 15 -6.41 -3.62 -2.03
N THR A 16 -6.01 -4.89 -1.97
CA THR A 16 -5.62 -5.48 -0.70
C THR A 16 -4.21 -6.05 -0.77
N VAL A 17 -3.45 -5.90 0.31
CA VAL A 17 -2.08 -6.39 0.36
C VAL A 17 -1.95 -7.55 1.34
N ASP A 18 -1.05 -8.47 1.04
CA ASP A 18 -0.83 -9.64 1.88
C ASP A 18 0.52 -9.55 2.58
N ILE A 19 0.57 -10.02 3.83
CA ILE A 19 1.80 -9.99 4.61
C ILE A 19 2.05 -11.33 5.29
N PRO A 20 3.32 -11.78 5.28
CA PRO A 20 3.72 -13.04 5.88
C PRO A 20 3.64 -13.00 7.40
N GLU A 21 4.23 -14.01 8.06
CA GLU A 21 4.23 -14.08 9.51
C GLU A 21 5.61 -13.72 10.07
N ASN A 22 6.62 -13.77 9.21
CA ASN A 22 7.98 -13.45 9.61
C ASN A 22 8.23 -11.95 9.56
N VAL A 23 7.19 -11.20 9.21
CA VAL A 23 7.29 -9.75 9.12
C VAL A 23 6.23 -9.07 9.98
N ASP A 24 6.60 -7.94 10.58
CA ASP A 24 5.68 -7.19 11.43
C ASP A 24 5.48 -5.78 10.89
N ILE A 25 4.22 -5.41 10.68
CA ILE A 25 3.89 -4.09 10.17
C ILE A 25 3.02 -3.31 11.15
N THR A 26 3.38 -2.05 11.38
CA THR A 26 2.64 -1.21 12.30
C THR A 26 2.04 0.00 11.59
N LEU A 27 0.72 0.14 11.66
CA LEU A 27 0.03 1.24 11.02
C LEU A 27 -0.33 2.33 12.03
N LYS A 28 0.18 3.53 11.82
CA LYS A 28 -0.09 4.65 12.71
C LYS A 28 -0.68 5.83 11.95
N GLY A 29 -2.01 5.95 11.99
CA GLY A 29 -2.66 7.04 11.28
C GLY A 29 -2.47 6.97 9.79
N ARG A 30 -1.46 7.67 9.29
CA ARG A 30 -1.17 7.68 7.87
C ARG A 30 0.28 7.26 7.59
N THR A 31 0.87 6.56 8.55
CA THR A 31 2.25 6.10 8.42
C THR A 31 2.33 4.58 8.48
N VAL A 32 3.00 3.98 7.50
CA VAL A 32 3.15 2.53 7.46
C VAL A 32 4.56 2.11 7.86
N ILE A 33 4.66 1.36 8.94
CA ILE A 33 5.94 0.88 9.43
C ILE A 33 6.13 -0.60 9.15
N VAL A 34 7.29 -0.96 8.60
CA VAL A 34 7.59 -2.35 8.27
C VAL A 34 8.86 -2.81 8.99
N LYS A 35 8.77 -3.97 9.64
CA LYS A 35 9.90 -4.53 10.37
C LYS A 35 10.22 -5.93 9.88
N GLY A 36 11.45 -6.12 9.40
CA GLY A 36 11.86 -7.43 8.91
C GLY A 36 13.15 -7.90 9.54
N PRO A 37 13.43 -9.21 9.41
CA PRO A 37 14.63 -9.83 9.97
C PRO A 37 15.90 -9.38 9.25
N ARG A 38 15.74 -8.49 8.28
CA ARG A 38 16.87 -7.97 7.52
C ARG A 38 16.98 -6.46 7.66
N GLY A 39 16.01 -5.86 8.34
CA GLY A 39 16.03 -4.42 8.53
C GLY A 39 14.65 -3.86 8.80
N THR A 40 14.58 -2.56 9.05
CA THR A 40 13.30 -1.89 9.33
C THR A 40 13.09 -0.71 8.40
N LEU A 41 11.98 -0.74 7.66
CA LEU A 41 11.65 0.33 6.73
C LEU A 41 10.26 0.90 7.01
N ARG A 42 10.14 2.22 6.96
CA ARG A 42 8.87 2.89 7.22
C ARG A 42 8.61 3.98 6.18
N ARG A 43 7.35 4.34 6.02
CA ARG A 43 6.97 5.38 5.06
C ARG A 43 5.79 6.19 5.58
N ASP A 44 5.81 7.50 5.32
CA ASP A 44 4.75 8.38 5.76
C ASP A 44 3.92 8.87 4.58
N PHE A 45 2.60 8.69 4.66
CA PHE A 45 1.70 9.11 3.59
C PHE A 45 0.65 10.08 4.12
N ASN A 46 1.05 10.91 5.08
CA ASN A 46 0.14 11.89 5.67
C ASN A 46 -0.13 13.04 4.70
N HIS A 47 0.95 13.64 4.20
CA HIS A 47 0.84 14.75 3.27
C HIS A 47 -0.22 14.47 2.20
N ILE A 48 -0.49 13.18 1.98
CA ILE A 48 -1.47 12.78 0.98
C ILE A 48 -2.75 12.29 1.66
N ASN A 49 -3.89 12.77 1.16
CA ASN A 49 -5.18 12.38 1.72
C ASN A 49 -5.76 11.18 0.97
N VAL A 50 -5.60 9.99 1.55
CA VAL A 50 -6.09 8.77 0.93
C VAL A 50 -6.91 7.95 1.94
N GLU A 51 -7.33 6.76 1.51
CA GLU A 51 -8.11 5.88 2.37
C GLU A 51 -7.34 4.60 2.67
N LEU A 52 -7.31 4.21 3.94
CA LEU A 52 -6.62 3.00 4.37
C LEU A 52 -7.43 2.25 5.42
N SER A 53 -7.30 0.92 5.41
CA SER A 53 -8.02 0.09 6.37
C SER A 53 -7.23 -1.18 6.68
N LEU A 54 -7.42 -1.69 7.90
CA LEU A 54 -6.73 -2.90 8.32
C LEU A 54 -7.63 -4.12 8.23
N LEU A 55 -7.11 -5.19 7.66
CA LEU A 55 -7.89 -6.43 7.51
C LEU A 55 -7.12 -7.62 8.09
N GLY A 56 -7.80 -8.40 8.93
CA GLY A 56 -7.18 -9.56 9.54
C GLY A 56 -8.11 -10.75 9.60
N LYS A 57 -8.82 -11.01 8.50
CA LYS A 57 -9.75 -12.13 8.43
C LYS A 57 -9.03 -13.46 8.69
N LYS A 58 -7.84 -13.60 8.09
CA LYS A 58 -7.06 -14.82 8.25
C LYS A 58 -5.61 -14.48 8.60
N LYS A 59 -5.01 -13.58 7.83
CA LYS A 59 -3.63 -13.18 8.06
C LYS A 59 -3.50 -11.66 8.00
N LYS A 60 -2.34 -11.15 8.40
CA LYS A 60 -2.08 -9.72 8.38
C LYS A 60 -2.16 -9.16 6.96
N ARG A 61 -3.20 -8.39 6.69
CA ARG A 61 -3.40 -7.80 5.38
C ARG A 61 -3.66 -6.30 5.48
N LEU A 62 -3.16 -5.54 4.51
CA LEU A 62 -3.35 -4.09 4.49
C LEU A 62 -4.25 -3.67 3.33
N ARG A 63 -5.30 -2.93 3.65
CA ARG A 63 -6.23 -2.46 2.63
C ARG A 63 -5.84 -1.07 2.14
N VAL A 64 -5.51 -0.98 0.85
CA VAL A 64 -5.12 0.29 0.25
C VAL A 64 -6.22 0.83 -0.66
N ASP A 65 -6.73 2.00 -0.33
CA ASP A 65 -7.78 2.63 -1.13
C ASP A 65 -7.39 4.05 -1.53
N LYS A 66 -7.33 4.29 -2.84
CA LYS A 66 -6.96 5.60 -3.35
C LYS A 66 -8.20 6.46 -3.59
N TRP A 67 -7.99 7.73 -3.87
CA TRP A 67 -9.10 8.66 -4.13
C TRP A 67 -10.16 8.01 -5.01
N TRP A 68 -11.37 8.53 -4.94
CA TRP A 68 -12.48 8.01 -5.74
C TRP A 68 -12.84 8.97 -6.86
N GLY A 69 -12.41 8.65 -8.08
CA GLY A 69 -12.70 9.50 -9.22
C GLY A 69 -12.11 8.95 -10.50
N ASN A 70 -11.34 9.80 -11.20
CA ASN A 70 -10.72 9.40 -12.45
C ASN A 70 -9.97 8.08 -12.30
N ARG A 71 -9.40 7.60 -13.39
CA ARG A 71 -8.65 6.34 -13.38
C ARG A 71 -7.21 6.58 -12.92
N LYS A 72 -7.00 7.65 -12.17
CA LYS A 72 -5.67 7.99 -11.66
C LYS A 72 -5.33 7.13 -10.45
N GLU A 73 -6.34 6.76 -9.68
CA GLU A 73 -6.15 5.95 -8.49
C GLU A 73 -5.43 4.64 -8.82
N LEU A 74 -5.54 4.23 -10.08
CA LEU A 74 -4.90 3.00 -10.53
C LEU A 74 -3.38 3.13 -10.48
N ALA A 75 -2.86 4.20 -11.06
CA ALA A 75 -1.42 4.44 -11.08
C ALA A 75 -0.88 4.67 -9.66
N THR A 76 -1.62 5.45 -8.88
CA THR A 76 -1.22 5.76 -7.51
C THR A 76 -1.11 4.48 -6.69
N VAL A 77 -2.03 3.55 -6.90
CA VAL A 77 -2.04 2.29 -6.18
C VAL A 77 -0.84 1.43 -6.56
N ARG A 78 -0.50 1.45 -7.84
CA ARG A 78 0.63 0.67 -8.35
C ARG A 78 1.93 1.09 -7.68
N THR A 79 2.09 2.40 -7.51
CA THR A 79 3.29 2.95 -6.89
C THR A 79 3.30 2.68 -5.39
N ILE A 80 2.19 3.00 -4.72
CA ILE A 80 2.08 2.78 -3.29
C ILE A 80 2.23 1.32 -2.93
N CYS A 81 1.51 0.46 -3.65
CA CYS A 81 1.56 -0.97 -3.41
C CYS A 81 2.97 -1.51 -3.63
N SER A 82 3.62 -1.04 -4.69
CA SER A 82 4.98 -1.48 -5.00
C SER A 82 5.94 -1.10 -3.88
N HIS A 83 5.74 0.08 -3.30
CA HIS A 83 6.59 0.56 -2.22
C HIS A 83 6.51 -0.37 -1.02
N VAL A 84 5.29 -0.68 -0.58
CA VAL A 84 5.07 -1.55 0.56
C VAL A 84 5.65 -2.93 0.31
N GLN A 85 5.36 -3.49 -0.86
CA GLN A 85 5.86 -4.81 -1.22
C GLN A 85 7.39 -4.83 -1.26
N ASN A 86 7.97 -3.77 -1.81
CA ASN A 86 9.42 -3.67 -1.91
C ASN A 86 10.05 -3.62 -0.53
N MET A 87 9.39 -2.92 0.39
CA MET A 87 9.89 -2.79 1.76
C MET A 87 9.98 -4.15 2.44
N ILE A 88 8.90 -4.93 2.33
CA ILE A 88 8.85 -6.25 2.94
C ILE A 88 9.97 -7.14 2.41
N LYS A 89 10.08 -7.24 1.08
CA LYS A 89 11.11 -8.04 0.45
C LYS A 89 12.50 -7.54 0.82
N GLY A 90 12.63 -6.23 1.00
CA GLY A 90 13.91 -5.65 1.36
C GLY A 90 14.30 -5.95 2.79
N VAL A 91 13.31 -6.00 3.67
CA VAL A 91 13.56 -6.28 5.08
C VAL A 91 13.53 -7.77 5.36
N THR A 92 13.12 -8.55 4.36
CA THR A 92 13.05 -10.00 4.50
C THR A 92 14.11 -10.68 3.64
N LEU A 93 14.67 -9.95 2.69
CA LEU A 93 15.70 -10.49 1.81
C LEU A 93 17.00 -9.68 1.92
N GLY A 94 16.86 -8.35 1.88
CA GLY A 94 18.02 -7.49 1.97
C GLY A 94 18.45 -6.93 0.64
N SER A 95 17.83 -5.82 0.25
CA SER A 95 18.14 -5.17 -1.03
C SER A 95 17.40 -3.85 -1.17
N GLY A 96 18.11 -2.82 -1.60
CA GLY A 96 17.51 -1.51 -1.77
C GLY A 96 18.50 -0.46 -2.20
N PRO A 97 18.07 0.45 -3.09
CA PRO A 97 18.91 1.53 -3.61
C PRO A 97 19.22 2.58 -2.55
N SER A 98 18.18 3.07 -1.89
CA SER A 98 18.33 4.08 -0.85
C SER A 98 18.50 3.44 0.52
N SER A 99 19.69 3.55 1.08
CA SER A 99 19.99 2.97 2.39
C SER A 99 19.18 3.67 3.48
N GLY A 100 17.99 3.15 3.76
CA GLY A 100 17.14 3.73 4.79
C GLY A 100 15.68 3.40 4.59
N GLY A 1 -1.12 11.22 -23.75
CA GLY A 1 -1.12 11.59 -22.34
C GLY A 1 -2.52 11.71 -21.77
N SER A 2 -2.64 12.46 -20.68
CA SER A 2 -3.93 12.65 -20.02
C SER A 2 -4.99 13.10 -21.04
N SER A 3 -5.82 12.16 -21.46
CA SER A 3 -6.87 12.45 -22.43
C SER A 3 -8.23 11.95 -21.93
N GLY A 4 -9.20 12.86 -21.84
CA GLY A 4 -10.53 12.50 -21.38
C GLY A 4 -11.22 13.63 -20.66
N SER A 5 -12.33 13.32 -20.01
CA SER A 5 -13.10 14.32 -19.28
C SER A 5 -12.64 14.42 -17.83
N SER A 6 -12.97 15.52 -17.17
CA SER A 6 -12.59 15.74 -15.78
C SER A 6 -13.78 15.50 -14.85
N GLY A 7 -14.57 14.48 -15.14
CA GLY A 7 -15.72 14.16 -14.33
C GLY A 7 -16.27 12.79 -14.60
N MET A 8 -16.02 11.85 -13.68
CA MET A 8 -16.49 10.48 -13.83
C MET A 8 -17.17 9.99 -12.55
N LYS A 9 -17.86 8.87 -12.64
CA LYS A 9 -18.55 8.29 -11.49
C LYS A 9 -17.58 8.07 -10.34
N THR A 10 -18.12 7.69 -9.18
CA THR A 10 -17.30 7.45 -8.00
C THR A 10 -16.98 5.96 -7.85
N ILE A 11 -16.50 5.36 -8.93
CA ILE A 11 -16.17 3.94 -8.93
C ILE A 11 -15.46 3.55 -7.63
N LEU A 12 -15.92 2.46 -7.01
CA LEU A 12 -15.32 1.99 -5.76
C LEU A 12 -14.52 0.71 -6.00
N SER A 13 -13.20 0.85 -5.99
CA SER A 13 -12.32 -0.30 -6.20
C SER A 13 -10.99 -0.09 -5.48
N ASN A 14 -10.79 -0.85 -4.40
CA ASN A 14 -9.55 -0.75 -3.63
C ASN A 14 -8.73 -2.03 -3.73
N GLN A 15 -7.44 -1.92 -3.51
CA GLN A 15 -6.54 -3.07 -3.59
C GLN A 15 -6.18 -3.57 -2.19
N THR A 16 -5.85 -4.85 -2.10
CA THR A 16 -5.48 -5.45 -0.82
C THR A 16 -4.07 -6.03 -0.87
N VAL A 17 -3.36 -5.94 0.26
CA VAL A 17 -2.00 -6.45 0.35
C VAL A 17 -1.91 -7.58 1.36
N ASP A 18 -1.01 -8.53 1.10
CA ASP A 18 -0.81 -9.67 1.99
C ASP A 18 0.53 -9.57 2.72
N ILE A 19 0.54 -9.98 3.97
CA ILE A 19 1.77 -9.94 4.77
C ILE A 19 2.06 -11.30 5.40
N PRO A 20 3.33 -11.70 5.38
CA PRO A 20 3.77 -12.98 5.95
C PRO A 20 3.69 -13.00 7.48
N GLU A 21 4.30 -14.01 8.08
CA GLU A 21 4.29 -14.14 9.53
C GLU A 21 5.66 -13.80 10.12
N ASN A 22 6.69 -13.89 9.28
CA ASN A 22 8.05 -13.59 9.71
C ASN A 22 8.31 -12.08 9.69
N VAL A 23 7.31 -11.32 9.27
CA VAL A 23 7.42 -9.87 9.19
C VAL A 23 6.38 -9.18 10.06
N ASP A 24 6.74 -8.03 10.61
CA ASP A 24 5.83 -7.27 11.46
C ASP A 24 5.66 -5.85 10.94
N ILE A 25 4.42 -5.45 10.71
CA ILE A 25 4.12 -4.11 10.21
C ILE A 25 3.17 -3.38 11.15
N THR A 26 3.49 -2.11 11.42
CA THR A 26 2.67 -1.29 12.31
C THR A 26 2.07 -0.10 11.57
N LEU A 27 0.76 0.07 11.68
CA LEU A 27 0.06 1.17 11.03
C LEU A 27 -0.29 2.27 12.03
N LYS A 28 0.22 3.48 11.78
CA LYS A 28 -0.05 4.61 12.65
C LYS A 28 -0.68 5.76 11.87
N GLY A 29 -1.99 5.90 12.00
CA GLY A 29 -2.70 6.96 11.30
C GLY A 29 -2.55 6.86 9.79
N ARG A 30 -1.62 7.62 9.24
CA ARG A 30 -1.38 7.61 7.80
C ARG A 30 0.04 7.18 7.48
N THR A 31 0.70 6.54 8.44
CA THR A 31 2.07 6.07 8.26
C THR A 31 2.17 4.56 8.41
N VAL A 32 2.79 3.91 7.44
CA VAL A 32 2.95 2.47 7.46
C VAL A 32 4.39 2.08 7.81
N ILE A 33 4.54 1.28 8.86
CA ILE A 33 5.86 0.84 9.30
C ILE A 33 6.03 -0.66 9.07
N VAL A 34 7.17 -1.02 8.47
CA VAL A 34 7.47 -2.42 8.18
C VAL A 34 8.73 -2.87 8.89
N LYS A 35 8.67 -4.02 9.55
CA LYS A 35 9.81 -4.56 10.27
C LYS A 35 10.15 -5.96 9.78
N GLY A 36 11.39 -6.14 9.33
CA GLY A 36 11.83 -7.44 8.84
C GLY A 36 13.11 -7.91 9.50
N PRO A 37 13.39 -9.21 9.36
CA PRO A 37 14.59 -9.82 9.96
C PRO A 37 15.88 -9.36 9.25
N ARG A 38 15.73 -8.46 8.29
CA ARG A 38 16.87 -7.95 7.55
C ARG A 38 16.97 -6.43 7.70
N GLY A 39 15.98 -5.84 8.36
CA GLY A 39 15.99 -4.40 8.57
C GLY A 39 14.60 -3.84 8.80
N THR A 40 14.52 -2.53 9.03
CA THR A 40 13.24 -1.89 9.28
C THR A 40 13.01 -0.73 8.32
N LEU A 41 11.88 -0.74 7.63
CA LEU A 41 11.54 0.32 6.68
C LEU A 41 10.13 0.83 6.91
N ARG A 42 9.96 2.14 6.88
CA ARG A 42 8.65 2.76 7.08
C ARG A 42 8.50 4.01 6.21
N ARG A 43 7.28 4.27 5.77
CA ARG A 43 7.00 5.43 4.94
C ARG A 43 5.76 6.17 5.44
N ASP A 44 5.82 7.50 5.43
CA ASP A 44 4.70 8.32 5.87
C ASP A 44 3.90 8.84 4.68
N PHE A 45 2.60 8.59 4.71
CA PHE A 45 1.72 9.02 3.63
C PHE A 45 0.70 10.03 4.14
N ASN A 46 1.05 10.74 5.22
CA ASN A 46 0.16 11.73 5.80
C ASN A 46 -0.09 12.88 4.83
N HIS A 47 0.97 13.63 4.52
CA HIS A 47 0.86 14.76 3.60
C HIS A 47 -0.12 14.45 2.48
N ILE A 48 -0.23 13.18 2.12
CA ILE A 48 -1.13 12.76 1.06
C ILE A 48 -2.48 12.34 1.63
N ASN A 49 -3.55 12.83 1.01
CA ASN A 49 -4.90 12.50 1.46
C ASN A 49 -5.46 11.32 0.68
N VAL A 50 -5.69 10.21 1.39
CA VAL A 50 -6.22 9.01 0.77
C VAL A 50 -7.02 8.18 1.77
N GLU A 51 -7.46 7.00 1.33
CA GLU A 51 -8.24 6.11 2.19
C GLU A 51 -7.49 4.81 2.46
N LEU A 52 -7.42 4.41 3.72
CA LEU A 52 -6.74 3.19 4.10
C LEU A 52 -7.54 2.42 5.15
N SER A 53 -7.39 1.09 5.14
CA SER A 53 -8.10 0.24 6.09
C SER A 53 -7.25 -0.97 6.47
N LEU A 54 -7.44 -1.45 7.70
CA LEU A 54 -6.70 -2.61 8.18
C LEU A 54 -7.51 -3.89 8.02
N LEU A 55 -6.84 -4.95 7.58
CA LEU A 55 -7.48 -6.24 7.37
C LEU A 55 -6.72 -7.35 8.08
N GLY A 56 -7.46 -8.19 8.81
CA GLY A 56 -6.83 -9.28 9.52
C GLY A 56 -7.79 -10.43 9.78
N LYS A 57 -8.35 -10.99 8.72
CA LYS A 57 -9.29 -12.09 8.84
C LYS A 57 -8.57 -13.42 9.02
N LYS A 58 -7.65 -13.70 8.10
CA LYS A 58 -6.87 -14.94 8.16
C LYS A 58 -5.38 -14.64 8.28
N LYS A 59 -4.98 -13.44 7.87
CA LYS A 59 -3.58 -13.03 7.93
C LYS A 59 -3.47 -11.51 7.85
N LYS A 60 -2.31 -10.99 8.25
CA LYS A 60 -2.05 -9.56 8.21
C LYS A 60 -2.16 -9.02 6.79
N ARG A 61 -3.21 -8.26 6.52
CA ARG A 61 -3.42 -7.69 5.19
C ARG A 61 -3.71 -6.19 5.29
N LEU A 62 -3.16 -5.43 4.35
CA LEU A 62 -3.35 -3.99 4.33
C LEU A 62 -4.21 -3.57 3.14
N ARG A 63 -5.31 -2.86 3.41
CA ARG A 63 -6.20 -2.40 2.36
C ARG A 63 -5.86 -0.98 1.94
N VAL A 64 -5.50 -0.81 0.68
CA VAL A 64 -5.15 0.50 0.15
C VAL A 64 -6.26 1.05 -0.74
N ASP A 65 -6.80 2.21 -0.35
CA ASP A 65 -7.86 2.84 -1.12
C ASP A 65 -7.50 4.28 -1.49
N LYS A 66 -7.96 4.73 -2.65
CA LYS A 66 -7.68 6.08 -3.12
C LYS A 66 -8.97 6.80 -3.47
N TRP A 67 -8.86 8.12 -3.69
CA TRP A 67 -10.02 8.92 -4.03
C TRP A 67 -10.86 8.25 -5.10
N TRP A 68 -12.09 7.91 -4.76
CA TRP A 68 -13.00 7.25 -5.69
C TRP A 68 -13.39 8.20 -6.82
N GLY A 69 -12.97 7.87 -8.04
CA GLY A 69 -13.30 8.69 -9.18
C GLY A 69 -12.57 8.26 -10.44
N ASN A 70 -11.74 9.15 -10.99
CA ASN A 70 -10.99 8.85 -12.20
C ASN A 70 -10.18 7.56 -12.03
N ARG A 71 -9.48 7.17 -13.09
CA ARG A 71 -8.67 5.96 -13.06
C ARG A 71 -7.29 6.23 -12.47
N LYS A 72 -7.21 7.27 -11.63
CA LYS A 72 -5.95 7.63 -11.00
C LYS A 72 -5.62 6.70 -9.83
N GLU A 73 -6.67 6.19 -9.19
CA GLU A 73 -6.50 5.28 -8.06
C GLU A 73 -5.67 4.06 -8.47
N LEU A 74 -5.72 3.72 -9.75
CA LEU A 74 -4.98 2.58 -10.27
C LEU A 74 -3.48 2.85 -10.25
N ALA A 75 -3.08 4.01 -10.78
CA ALA A 75 -1.67 4.39 -10.82
C ALA A 75 -1.11 4.57 -9.42
N THR A 76 -1.89 5.23 -8.56
CA THR A 76 -1.46 5.48 -7.19
C THR A 76 -1.36 4.18 -6.40
N VAL A 77 -2.30 3.27 -6.64
CA VAL A 77 -2.31 1.98 -5.95
C VAL A 77 -1.07 1.17 -6.30
N ARG A 78 -0.67 1.21 -7.56
CA ARG A 78 0.50 0.47 -8.02
C ARG A 78 1.77 1.03 -7.37
N THR A 79 1.89 2.35 -7.33
CA THR A 79 3.05 3.00 -6.75
C THR A 79 3.15 2.71 -5.26
N ILE A 80 2.05 2.94 -4.54
CA ILE A 80 2.01 2.70 -3.10
C ILE A 80 2.22 1.23 -2.78
N CYS A 81 1.51 0.36 -3.51
CA CYS A 81 1.62 -1.08 -3.31
C CYS A 81 3.05 -1.56 -3.53
N SER A 82 3.72 -0.96 -4.52
CA SER A 82 5.09 -1.33 -4.84
C SER A 82 6.04 -0.95 -3.70
N HIS A 83 5.81 0.22 -3.12
CA HIS A 83 6.64 0.70 -2.02
C HIS A 83 6.57 -0.25 -0.83
N VAL A 84 5.36 -0.64 -0.46
CA VAL A 84 5.15 -1.54 0.66
C VAL A 84 5.74 -2.92 0.37
N GLN A 85 5.43 -3.46 -0.80
CA GLN A 85 5.93 -4.77 -1.20
C GLN A 85 7.45 -4.78 -1.25
N ASN A 86 8.02 -3.69 -1.78
CA ASN A 86 9.47 -3.58 -1.90
C ASN A 86 10.12 -3.54 -0.51
N MET A 87 9.47 -2.86 0.42
CA MET A 87 9.99 -2.74 1.78
C MET A 87 10.06 -4.11 2.45
N ILE A 88 8.99 -4.88 2.33
CA ILE A 88 8.94 -6.21 2.92
C ILE A 88 10.06 -7.10 2.37
N LYS A 89 10.18 -7.14 1.05
CA LYS A 89 11.21 -7.95 0.40
C LYS A 89 12.60 -7.44 0.77
N GLY A 90 12.73 -6.13 0.94
CA GLY A 90 14.01 -5.55 1.28
C GLY A 90 14.41 -5.84 2.71
N VAL A 91 13.43 -6.11 3.56
CA VAL A 91 13.68 -6.40 4.96
C VAL A 91 13.60 -7.90 5.23
N THR A 92 13.16 -8.65 4.23
CA THR A 92 13.04 -10.10 4.35
C THR A 92 14.04 -10.82 3.46
N LEU A 93 14.51 -10.12 2.44
CA LEU A 93 15.49 -10.70 1.51
C LEU A 93 16.69 -9.79 1.35
N GLY A 94 16.47 -8.49 1.50
CA GLY A 94 17.55 -7.53 1.37
C GLY A 94 17.48 -6.74 0.08
N SER A 95 17.40 -7.46 -1.05
CA SER A 95 17.32 -6.83 -2.35
C SER A 95 16.35 -5.65 -2.34
N GLY A 96 16.55 -4.71 -3.25
CA GLY A 96 15.69 -3.55 -3.33
C GLY A 96 16.45 -2.24 -3.17
N PRO A 97 16.43 -1.68 -1.96
CA PRO A 97 17.12 -0.42 -1.66
C PRO A 97 18.64 -0.57 -1.67
N SER A 98 19.31 0.35 -2.34
CA SER A 98 20.77 0.32 -2.43
C SER A 98 21.39 -0.04 -1.09
N SER A 99 21.73 -1.31 -0.92
CA SER A 99 22.33 -1.78 0.32
C SER A 99 23.41 -0.83 0.80
N GLY A 100 23.40 -0.51 2.09
CA GLY A 100 24.37 0.39 2.66
C GLY A 100 23.82 1.77 2.90
N GLY A 1 -18.84 4.60 -22.31
CA GLY A 1 -18.89 5.93 -21.73
C GLY A 1 -17.71 6.79 -22.15
N SER A 2 -17.58 7.94 -21.51
CA SER A 2 -16.49 8.86 -21.81
C SER A 2 -15.88 9.42 -20.53
N SER A 3 -14.76 10.12 -20.67
CA SER A 3 -14.07 10.71 -19.53
C SER A 3 -14.75 12.00 -19.08
N GLY A 4 -15.21 12.01 -17.84
CA GLY A 4 -15.89 13.18 -17.31
C GLY A 4 -15.03 13.95 -16.32
N SER A 5 -15.59 14.19 -15.13
CA SER A 5 -14.86 14.92 -14.10
C SER A 5 -15.15 14.33 -12.71
N SER A 6 -14.11 14.24 -11.88
CA SER A 6 -14.25 13.69 -10.54
C SER A 6 -15.07 14.63 -9.65
N GLY A 7 -16.05 14.07 -8.95
CA GLY A 7 -16.89 14.87 -8.07
C GLY A 7 -18.13 14.13 -7.63
N MET A 8 -19.20 14.26 -8.40
CA MET A 8 -20.46 13.60 -8.07
C MET A 8 -20.35 12.09 -8.29
N LYS A 9 -19.35 11.67 -9.05
CA LYS A 9 -19.13 10.26 -9.34
C LYS A 9 -18.22 9.63 -8.28
N THR A 10 -18.47 8.37 -7.97
CA THR A 10 -17.67 7.65 -6.98
C THR A 10 -17.76 6.15 -7.19
N ILE A 11 -16.61 5.51 -7.43
CA ILE A 11 -16.55 4.08 -7.65
C ILE A 11 -16.06 3.36 -6.40
N LEU A 12 -16.76 2.30 -6.01
CA LEU A 12 -16.39 1.52 -4.84
C LEU A 12 -15.47 0.36 -5.22
N SER A 13 -14.16 0.62 -5.23
CA SER A 13 -13.18 -0.41 -5.59
C SER A 13 -11.85 -0.15 -4.88
N ASN A 14 -11.49 -1.04 -3.97
CA ASN A 14 -10.24 -0.91 -3.23
C ASN A 14 -9.35 -2.14 -3.43
N GLN A 15 -8.07 -1.99 -3.11
CA GLN A 15 -7.12 -3.09 -3.26
C GLN A 15 -6.69 -3.62 -1.90
N THR A 16 -6.22 -4.86 -1.88
CA THR A 16 -5.77 -5.49 -0.64
C THR A 16 -4.33 -5.99 -0.76
N VAL A 17 -3.61 -5.99 0.35
CA VAL A 17 -2.23 -6.44 0.36
C VAL A 17 -2.05 -7.65 1.29
N ASP A 18 -1.13 -8.53 0.94
CA ASP A 18 -0.85 -9.71 1.74
C ASP A 18 0.51 -9.61 2.43
N ILE A 19 0.54 -9.98 3.71
CA ILE A 19 1.78 -9.93 4.47
C ILE A 19 2.11 -11.29 5.09
N PRO A 20 3.39 -11.67 5.05
CA PRO A 20 3.86 -12.94 5.60
C PRO A 20 3.79 -12.98 7.12
N GLU A 21 4.42 -13.99 7.72
CA GLU A 21 4.43 -14.13 9.17
C GLU A 21 5.80 -13.76 9.74
N ASN A 22 6.82 -13.84 8.90
CA ASN A 22 8.18 -13.51 9.33
C ASN A 22 8.42 -12.00 9.28
N VAL A 23 7.34 -11.25 9.06
CA VAL A 23 7.44 -9.80 8.99
C VAL A 23 6.34 -9.14 9.83
N ASP A 24 6.69 -8.04 10.48
CA ASP A 24 5.74 -7.31 11.32
C ASP A 24 5.54 -5.89 10.81
N ILE A 25 4.29 -5.53 10.55
CA ILE A 25 3.95 -4.20 10.06
C ILE A 25 3.00 -3.49 10.99
N THR A 26 3.27 -2.21 11.24
CA THR A 26 2.43 -1.41 12.13
C THR A 26 1.81 -0.23 11.39
N LEU A 27 0.49 -0.10 11.48
CA LEU A 27 -0.22 0.98 10.82
C LEU A 27 -0.58 2.08 11.80
N LYS A 28 -0.11 3.29 11.53
CA LYS A 28 -0.38 4.44 12.40
C LYS A 28 -0.92 5.61 11.59
N GLY A 29 -2.23 5.78 11.59
CA GLY A 29 -2.85 6.88 10.86
C GLY A 29 -2.55 6.81 9.37
N ARG A 30 -1.62 7.65 8.91
CA ARG A 30 -1.25 7.68 7.51
C ARG A 30 0.21 7.29 7.33
N THR A 31 0.74 6.56 8.30
CA THR A 31 2.13 6.12 8.24
C THR A 31 2.23 4.60 8.25
N VAL A 32 2.97 4.04 7.30
CA VAL A 32 3.14 2.60 7.20
C VAL A 32 4.52 2.17 7.69
N ILE A 33 4.54 1.36 8.74
CA ILE A 33 5.80 0.87 9.30
C ILE A 33 5.99 -0.62 9.03
N VAL A 34 7.16 -0.98 8.51
CA VAL A 34 7.47 -2.36 8.20
C VAL A 34 8.72 -2.83 8.94
N LYS A 35 8.63 -3.99 9.57
CA LYS A 35 9.75 -4.55 10.32
C LYS A 35 10.12 -5.94 9.81
N GLY A 36 11.40 -6.17 9.59
CA GLY A 36 11.86 -7.46 9.10
C GLY A 36 13.14 -7.92 9.78
N PRO A 37 13.44 -9.22 9.65
CA PRO A 37 14.65 -9.81 10.24
C PRO A 37 15.93 -9.34 9.56
N ARG A 38 15.77 -8.47 8.56
CA ARG A 38 16.91 -7.94 7.82
C ARG A 38 17.00 -6.43 7.97
N GLY A 39 15.99 -5.84 8.58
CA GLY A 39 15.97 -4.40 8.78
C GLY A 39 14.57 -3.85 8.98
N THR A 40 14.47 -2.56 9.29
CA THR A 40 13.18 -1.93 9.51
C THR A 40 12.99 -0.73 8.58
N LEU A 41 11.93 -0.78 7.78
CA LEU A 41 11.64 0.31 6.84
C LEU A 41 10.26 0.88 7.10
N ARG A 42 10.16 2.21 7.07
CA ARG A 42 8.88 2.88 7.29
C ARG A 42 8.64 3.96 6.23
N ARG A 43 7.38 4.31 6.03
CA ARG A 43 7.01 5.32 5.04
C ARG A 43 5.88 6.20 5.56
N ASP A 44 5.84 7.43 5.07
CA ASP A 44 4.82 8.39 5.48
C ASP A 44 3.99 8.85 4.29
N PHE A 45 2.68 8.78 4.42
CA PHE A 45 1.77 9.19 3.35
C PHE A 45 0.75 10.21 3.85
N ASN A 46 1.19 11.09 4.73
CA ASN A 46 0.31 12.10 5.31
C ASN A 46 0.03 13.21 4.28
N HIS A 47 1.09 13.79 3.73
CA HIS A 47 0.94 14.85 2.74
C HIS A 47 -0.12 14.48 1.70
N ILE A 48 -0.40 13.19 1.58
CA ILE A 48 -1.38 12.72 0.61
C ILE A 48 -2.68 12.34 1.32
N ASN A 49 -3.80 12.83 0.78
CA ASN A 49 -5.11 12.54 1.36
C ASN A 49 -5.73 11.31 0.71
N VAL A 50 -5.44 10.13 1.28
CA VAL A 50 -5.97 8.88 0.75
C VAL A 50 -6.71 8.11 1.84
N GLU A 51 -7.18 6.92 1.49
CA GLU A 51 -7.91 6.08 2.43
C GLU A 51 -7.17 4.77 2.68
N LEU A 52 -7.10 4.38 3.94
CA LEU A 52 -6.42 3.14 4.32
C LEU A 52 -7.19 2.41 5.41
N SER A 53 -7.05 1.08 5.43
CA SER A 53 -7.74 0.26 6.42
C SER A 53 -6.95 -1.02 6.70
N LEU A 54 -7.23 -1.64 7.84
CA LEU A 54 -6.55 -2.87 8.23
C LEU A 54 -7.49 -4.07 8.13
N LEU A 55 -6.99 -5.16 7.57
CA LEU A 55 -7.79 -6.37 7.42
C LEU A 55 -7.00 -7.61 7.83
N GLY A 56 -7.68 -8.56 8.46
CA GLY A 56 -7.01 -9.78 8.90
C GLY A 56 -7.97 -10.96 9.00
N LYS A 57 -8.74 -11.19 7.95
CA LYS A 57 -9.70 -12.28 7.92
C LYS A 57 -8.99 -13.63 7.97
N LYS A 58 -7.93 -13.77 7.17
CA LYS A 58 -7.17 -15.01 7.12
C LYS A 58 -5.72 -14.77 7.57
N LYS A 59 -5.10 -13.73 7.02
CA LYS A 59 -3.73 -13.40 7.35
C LYS A 59 -3.52 -11.89 7.33
N LYS A 60 -2.53 -11.41 8.08
CA LYS A 60 -2.22 -9.99 8.14
C LYS A 60 -2.24 -9.37 6.75
N ARG A 61 -3.27 -8.59 6.46
CA ARG A 61 -3.41 -7.94 5.16
C ARG A 61 -3.67 -6.45 5.33
N LEU A 62 -3.20 -5.66 4.37
CA LEU A 62 -3.38 -4.22 4.40
C LEU A 62 -4.26 -3.74 3.25
N ARG A 63 -5.29 -2.98 3.59
CA ARG A 63 -6.21 -2.46 2.58
C ARG A 63 -5.79 -1.07 2.11
N VAL A 64 -5.61 -0.93 0.79
CA VAL A 64 -5.21 0.35 0.22
C VAL A 64 -6.36 1.01 -0.53
N ASP A 65 -6.68 2.24 -0.15
CA ASP A 65 -7.78 2.97 -0.78
C ASP A 65 -7.33 4.38 -1.15
N LYS A 66 -7.99 4.97 -2.14
CA LYS A 66 -7.66 6.33 -2.58
C LYS A 66 -8.94 7.13 -2.88
N TRP A 67 -8.79 8.44 -2.98
CA TRP A 67 -9.92 9.31 -3.26
C TRP A 67 -10.78 8.75 -4.39
N TRP A 68 -11.82 8.01 -4.02
CA TRP A 68 -12.72 7.42 -5.00
C TRP A 68 -13.08 8.41 -6.10
N GLY A 69 -13.05 7.96 -7.34
CA GLY A 69 -13.37 8.83 -8.46
C GLY A 69 -12.77 8.35 -9.76
N ASN A 70 -11.97 9.20 -10.40
CA ASN A 70 -11.34 8.86 -11.66
C ASN A 70 -10.45 7.62 -11.51
N ARG A 71 -9.77 7.25 -12.58
CA ARG A 71 -8.90 6.07 -12.57
C ARG A 71 -7.52 6.44 -12.03
N LYS A 72 -7.47 7.49 -11.23
CA LYS A 72 -6.21 7.95 -10.64
C LYS A 72 -5.81 7.06 -9.47
N GLU A 73 -6.81 6.56 -8.75
CA GLU A 73 -6.56 5.69 -7.59
C GLU A 73 -5.77 4.46 -8.01
N LEU A 74 -5.88 4.08 -9.28
CA LEU A 74 -5.18 2.91 -9.80
C LEU A 74 -3.68 3.16 -9.83
N ALA A 75 -3.28 4.33 -10.32
CA ALA A 75 -1.87 4.68 -10.40
C ALA A 75 -1.27 4.86 -9.01
N THR A 76 -2.00 5.52 -8.12
CA THR A 76 -1.54 5.75 -6.77
C THR A 76 -1.37 4.45 -6.00
N VAL A 77 -2.29 3.51 -6.24
CA VAL A 77 -2.24 2.22 -5.58
C VAL A 77 -1.05 1.40 -6.05
N ARG A 78 -0.77 1.48 -7.36
CA ARG A 78 0.35 0.74 -7.94
C ARG A 78 1.67 1.20 -7.33
N THR A 79 1.85 2.51 -7.21
CA THR A 79 3.07 3.06 -6.64
C THR A 79 3.23 2.67 -5.18
N ILE A 80 2.18 2.91 -4.39
CA ILE A 80 2.21 2.57 -2.97
C ILE A 80 2.39 1.08 -2.76
N CYS A 81 1.63 0.28 -3.49
CA CYS A 81 1.71 -1.18 -3.38
C CYS A 81 3.15 -1.65 -3.59
N SER A 82 3.82 -1.07 -4.58
CA SER A 82 5.20 -1.44 -4.89
C SER A 82 6.14 -1.04 -3.75
N HIS A 83 5.85 0.11 -3.14
CA HIS A 83 6.67 0.61 -2.05
C HIS A 83 6.60 -0.32 -0.84
N VAL A 84 5.38 -0.66 -0.44
CA VAL A 84 5.17 -1.55 0.70
C VAL A 84 5.77 -2.93 0.45
N GLN A 85 5.45 -3.49 -0.73
CA GLN A 85 5.96 -4.80 -1.09
C GLN A 85 7.48 -4.81 -1.16
N ASN A 86 8.04 -3.74 -1.72
CA ASN A 86 9.49 -3.62 -1.84
C ASN A 86 10.16 -3.57 -0.46
N MET A 87 9.52 -2.87 0.47
CA MET A 87 10.04 -2.75 1.82
C MET A 87 10.10 -4.11 2.51
N ILE A 88 9.06 -4.90 2.34
CA ILE A 88 9.00 -6.23 2.94
C ILE A 88 10.11 -7.13 2.40
N LYS A 89 10.22 -7.19 1.07
CA LYS A 89 11.25 -8.00 0.43
C LYS A 89 12.64 -7.55 0.84
N GLY A 90 12.80 -6.25 1.06
CA GLY A 90 14.09 -5.72 1.46
C GLY A 90 14.44 -6.05 2.90
N VAL A 91 13.43 -6.03 3.77
CA VAL A 91 13.64 -6.34 5.17
C VAL A 91 13.60 -7.85 5.42
N THR A 92 13.22 -8.60 4.40
CA THR A 92 13.14 -10.05 4.50
C THR A 92 14.21 -10.72 3.65
N LEU A 93 14.77 -9.96 2.70
CA LEU A 93 15.80 -10.48 1.82
C LEU A 93 17.11 -9.72 2.00
N GLY A 94 17.07 -8.42 1.73
CA GLY A 94 18.27 -7.60 1.89
C GLY A 94 18.74 -7.02 0.57
N SER A 95 17.81 -6.52 -0.23
CA SER A 95 18.14 -5.95 -1.54
C SER A 95 16.95 -5.18 -2.10
N GLY A 96 17.16 -4.55 -3.26
CA GLY A 96 16.10 -3.79 -3.89
C GLY A 96 16.62 -2.86 -4.97
N PRO A 97 15.84 -1.81 -5.27
CA PRO A 97 16.21 -0.82 -6.28
C PRO A 97 17.37 0.06 -5.84
N SER A 98 17.79 -0.10 -4.59
CA SER A 98 18.89 0.69 -4.04
C SER A 98 18.56 2.18 -4.06
N SER A 99 17.41 2.52 -3.52
CA SER A 99 16.98 3.93 -3.48
C SER A 99 17.97 4.77 -2.70
N GLY A 100 17.87 6.09 -2.87
CA GLY A 100 18.76 7.00 -2.18
C GLY A 100 19.96 7.39 -3.02
N GLY A 1 -14.05 -10.20 -12.68
CA GLY A 1 -14.95 -9.52 -13.59
C GLY A 1 -14.88 -8.01 -13.46
N SER A 2 -15.66 -7.46 -12.54
CA SER A 2 -15.69 -6.03 -12.32
C SER A 2 -15.93 -5.28 -13.63
N SER A 3 -16.84 -5.80 -14.44
CA SER A 3 -17.16 -5.18 -15.72
C SER A 3 -18.34 -4.23 -15.59
N GLY A 4 -18.22 -3.05 -16.19
CA GLY A 4 -19.27 -2.07 -16.12
C GLY A 4 -19.12 -1.11 -14.97
N SER A 5 -18.66 0.11 -15.26
CA SER A 5 -18.45 1.12 -14.24
C SER A 5 -19.70 2.00 -14.09
N SER A 6 -19.66 2.90 -13.11
CA SER A 6 -20.77 3.80 -12.86
C SER A 6 -20.39 5.24 -13.18
N GLY A 7 -21.39 6.12 -13.15
CA GLY A 7 -21.13 7.53 -13.44
C GLY A 7 -20.41 8.23 -12.30
N MET A 8 -21.18 8.94 -11.48
CA MET A 8 -20.61 9.66 -10.34
C MET A 8 -21.08 9.06 -9.02
N LYS A 9 -20.81 7.77 -8.83
CA LYS A 9 -21.20 7.08 -7.61
C LYS A 9 -19.98 6.68 -6.80
N THR A 10 -20.17 6.50 -5.49
CA THR A 10 -19.08 6.11 -4.61
C THR A 10 -18.73 4.64 -4.77
N ILE A 11 -19.75 3.78 -4.74
CA ILE A 11 -19.56 2.35 -4.89
C ILE A 11 -18.43 2.05 -5.89
N LEU A 12 -17.32 1.54 -5.38
CA LEU A 12 -16.17 1.21 -6.22
C LEU A 12 -15.40 0.03 -5.66
N SER A 13 -14.30 -0.32 -6.30
CA SER A 13 -13.47 -1.43 -5.85
C SER A 13 -12.20 -0.94 -5.17
N ASN A 14 -11.77 -1.66 -4.15
CA ASN A 14 -10.57 -1.30 -3.41
C ASN A 14 -9.48 -2.36 -3.56
N GLN A 15 -8.25 -2.00 -3.23
CA GLN A 15 -7.13 -2.91 -3.33
C GLN A 15 -6.66 -3.36 -1.96
N THR A 16 -6.07 -4.55 -1.90
CA THR A 16 -5.56 -5.10 -0.64
C THR A 16 -4.14 -5.62 -0.79
N VAL A 17 -3.43 -5.72 0.33
CA VAL A 17 -2.06 -6.21 0.33
C VAL A 17 -1.91 -7.43 1.22
N ASP A 18 -1.00 -8.33 0.85
CA ASP A 18 -0.76 -9.53 1.62
C ASP A 18 0.60 -9.49 2.30
N ILE A 19 0.63 -9.82 3.59
CA ILE A 19 1.86 -9.80 4.36
C ILE A 19 2.15 -11.17 4.96
N PRO A 20 3.43 -11.58 4.92
CA PRO A 20 3.87 -12.88 5.45
C PRO A 20 3.81 -12.92 6.98
N GLU A 21 4.29 -14.02 7.55
CA GLU A 21 4.29 -14.18 9.00
C GLU A 21 5.67 -13.89 9.58
N ASN A 22 6.68 -13.85 8.71
CA ASN A 22 8.04 -13.58 9.14
C ASN A 22 8.34 -12.09 9.14
N VAL A 23 7.29 -11.28 8.98
CA VAL A 23 7.43 -9.83 8.96
C VAL A 23 6.29 -9.16 9.73
N ASP A 24 6.62 -8.06 10.40
CA ASP A 24 5.62 -7.32 11.17
C ASP A 24 5.47 -5.90 10.65
N ILE A 25 4.24 -5.50 10.33
CA ILE A 25 3.97 -4.18 9.82
C ILE A 25 3.00 -3.42 10.73
N THR A 26 3.43 -2.28 11.23
CA THR A 26 2.61 -1.46 12.11
C THR A 26 2.03 -0.26 11.37
N LEU A 27 0.71 -0.13 11.40
CA LEU A 27 0.03 0.97 10.74
C LEU A 27 -0.43 2.03 11.75
N LYS A 28 0.06 3.25 11.58
CA LYS A 28 -0.30 4.35 12.47
C LYS A 28 -0.86 5.52 11.68
N GLY A 29 -2.19 5.61 11.64
CA GLY A 29 -2.83 6.71 10.92
C GLY A 29 -2.52 6.68 9.43
N ARG A 30 -1.66 7.58 8.99
CA ARG A 30 -1.29 7.65 7.58
C ARG A 30 0.16 7.24 7.38
N THR A 31 0.71 6.53 8.36
CA THR A 31 2.10 6.07 8.29
C THR A 31 2.18 4.56 8.35
N VAL A 32 2.90 3.97 7.40
CA VAL A 32 3.05 2.51 7.36
C VAL A 32 4.47 2.10 7.77
N ILE A 33 4.56 1.35 8.87
CA ILE A 33 5.85 0.89 9.36
C ILE A 33 6.03 -0.60 9.09
N VAL A 34 7.19 -0.96 8.56
CA VAL A 34 7.50 -2.35 8.25
C VAL A 34 8.75 -2.81 9.00
N LYS A 35 8.67 -3.98 9.62
CA LYS A 35 9.79 -4.54 10.38
C LYS A 35 10.12 -5.95 9.88
N GLY A 36 11.38 -6.17 9.54
CA GLY A 36 11.80 -7.47 9.07
C GLY A 36 13.07 -7.95 9.75
N PRO A 37 13.35 -9.26 9.62
CA PRO A 37 14.53 -9.87 10.23
C PRO A 37 15.82 -9.43 9.55
N ARG A 38 15.70 -8.53 8.57
CA ARG A 38 16.86 -8.02 7.85
C ARG A 38 16.99 -6.52 8.01
N GLY A 39 15.97 -5.90 8.61
CA GLY A 39 15.98 -4.47 8.81
C GLY A 39 14.60 -3.90 9.03
N THR A 40 14.53 -2.59 9.27
CA THR A 40 13.25 -1.93 9.50
C THR A 40 13.05 -0.77 8.53
N LEU A 41 11.92 -0.79 7.83
CA LEU A 41 11.61 0.26 6.87
C LEU A 41 10.18 0.78 7.07
N ARG A 42 10.03 2.10 7.03
CA ARG A 42 8.73 2.72 7.21
C ARG A 42 8.53 3.86 6.21
N ARG A 43 7.27 4.13 5.88
CA ARG A 43 6.95 5.21 4.95
C ARG A 43 5.76 6.03 5.44
N ASP A 44 5.84 7.34 5.28
CA ASP A 44 4.79 8.24 5.71
C ASP A 44 4.08 8.87 4.51
N PHE A 45 2.76 8.73 4.46
CA PHE A 45 1.97 9.28 3.37
C PHE A 45 0.91 10.25 3.90
N ASN A 46 1.28 11.01 4.93
CA ASN A 46 0.37 11.99 5.52
C ASN A 46 0.10 13.13 4.56
N HIS A 47 1.15 13.68 3.98
CA HIS A 47 1.03 14.79 3.04
C HIS A 47 -0.02 14.49 1.98
N ILE A 48 -0.31 13.21 1.79
CA ILE A 48 -1.30 12.78 0.80
C ILE A 48 -2.62 12.41 1.48
N ASN A 49 -3.72 12.89 0.92
CA ASN A 49 -5.04 12.61 1.46
C ASN A 49 -5.70 11.44 0.73
N VAL A 50 -5.67 10.26 1.36
CA VAL A 50 -6.27 9.07 0.76
C VAL A 50 -7.02 8.26 1.81
N GLU A 51 -7.51 7.09 1.40
CA GLU A 51 -8.26 6.22 2.30
C GLU A 51 -7.52 4.90 2.52
N LEU A 52 -7.39 4.50 3.77
CA LEU A 52 -6.70 3.26 4.12
C LEU A 52 -7.41 2.53 5.24
N SER A 53 -7.26 1.21 5.29
CA SER A 53 -7.90 0.40 6.33
C SER A 53 -7.06 -0.83 6.63
N LEU A 54 -7.31 -1.44 7.79
CA LEU A 54 -6.59 -2.64 8.20
C LEU A 54 -7.47 -3.87 8.11
N LEU A 55 -6.90 -4.95 7.57
CA LEU A 55 -7.64 -6.20 7.42
C LEU A 55 -6.83 -7.37 7.97
N GLY A 56 -7.53 -8.41 8.43
CA GLY A 56 -6.87 -9.58 8.97
C GLY A 56 -7.72 -10.82 8.92
N LYS A 57 -7.43 -11.69 7.95
CA LYS A 57 -8.19 -12.92 7.79
C LYS A 57 -7.31 -14.14 8.05
N LYS A 58 -6.05 -14.06 7.64
CA LYS A 58 -5.10 -15.15 7.83
C LYS A 58 -3.96 -14.73 8.73
N LYS A 59 -3.25 -13.67 8.33
CA LYS A 59 -2.13 -13.17 9.10
C LYS A 59 -2.21 -11.65 9.25
N LYS A 60 -1.91 -10.94 8.17
CA LYS A 60 -1.95 -9.48 8.18
C LYS A 60 -2.05 -8.94 6.76
N ARG A 61 -3.09 -8.15 6.50
CA ARG A 61 -3.31 -7.56 5.18
C ARG A 61 -3.57 -6.06 5.30
N LEU A 62 -3.15 -5.32 4.27
CA LEU A 62 -3.33 -3.87 4.25
C LEU A 62 -4.31 -3.47 3.16
N ARG A 63 -5.30 -2.66 3.52
CA ARG A 63 -6.30 -2.20 2.57
C ARG A 63 -5.93 -0.82 2.02
N VAL A 64 -5.80 -0.74 0.69
CA VAL A 64 -5.45 0.51 0.04
C VAL A 64 -6.65 1.12 -0.70
N ASP A 65 -7.00 2.34 -0.33
CA ASP A 65 -8.14 3.02 -0.96
C ASP A 65 -7.75 4.44 -1.37
N LYS A 66 -8.35 4.92 -2.45
CA LYS A 66 -8.08 6.26 -2.94
C LYS A 66 -9.37 7.00 -3.28
N TRP A 67 -9.27 8.30 -3.53
CA TRP A 67 -10.43 9.11 -3.85
C TRP A 67 -11.39 8.36 -4.77
N TRP A 68 -12.60 8.13 -4.29
CA TRP A 68 -13.61 7.42 -5.08
C TRP A 68 -14.06 8.25 -6.27
N GLY A 69 -13.45 8.02 -7.42
CA GLY A 69 -13.81 8.76 -8.62
C GLY A 69 -13.32 8.09 -9.89
N ASN A 70 -12.32 8.69 -10.53
CA ASN A 70 -11.76 8.15 -11.76
C ASN A 70 -10.95 6.88 -11.47
N ARG A 71 -10.38 6.31 -12.53
CA ARG A 71 -9.58 5.10 -12.40
C ARG A 71 -8.14 5.44 -12.04
N LYS A 72 -7.95 6.57 -11.37
CA LYS A 72 -6.62 7.01 -10.97
C LYS A 72 -6.10 6.20 -9.78
N GLU A 73 -7.03 5.66 -9.00
CA GLU A 73 -6.67 4.86 -7.84
C GLU A 73 -5.81 3.67 -8.24
N LEU A 74 -5.97 3.21 -9.48
CA LEU A 74 -5.21 2.08 -9.98
C LEU A 74 -3.72 2.38 -9.96
N ALA A 75 -3.34 3.53 -10.51
CA ALA A 75 -1.94 3.93 -10.55
C ALA A 75 -1.42 4.27 -9.15
N THR A 76 -2.24 4.98 -8.39
CA THR A 76 -1.87 5.37 -7.03
C THR A 76 -1.60 4.14 -6.16
N VAL A 77 -2.45 3.13 -6.29
CA VAL A 77 -2.30 1.90 -5.52
C VAL A 77 -1.05 1.13 -5.94
N ARG A 78 -0.80 1.13 -7.24
CA ARG A 78 0.37 0.43 -7.79
C ARG A 78 1.66 0.99 -7.19
N THR A 79 1.71 2.30 -7.03
CA THR A 79 2.89 2.96 -6.47
C THR A 79 3.05 2.65 -4.99
N ILE A 80 1.97 2.86 -4.24
CA ILE A 80 1.99 2.60 -2.80
C ILE A 80 2.27 1.13 -2.51
N CYS A 81 1.59 0.25 -3.21
CA CYS A 81 1.78 -1.19 -3.03
C CYS A 81 3.23 -1.59 -3.30
N SER A 82 3.81 -1.00 -4.35
CA SER A 82 5.18 -1.31 -4.72
C SER A 82 6.15 -0.91 -3.61
N HIS A 83 5.88 0.23 -2.98
CA HIS A 83 6.72 0.72 -1.89
C HIS A 83 6.68 -0.24 -0.70
N VAL A 84 5.47 -0.58 -0.28
CA VAL A 84 5.30 -1.50 0.86
C VAL A 84 5.93 -2.85 0.57
N GLN A 85 5.63 -3.41 -0.59
CA GLN A 85 6.16 -4.70 -0.99
C GLN A 85 7.69 -4.66 -1.06
N ASN A 86 8.21 -3.58 -1.65
CA ASN A 86 9.66 -3.41 -1.79
C ASN A 86 10.34 -3.41 -0.43
N MET A 87 9.66 -2.86 0.57
CA MET A 87 10.20 -2.80 1.92
C MET A 87 10.27 -4.19 2.55
N ILE A 88 9.21 -4.97 2.37
CA ILE A 88 9.15 -6.32 2.92
C ILE A 88 10.28 -7.18 2.36
N LYS A 89 10.47 -7.13 1.05
CA LYS A 89 11.51 -7.91 0.39
C LYS A 89 12.89 -7.47 0.88
N GLY A 90 13.08 -6.16 0.99
CA GLY A 90 14.36 -5.63 1.44
C GLY A 90 14.66 -5.99 2.89
N VAL A 91 13.63 -6.05 3.71
CA VAL A 91 13.78 -6.38 5.12
C VAL A 91 13.72 -7.89 5.34
N THR A 92 13.35 -8.62 4.29
CA THR A 92 13.24 -10.07 4.36
C THR A 92 14.33 -10.74 3.53
N LEU A 93 14.94 -9.97 2.64
CA LEU A 93 16.00 -10.48 1.77
C LEU A 93 17.32 -9.77 2.04
N GLY A 94 17.25 -8.46 2.25
CA GLY A 94 18.44 -7.69 2.52
C GLY A 94 18.75 -6.68 1.42
N SER A 95 19.78 -5.88 1.63
CA SER A 95 20.17 -4.86 0.65
C SER A 95 20.94 -5.49 -0.50
N GLY A 96 20.23 -5.85 -1.57
CA GLY A 96 20.87 -6.46 -2.72
C GLY A 96 19.91 -6.66 -3.86
N PRO A 97 19.70 -5.60 -4.67
CA PRO A 97 18.80 -5.65 -5.83
C PRO A 97 19.34 -6.53 -6.96
N SER A 98 18.78 -7.73 -7.08
CA SER A 98 19.21 -8.66 -8.12
C SER A 98 18.04 -9.07 -9.00
N SER A 99 16.88 -9.30 -8.38
CA SER A 99 15.69 -9.70 -9.10
C SER A 99 14.45 -9.59 -8.21
N GLY A 100 13.29 -9.89 -8.79
CA GLY A 100 12.05 -9.82 -8.04
C GLY A 100 12.03 -8.64 -7.08
N GLY A 1 -20.11 -6.71 -8.67
CA GLY A 1 -18.96 -5.95 -9.13
C GLY A 1 -19.20 -5.35 -10.51
N SER A 2 -20.18 -4.46 -10.61
CA SER A 2 -20.51 -3.81 -11.87
C SER A 2 -21.11 -2.43 -11.64
N SER A 3 -20.70 -1.47 -12.47
CA SER A 3 -21.20 -0.10 -12.35
C SER A 3 -21.40 0.52 -13.73
N GLY A 4 -22.03 1.68 -13.75
CA GLY A 4 -22.28 2.37 -15.01
C GLY A 4 -21.03 3.06 -15.54
N SER A 5 -20.58 2.62 -16.70
CA SER A 5 -19.39 3.19 -17.33
C SER A 5 -19.74 4.44 -18.13
N SER A 6 -20.60 5.27 -17.57
CA SER A 6 -21.03 6.50 -18.23
C SER A 6 -21.48 7.55 -17.22
N GLY A 7 -21.62 8.79 -17.67
CA GLY A 7 -22.04 9.86 -16.79
C GLY A 7 -21.04 10.13 -15.69
N MET A 8 -21.35 9.67 -14.48
CA MET A 8 -20.47 9.87 -13.34
C MET A 8 -20.69 8.79 -12.28
N LYS A 9 -19.68 8.57 -11.44
CA LYS A 9 -19.77 7.57 -10.38
C LYS A 9 -18.53 7.62 -9.49
N THR A 10 -18.71 7.24 -8.23
CA THR A 10 -17.61 7.24 -7.27
C THR A 10 -16.76 5.98 -7.42
N ILE A 11 -16.52 5.58 -8.66
CA ILE A 11 -15.71 4.40 -8.95
C ILE A 11 -14.45 4.37 -8.08
N LEU A 12 -14.39 3.42 -7.15
CA LEU A 12 -13.25 3.28 -6.27
C LEU A 12 -12.46 2.01 -6.58
N SER A 13 -11.13 2.14 -6.63
CA SER A 13 -10.27 1.00 -6.92
C SER A 13 -9.26 0.79 -5.80
N ASN A 14 -9.65 0.00 -4.79
CA ASN A 14 -8.78 -0.28 -3.66
C ASN A 14 -8.11 -1.64 -3.81
N GLN A 15 -6.90 -1.77 -3.28
CA GLN A 15 -6.17 -3.02 -3.35
C GLN A 15 -5.77 -3.50 -1.96
N THR A 16 -5.56 -4.81 -1.82
CA THR A 16 -5.18 -5.39 -0.55
C THR A 16 -3.79 -6.02 -0.62
N VAL A 17 -3.04 -5.91 0.47
CA VAL A 17 -1.69 -6.47 0.52
C VAL A 17 -1.63 -7.67 1.46
N ASP A 18 -0.75 -8.62 1.14
CA ASP A 18 -0.60 -9.82 1.96
C ASP A 18 0.75 -9.81 2.68
N ILE A 19 0.70 -10.00 4.00
CA ILE A 19 1.91 -10.02 4.81
C ILE A 19 2.18 -11.41 5.38
N PRO A 20 3.44 -11.84 5.30
CA PRO A 20 3.86 -13.16 5.80
C PRO A 20 3.81 -13.24 7.32
N GLU A 21 4.42 -14.29 7.88
CA GLU A 21 4.45 -14.48 9.32
C GLU A 21 5.81 -14.09 9.89
N ASN A 22 6.85 -14.15 9.05
CA ASN A 22 8.19 -13.81 9.47
C ASN A 22 8.42 -12.30 9.39
N VAL A 23 7.33 -11.55 9.25
CA VAL A 23 7.42 -10.10 9.15
C VAL A 23 6.32 -9.44 9.98
N ASP A 24 6.60 -8.23 10.46
CA ASP A 24 5.63 -7.49 11.26
C ASP A 24 5.45 -6.07 10.72
N ILE A 25 4.21 -5.59 10.73
CA ILE A 25 3.90 -4.26 10.24
C ILE A 25 3.07 -3.48 11.25
N THR A 26 3.37 -2.20 11.41
CA THR A 26 2.64 -1.34 12.34
C THR A 26 2.06 -0.13 11.64
N LEU A 27 0.74 0.02 11.72
CA LEU A 27 0.06 1.14 11.09
C LEU A 27 -0.27 2.23 12.12
N LYS A 28 0.15 3.45 11.82
CA LYS A 28 -0.10 4.58 12.71
C LYS A 28 -0.73 5.74 11.96
N GLY A 29 -2.05 5.89 12.09
CA GLY A 29 -2.76 6.97 11.43
C GLY A 29 -2.58 6.91 9.92
N ARG A 30 -1.60 7.66 9.42
CA ARG A 30 -1.33 7.71 7.98
C ARG A 30 0.11 7.30 7.68
N THR A 31 0.73 6.59 8.63
CA THR A 31 2.10 6.14 8.48
C THR A 31 2.19 4.62 8.54
N VAL A 32 2.85 4.03 7.54
CA VAL A 32 3.02 2.59 7.48
C VAL A 32 4.43 2.18 7.87
N ILE A 33 4.54 1.38 8.93
CA ILE A 33 5.84 0.91 9.41
C ILE A 33 6.03 -0.57 9.11
N VAL A 34 7.18 -0.92 8.55
CA VAL A 34 7.49 -2.30 8.23
C VAL A 34 8.72 -2.79 8.98
N LYS A 35 8.63 -3.97 9.58
CA LYS A 35 9.72 -4.55 10.33
C LYS A 35 10.05 -5.96 9.84
N GLY A 36 11.31 -6.17 9.44
CA GLY A 36 11.72 -7.47 8.96
C GLY A 36 12.98 -7.97 9.64
N PRO A 37 13.25 -9.28 9.50
CA PRO A 37 14.42 -9.91 10.10
C PRO A 37 15.72 -9.47 9.44
N ARG A 38 15.61 -8.62 8.43
CA ARG A 38 16.77 -8.13 7.70
C ARG A 38 16.92 -6.62 7.88
N GLY A 39 15.91 -6.00 8.50
CA GLY A 39 15.95 -4.56 8.71
C GLY A 39 14.57 -3.98 8.94
N THR A 40 14.52 -2.67 9.18
CA THR A 40 13.25 -2.00 9.42
C THR A 40 13.08 -0.81 8.48
N LEU A 41 11.93 -0.75 7.82
CA LEU A 41 11.64 0.33 6.88
C LEU A 41 10.25 0.92 7.14
N ARG A 42 10.16 2.24 7.12
CA ARG A 42 8.90 2.93 7.35
C ARG A 42 8.67 4.02 6.31
N ARG A 43 7.40 4.39 6.12
CA ARG A 43 7.05 5.41 5.15
C ARG A 43 5.84 6.20 5.61
N ASP A 44 5.74 7.46 5.18
CA ASP A 44 4.63 8.31 5.54
C ASP A 44 3.82 8.73 4.31
N PHE A 45 2.50 8.64 4.40
CA PHE A 45 1.63 9.00 3.30
C PHE A 45 0.57 9.99 3.75
N ASN A 46 0.95 10.92 4.62
CA ASN A 46 0.03 11.92 5.13
C ASN A 46 -0.24 13.00 4.09
N HIS A 47 0.79 13.71 3.69
CA HIS A 47 0.67 14.76 2.69
C HIS A 47 -0.37 14.40 1.63
N ILE A 48 -0.47 13.11 1.34
CA ILE A 48 -1.42 12.62 0.35
C ILE A 48 -2.75 12.27 1.00
N ASN A 49 -3.84 12.72 0.38
CA ASN A 49 -5.18 12.47 0.91
C ASN A 49 -5.76 11.18 0.31
N VAL A 50 -5.89 10.16 1.15
CA VAL A 50 -6.41 8.87 0.71
C VAL A 50 -7.08 8.13 1.87
N GLU A 51 -7.60 6.94 1.57
CA GLU A 51 -8.26 6.13 2.59
C GLU A 51 -7.50 4.82 2.83
N LEU A 52 -7.32 4.48 4.09
CA LEU A 52 -6.61 3.25 4.45
C LEU A 52 -7.34 2.50 5.55
N SER A 53 -7.18 1.18 5.58
CA SER A 53 -7.83 0.34 6.58
C SER A 53 -6.99 -0.89 6.87
N LEU A 54 -7.33 -1.59 7.95
CA LEU A 54 -6.62 -2.79 8.35
C LEU A 54 -7.49 -4.03 8.17
N LEU A 55 -6.92 -5.07 7.58
CA LEU A 55 -7.65 -6.32 7.35
C LEU A 55 -6.86 -7.52 7.88
N GLY A 56 -7.58 -8.49 8.43
CA GLY A 56 -6.94 -9.67 8.97
C GLY A 56 -7.89 -10.83 9.13
N LYS A 57 -8.66 -11.12 8.08
CA LYS A 57 -9.62 -12.21 8.09
C LYS A 57 -8.92 -13.56 8.07
N LYS A 58 -7.69 -13.58 7.53
CA LYS A 58 -6.91 -14.80 7.45
C LYS A 58 -5.47 -14.56 7.89
N LYS A 59 -4.94 -13.40 7.53
CA LYS A 59 -3.57 -13.04 7.89
C LYS A 59 -3.36 -11.53 7.82
N LYS A 60 -2.18 -11.08 8.22
CA LYS A 60 -1.86 -9.66 8.19
C LYS A 60 -1.98 -9.09 6.78
N ARG A 61 -3.04 -8.32 6.56
CA ARG A 61 -3.28 -7.72 5.25
C ARG A 61 -3.56 -6.22 5.38
N LEU A 62 -3.13 -5.46 4.38
CA LEU A 62 -3.34 -4.01 4.38
C LEU A 62 -4.31 -3.60 3.28
N ARG A 63 -5.22 -2.69 3.62
CA ARG A 63 -6.21 -2.22 2.66
C ARG A 63 -5.85 -0.81 2.17
N VAL A 64 -5.60 -0.69 0.87
CA VAL A 64 -5.24 0.59 0.28
C VAL A 64 -6.40 1.16 -0.52
N ASP A 65 -6.86 2.34 -0.14
CA ASP A 65 -7.97 3.00 -0.82
C ASP A 65 -7.63 4.46 -1.14
N LYS A 66 -7.99 4.90 -2.32
CA LYS A 66 -7.73 6.27 -2.74
C LYS A 66 -9.03 7.06 -2.89
N TRP A 67 -8.90 8.37 -3.06
CA TRP A 67 -10.06 9.24 -3.21
C TRP A 67 -10.97 8.75 -4.34
N TRP A 68 -12.04 8.07 -3.98
CA TRP A 68 -12.99 7.55 -4.97
C TRP A 68 -13.31 8.61 -6.01
N GLY A 69 -12.85 8.39 -7.24
CA GLY A 69 -13.10 9.34 -8.31
C GLY A 69 -12.53 8.88 -9.63
N ASN A 70 -11.73 9.73 -10.26
CA ASN A 70 -11.12 9.41 -11.55
C ASN A 70 -10.36 8.09 -11.47
N ARG A 71 -9.84 7.64 -12.61
CA ARG A 71 -9.08 6.39 -12.67
C ARG A 71 -7.63 6.62 -12.30
N LYS A 72 -7.39 7.61 -11.44
CA LYS A 72 -6.04 7.93 -10.99
C LYS A 72 -5.58 6.96 -9.90
N GLU A 73 -6.55 6.38 -9.20
CA GLU A 73 -6.25 5.43 -8.13
C GLU A 73 -5.39 4.28 -8.65
N LEU A 74 -5.48 4.02 -9.94
CA LEU A 74 -4.72 2.94 -10.57
C LEU A 74 -3.22 3.20 -10.45
N ALA A 75 -2.80 4.40 -10.83
CA ALA A 75 -1.39 4.78 -10.77
C ALA A 75 -0.93 4.91 -9.31
N THR A 76 -1.75 5.54 -8.50
CA THR A 76 -1.43 5.73 -7.08
C THR A 76 -1.33 4.40 -6.35
N VAL A 77 -2.26 3.49 -6.66
CA VAL A 77 -2.28 2.18 -6.03
C VAL A 77 -1.02 1.39 -6.36
N ARG A 78 -0.64 1.40 -7.64
CA ARG A 78 0.55 0.69 -8.09
C ARG A 78 1.81 1.24 -7.42
N THR A 79 1.83 2.55 -7.21
CA THR A 79 2.96 3.20 -6.58
C THR A 79 3.06 2.84 -5.10
N ILE A 80 1.95 2.98 -4.39
CA ILE A 80 1.90 2.66 -2.96
C ILE A 80 2.14 1.18 -2.72
N CYS A 81 1.43 0.34 -3.48
CA CYS A 81 1.58 -1.10 -3.35
C CYS A 81 3.02 -1.53 -3.58
N SER A 82 3.63 -0.97 -4.62
CA SER A 82 5.01 -1.30 -4.95
C SER A 82 5.96 -0.95 -3.80
N HIS A 83 5.74 0.20 -3.19
CA HIS A 83 6.56 0.66 -2.08
C HIS A 83 6.47 -0.32 -0.91
N VAL A 84 5.25 -0.66 -0.52
CA VAL A 84 5.03 -1.58 0.59
C VAL A 84 5.63 -2.96 0.28
N GLN A 85 5.33 -3.48 -0.90
CA GLN A 85 5.85 -4.79 -1.30
C GLN A 85 7.37 -4.77 -1.35
N ASN A 86 7.94 -3.69 -1.87
CA ASN A 86 9.39 -3.56 -1.97
C ASN A 86 10.03 -3.53 -0.59
N MET A 87 9.34 -2.90 0.36
CA MET A 87 9.84 -2.80 1.73
C MET A 87 9.97 -4.18 2.36
N ILE A 88 8.91 -4.98 2.26
CA ILE A 88 8.90 -6.31 2.83
C ILE A 88 10.04 -7.16 2.26
N LYS A 89 10.15 -7.17 0.94
CA LYS A 89 11.19 -7.94 0.27
C LYS A 89 12.58 -7.44 0.67
N GLY A 90 12.70 -6.14 0.91
CA GLY A 90 13.96 -5.57 1.31
C GLY A 90 14.33 -5.90 2.74
N VAL A 91 13.32 -6.05 3.59
CA VAL A 91 13.54 -6.37 4.99
C VAL A 91 13.49 -7.88 5.22
N THR A 92 13.14 -8.62 4.17
CA THR A 92 13.06 -10.08 4.26
C THR A 92 14.15 -10.74 3.42
N LEU A 93 14.71 -9.99 2.49
CA LEU A 93 15.77 -10.50 1.62
C LEU A 93 17.10 -9.83 1.93
N GLY A 94 17.08 -8.51 2.05
CA GLY A 94 18.30 -7.77 2.35
C GLY A 94 18.50 -6.59 1.42
N SER A 95 17.75 -5.52 1.66
CA SER A 95 17.83 -4.33 0.82
C SER A 95 19.24 -3.71 0.91
N GLY A 96 19.48 -2.69 0.10
CA GLY A 96 20.77 -2.04 0.10
C GLY A 96 20.75 -0.70 -0.60
N PRO A 97 21.93 -0.09 -0.78
CA PRO A 97 22.06 1.21 -1.43
C PRO A 97 21.77 1.15 -2.93
N SER A 98 21.79 -0.07 -3.47
CA SER A 98 21.53 -0.27 -4.89
C SER A 98 20.06 -0.61 -5.13
N SER A 99 19.52 -0.12 -6.24
CA SER A 99 18.13 -0.37 -6.59
C SER A 99 17.72 -1.79 -6.24
N GLY A 100 16.42 -2.00 -6.02
CA GLY A 100 15.93 -3.32 -5.68
C GLY A 100 16.76 -3.98 -4.61
#